data_2K4J
#
_entry.id   2K4J
#
_cell.length_a   1.000
_cell.length_b   1.000
_cell.length_c   1.000
_cell.angle_alpha   90.00
_cell.angle_beta   90.00
_cell.angle_gamma   90.00
#
_symmetry.space_group_name_H-M   'P 1'
#
_entity_poly.entity_id   1
_entity_poly.type   'polypeptide(L)'
_entity_poly.pdbx_seq_one_letter_code
;MRGSHHHHHHGSEEVSEPGDANIFRVDKDSREVYMHEKKLDLTRAEYEILSLLISKKGYVFSRESIAIESESINPESSNK
SIDVIIGRLRSKIEKNPKQPQYIISVRGIGYKLEY
;
_entity_poly.pdbx_strand_id   A
#
# COMPACT_ATOMS: atom_id res chain seq x y z
N GLY A 11 -22.61 -13.28 -23.43
CA GLY A 11 -21.87 -12.74 -22.28
C GLY A 11 -20.83 -13.72 -21.75
N SER A 12 -19.72 -13.21 -21.21
CA SER A 12 -18.61 -14.00 -20.63
C SER A 12 -17.71 -13.15 -19.72
N GLU A 13 -16.87 -13.81 -18.90
CA GLU A 13 -16.01 -13.17 -17.90
C GLU A 13 -14.65 -12.74 -18.48
N GLU A 14 -14.06 -11.70 -17.88
CA GLU A 14 -12.75 -11.15 -18.23
C GLU A 14 -11.58 -12.13 -17.99
N VAL A 15 -10.45 -11.94 -18.69
CA VAL A 15 -9.22 -12.75 -18.53
C VAL A 15 -8.36 -12.37 -17.31
N SER A 16 -8.80 -11.38 -16.52
CA SER A 16 -8.00 -10.69 -15.50
C SER A 16 -8.87 -10.13 -14.35
N GLU A 17 -9.84 -10.93 -13.89
CA GLU A 17 -10.83 -10.53 -12.86
C GLU A 17 -10.18 -10.10 -11.53
N PRO A 18 -10.73 -9.07 -10.84
CA PRO A 18 -10.28 -8.65 -9.52
C PRO A 18 -10.64 -9.67 -8.43
N GLY A 19 -10.02 -9.53 -7.26
CA GLY A 19 -10.32 -10.29 -6.03
C GLY A 19 -10.38 -9.37 -4.81
N ASP A 20 -10.73 -9.90 -3.65
CA ASP A 20 -10.91 -9.10 -2.43
C ASP A 20 -10.83 -9.90 -1.12
N ALA A 21 -10.68 -9.16 -0.01
CA ALA A 21 -10.72 -9.67 1.36
C ALA A 21 -11.13 -8.55 2.34
N ASN A 22 -12.25 -8.75 3.04
CA ASN A 22 -12.75 -7.91 4.14
C ASN A 22 -12.83 -6.40 3.79
N ILE A 23 -11.81 -5.61 4.18
CA ILE A 23 -11.77 -4.13 4.07
C ILE A 23 -11.11 -3.65 2.76
N PHE A 24 -10.49 -4.55 1.98
CA PHE A 24 -9.64 -4.20 0.83
C PHE A 24 -9.84 -5.16 -0.36
N ARG A 25 -9.47 -4.68 -1.56
CA ARG A 25 -9.67 -5.37 -2.84
C ARG A 25 -8.37 -5.30 -3.67
N VAL A 26 -8.07 -6.32 -4.47
CA VAL A 26 -6.99 -6.30 -5.47
C VAL A 26 -7.57 -6.20 -6.90
N ASP A 27 -7.01 -5.31 -7.71
CA ASP A 27 -7.25 -5.24 -9.15
C ASP A 27 -6.03 -5.75 -9.94
N LYS A 28 -6.20 -6.84 -10.70
CA LYS A 28 -5.10 -7.52 -11.40
C LYS A 28 -4.74 -6.87 -12.75
N ASP A 29 -5.67 -6.17 -13.40
CA ASP A 29 -5.51 -5.58 -14.73
C ASP A 29 -4.61 -4.34 -14.68
N SER A 30 -4.93 -3.39 -13.80
CA SER A 30 -4.14 -2.19 -13.54
C SER A 30 -3.05 -2.41 -12.49
N ARG A 31 -3.13 -3.48 -11.68
CA ARG A 31 -2.12 -3.95 -10.70
C ARG A 31 -2.13 -3.08 -9.43
N GLU A 32 -3.31 -2.91 -8.83
CA GLU A 32 -3.64 -1.90 -7.82
C GLU A 32 -4.37 -2.50 -6.59
N VAL A 33 -4.53 -1.75 -5.50
CA VAL A 33 -5.25 -2.18 -4.27
C VAL A 33 -6.22 -1.10 -3.77
N TYR A 34 -7.49 -1.45 -3.57
CA TYR A 34 -8.54 -0.51 -3.16
C TYR A 34 -8.95 -0.77 -1.71
N MET A 35 -8.75 0.20 -0.82
CA MET A 35 -9.24 0.19 0.55
C MET A 35 -10.66 0.77 0.61
N HIS A 36 -11.44 0.41 1.62
CA HIS A 36 -12.78 0.97 1.89
C HIS A 36 -12.83 2.53 1.91
N GLU A 37 -11.71 3.18 2.25
CA GLU A 37 -11.56 4.64 2.24
C GLU A 37 -11.09 5.20 0.89
N LYS A 38 -10.30 4.45 0.10
CA LYS A 38 -9.44 5.02 -0.96
C LYS A 38 -8.73 4.02 -1.90
N LYS A 39 -8.49 4.44 -3.15
CA LYS A 39 -7.73 3.69 -4.16
C LYS A 39 -6.21 3.96 -4.04
N LEU A 40 -5.40 2.90 -4.05
CA LEU A 40 -3.93 2.92 -3.92
C LEU A 40 -3.31 2.00 -4.97
N ASP A 41 -2.14 2.37 -5.48
CA ASP A 41 -1.73 1.93 -6.82
C ASP A 41 -0.22 2.14 -7.11
N LEU A 42 0.61 1.46 -6.32
CA LEU A 42 2.07 1.35 -6.52
C LEU A 42 2.36 0.20 -7.51
N THR A 43 2.87 -0.93 -7.01
CA THR A 43 3.30 -2.13 -7.73
C THR A 43 3.04 -3.33 -6.82
N ARG A 44 3.07 -4.55 -7.37
CA ARG A 44 2.61 -5.77 -6.70
C ARG A 44 3.16 -5.96 -5.28
N ALA A 45 4.45 -5.66 -5.06
CA ALA A 45 5.08 -5.77 -3.75
C ALA A 45 4.49 -4.75 -2.74
N GLU A 46 4.26 -3.50 -3.15
CA GLU A 46 3.74 -2.45 -2.28
C GLU A 46 2.26 -2.71 -1.94
N TYR A 47 1.52 -3.16 -2.96
CA TYR A 47 0.23 -3.83 -2.76
C TYR A 47 0.31 -4.93 -1.69
N GLU A 48 1.23 -5.90 -1.81
CA GLU A 48 1.36 -7.00 -0.86
C GLU A 48 1.50 -6.50 0.58
N ILE A 49 2.35 -5.47 0.80
CA ILE A 49 2.52 -4.89 2.14
C ILE A 49 1.23 -4.25 2.65
N LEU A 50 0.59 -3.39 1.85
CA LEU A 50 -0.57 -2.63 2.30
C LEU A 50 -1.81 -3.54 2.48
N SER A 51 -1.97 -4.53 1.62
CA SER A 51 -2.88 -5.68 1.79
C SER A 51 -2.67 -6.38 3.14
N LEU A 52 -1.44 -6.80 3.46
CA LEU A 52 -1.13 -7.38 4.77
C LEU A 52 -1.40 -6.38 5.91
N LEU A 53 -1.09 -5.10 5.73
CA LEU A 53 -1.29 -4.05 6.73
C LEU A 53 -2.75 -3.93 7.14
N ILE A 54 -3.69 -3.90 6.19
CA ILE A 54 -5.12 -3.89 6.53
C ILE A 54 -5.57 -5.25 7.07
N SER A 55 -5.00 -6.36 6.58
CA SER A 55 -5.29 -7.70 7.12
C SER A 55 -4.89 -7.87 8.62
N LYS A 56 -3.71 -7.39 9.05
CA LYS A 56 -3.33 -7.32 10.48
C LYS A 56 -4.05 -6.16 11.21
N LYS A 57 -3.67 -4.92 10.90
CA LYS A 57 -4.05 -3.63 11.52
C LYS A 57 -3.14 -2.47 11.05
N GLY A 58 -3.69 -1.24 11.05
CA GLY A 58 -3.05 -0.04 10.50
C GLY A 58 -1.67 0.23 11.09
N TYR A 59 -1.55 0.29 12.43
CA TYR A 59 -0.29 0.30 13.18
C TYR A 59 0.57 1.50 12.77
N VAL A 60 1.89 1.40 12.93
CA VAL A 60 2.86 2.27 12.25
C VAL A 60 3.59 1.44 11.20
N PHE A 61 3.41 1.84 9.95
CA PHE A 61 3.92 1.20 8.75
C PHE A 61 5.38 1.66 8.55
N SER A 62 6.34 0.76 8.78
CA SER A 62 7.75 1.11 9.06
C SER A 62 8.73 0.42 8.11
N ARG A 63 9.87 1.06 7.80
CA ARG A 63 10.95 0.53 6.92
C ARG A 63 11.26 -0.98 7.11
N GLU A 64 11.56 -1.44 8.32
CA GLU A 64 11.77 -2.86 8.64
C GLU A 64 10.56 -3.76 8.32
N SER A 65 9.39 -3.46 8.88
CA SER A 65 8.14 -4.21 8.63
C SER A 65 7.79 -4.25 7.12
N ILE A 66 7.97 -3.11 6.44
CA ILE A 66 7.89 -2.96 4.97
C ILE A 66 8.83 -3.92 4.23
N ALA A 67 10.10 -3.98 4.65
CA ALA A 67 11.11 -4.90 4.13
C ALA A 67 10.75 -6.36 4.40
N ILE A 68 10.03 -6.64 5.48
CA ILE A 68 9.59 -8.00 5.83
C ILE A 68 8.41 -8.43 4.94
N GLU A 69 7.48 -7.53 4.61
CA GLU A 69 6.29 -7.89 3.80
C GLU A 69 6.42 -7.66 2.27
N SER A 70 7.10 -6.61 1.76
CA SER A 70 7.33 -6.47 0.29
C SER A 70 8.54 -7.33 -0.13
N GLU A 71 9.73 -7.05 0.43
CA GLU A 71 10.89 -7.94 0.49
C GLU A 71 11.59 -8.22 -0.86
N SER A 72 11.14 -7.59 -1.96
CA SER A 72 11.83 -7.63 -3.27
C SER A 72 13.08 -6.71 -3.33
N ILE A 73 13.40 -6.03 -2.22
CA ILE A 73 14.43 -4.98 -2.07
C ILE A 73 15.70 -5.57 -1.45
N ASN A 74 16.88 -5.17 -1.96
CA ASN A 74 18.18 -5.73 -1.51
C ASN A 74 18.55 -5.35 -0.04
N PRO A 75 18.64 -4.05 0.34
CA PRO A 75 18.90 -3.65 1.74
C PRO A 75 17.68 -3.89 2.64
N GLU A 76 17.84 -4.73 3.66
CA GLU A 76 16.80 -5.06 4.64
C GLU A 76 16.47 -3.90 5.62
N SER A 77 17.31 -2.87 5.66
CA SER A 77 17.04 -1.62 6.39
C SER A 77 16.05 -0.70 5.65
N SER A 78 15.84 -0.90 4.34
CA SER A 78 14.71 -0.39 3.54
C SER A 78 14.59 1.14 3.41
N ASN A 79 15.66 1.88 3.70
CA ASN A 79 15.68 3.35 3.62
C ASN A 79 15.30 3.90 2.22
N LYS A 80 15.59 3.15 1.15
CA LYS A 80 15.18 3.50 -0.22
C LYS A 80 13.82 2.92 -0.62
N SER A 81 13.39 1.78 -0.05
CA SER A 81 12.02 1.30 -0.30
C SER A 81 11.01 2.25 0.33
N ILE A 82 11.17 2.64 1.59
CA ILE A 82 10.21 3.57 2.24
C ILE A 82 10.13 4.91 1.52
N ASP A 83 11.28 5.39 1.05
CA ASP A 83 11.40 6.60 0.23
C ASP A 83 10.64 6.48 -1.11
N VAL A 84 10.83 5.37 -1.85
CA VAL A 84 10.01 5.08 -3.06
C VAL A 84 8.53 4.98 -2.71
N ILE A 85 8.18 4.26 -1.64
CA ILE A 85 6.80 3.93 -1.29
C ILE A 85 6.06 5.22 -0.88
N ILE A 86 6.62 6.01 0.05
CA ILE A 86 6.08 7.33 0.42
C ILE A 86 5.98 8.25 -0.79
N GLY A 87 7.02 8.31 -1.62
CA GLY A 87 7.06 9.18 -2.81
C GLY A 87 5.96 8.83 -3.79
N ARG A 88 5.84 7.55 -4.18
CA ARG A 88 4.84 7.08 -5.14
C ARG A 88 3.42 7.09 -4.56
N LEU A 89 3.22 6.81 -3.27
CA LEU A 89 1.92 6.96 -2.60
C LEU A 89 1.45 8.41 -2.72
N ARG A 90 2.31 9.36 -2.30
CA ARG A 90 2.06 10.81 -2.42
C ARG A 90 1.74 11.18 -3.86
N SER A 91 2.57 10.75 -4.81
CA SER A 91 2.36 11.05 -6.24
C SER A 91 1.01 10.54 -6.75
N LYS A 92 0.63 9.30 -6.47
CA LYS A 92 -0.70 8.81 -6.88
C LYS A 92 -1.84 9.60 -6.22
N ILE A 93 -1.79 9.87 -4.91
CA ILE A 93 -2.89 10.58 -4.21
C ILE A 93 -2.89 12.11 -4.40
N GLU A 94 -1.83 12.66 -5.00
CA GLU A 94 -1.76 14.06 -5.45
C GLU A 94 -2.29 14.20 -6.89
N LYS A 95 -1.94 13.28 -7.81
CA LYS A 95 -2.38 13.30 -9.21
C LYS A 95 -3.87 12.93 -9.36
N ASN A 96 -4.32 11.88 -8.68
CA ASN A 96 -5.75 11.54 -8.55
C ASN A 96 -6.44 12.41 -7.47
N PRO A 97 -7.77 12.65 -7.55
CA PRO A 97 -8.49 13.45 -6.57
C PRO A 97 -8.64 12.75 -5.21
N LYS A 98 -8.58 11.41 -5.18
CA LYS A 98 -8.64 10.63 -3.94
C LYS A 98 -7.37 10.85 -3.06
N GLN A 99 -7.56 11.25 -1.80
CA GLN A 99 -6.51 11.64 -0.85
C GLN A 99 -6.76 11.01 0.54
N PRO A 100 -5.71 10.80 1.38
CA PRO A 100 -5.83 10.17 2.69
C PRO A 100 -6.39 11.14 3.74
N GLN A 101 -6.93 10.55 4.82
CA GLN A 101 -7.29 11.26 6.04
C GLN A 101 -6.95 10.46 7.31
N TYR A 102 -6.97 9.11 7.27
CA TYR A 102 -6.56 8.28 8.43
C TYR A 102 -5.08 7.82 8.40
N ILE A 103 -4.32 8.13 7.34
CA ILE A 103 -2.86 7.94 7.34
C ILE A 103 -2.18 9.24 7.84
N ILE A 104 -1.24 9.13 8.78
CA ILE A 104 -0.41 10.24 9.30
C ILE A 104 1.09 9.90 9.17
N SER A 105 1.93 10.82 8.71
CA SER A 105 3.38 10.64 8.60
C SER A 105 4.08 10.80 9.97
N VAL A 106 5.02 9.91 10.31
CA VAL A 106 5.74 9.86 11.60
C VAL A 106 7.26 9.83 11.36
N ARG A 107 7.81 11.01 11.04
CA ARG A 107 9.26 11.31 10.93
C ARG A 107 10.01 10.24 10.09
N GLY A 108 11.10 9.65 10.62
CA GLY A 108 11.81 8.50 10.03
C GLY A 108 11.39 7.14 10.61
N ILE A 109 10.42 7.11 11.54
CA ILE A 109 9.88 5.88 12.15
C ILE A 109 8.95 5.15 11.18
N GLY A 110 8.14 5.92 10.45
CA GLY A 110 7.23 5.42 9.41
C GLY A 110 5.99 6.27 9.23
N TYR A 111 4.85 5.63 9.02
CA TYR A 111 3.56 6.30 8.83
C TYR A 111 2.40 5.51 9.44
N LYS A 112 1.69 6.17 10.36
CA LYS A 112 0.63 5.62 11.20
C LYS A 112 -0.70 5.52 10.43
N LEU A 113 -1.46 4.45 10.69
CA LEU A 113 -2.82 4.22 10.20
C LEU A 113 -3.63 3.53 11.32
N GLU A 114 -4.95 3.61 11.24
CA GLU A 114 -5.85 2.84 12.11
C GLU A 114 -7.06 2.29 11.32
N TYR A 115 -7.59 1.16 11.77
CA TYR A 115 -8.73 0.43 11.18
C TYR A 115 -10.10 1.14 11.38
N GLY A 11 -23.14 -8.56 -11.45
CA GLY A 11 -22.33 -9.77 -11.69
C GLY A 11 -20.98 -9.43 -12.30
N SER A 12 -19.90 -10.00 -11.76
CA SER A 12 -18.52 -9.76 -12.26
C SER A 12 -18.21 -10.53 -13.56
N GLU A 13 -17.73 -9.81 -14.58
CA GLU A 13 -17.29 -10.35 -15.88
C GLU A 13 -16.50 -9.26 -16.63
N GLU A 14 -15.26 -9.58 -17.03
CA GLU A 14 -14.28 -8.67 -17.66
C GLU A 14 -13.09 -9.49 -18.22
N VAL A 15 -12.27 -8.88 -19.10
CA VAL A 15 -11.08 -9.53 -19.74
C VAL A 15 -10.12 -10.14 -18.71
N SER A 16 -9.99 -9.53 -17.52
CA SER A 16 -9.37 -10.15 -16.33
C SER A 16 -10.17 -9.78 -15.07
N GLU A 17 -10.38 -10.75 -14.17
CA GLU A 17 -11.30 -10.63 -13.03
C GLU A 17 -10.56 -10.11 -11.77
N PRO A 18 -11.14 -9.17 -10.99
CA PRO A 18 -10.58 -8.70 -9.72
C PRO A 18 -10.79 -9.71 -8.58
N GLY A 19 -10.11 -9.47 -7.45
CA GLY A 19 -10.29 -10.19 -6.19
C GLY A 19 -10.66 -9.23 -5.04
N ASP A 20 -11.19 -9.75 -3.94
CA ASP A 20 -11.65 -8.96 -2.80
C ASP A 20 -11.21 -9.59 -1.45
N ALA A 21 -11.10 -8.76 -0.40
CA ALA A 21 -10.58 -9.16 0.92
C ALA A 21 -11.05 -8.20 2.05
N ASN A 22 -12.37 -8.18 2.28
CA ASN A 22 -13.04 -7.56 3.43
C ASN A 22 -12.80 -6.03 3.53
N ILE A 23 -11.72 -5.59 4.19
CA ILE A 23 -11.38 -4.16 4.38
C ILE A 23 -10.66 -3.61 3.12
N PHE A 24 -10.06 -4.47 2.29
CA PHE A 24 -9.45 -4.12 1.02
C PHE A 24 -9.97 -4.96 -0.15
N ARG A 25 -9.56 -4.60 -1.37
CA ARG A 25 -9.85 -5.29 -2.63
C ARG A 25 -8.62 -5.19 -3.55
N VAL A 26 -8.49 -6.10 -4.52
CA VAL A 26 -7.35 -6.13 -5.45
C VAL A 26 -7.80 -6.14 -6.93
N ASP A 27 -7.16 -5.31 -7.75
CA ASP A 27 -7.27 -5.35 -9.22
C ASP A 27 -5.97 -5.89 -9.81
N LYS A 28 -6.02 -7.04 -10.49
CA LYS A 28 -4.82 -7.71 -11.02
C LYS A 28 -4.41 -7.25 -12.44
N ASP A 29 -5.32 -6.58 -13.16
CA ASP A 29 -5.10 -6.12 -14.55
C ASP A 29 -4.25 -4.83 -14.61
N SER A 30 -4.63 -3.81 -13.84
CA SER A 30 -3.90 -2.57 -13.67
C SER A 30 -2.92 -2.62 -12.48
N ARG A 31 -3.07 -3.62 -11.59
CA ARG A 31 -2.16 -4.01 -10.50
C ARG A 31 -2.26 -3.04 -9.32
N GLU A 32 -3.48 -2.86 -8.82
CA GLU A 32 -3.87 -1.85 -7.82
C GLU A 32 -4.48 -2.52 -6.57
N VAL A 33 -4.56 -1.77 -5.45
CA VAL A 33 -5.22 -2.21 -4.20
C VAL A 33 -6.15 -1.11 -3.69
N TYR A 34 -7.39 -1.45 -3.36
CA TYR A 34 -8.39 -0.50 -2.88
C TYR A 34 -8.60 -0.73 -1.39
N MET A 35 -8.39 0.29 -0.55
CA MET A 35 -8.85 0.30 0.84
C MET A 35 -10.26 0.89 0.89
N HIS A 36 -11.06 0.50 1.88
CA HIS A 36 -12.42 1.04 2.09
C HIS A 36 -12.48 2.59 2.16
N GLU A 37 -11.37 3.22 2.53
CA GLU A 37 -11.16 4.67 2.59
C GLU A 37 -10.72 5.29 1.24
N LYS A 38 -9.90 4.59 0.43
CA LYS A 38 -9.19 5.16 -0.73
C LYS A 38 -8.47 4.17 -1.67
N LYS A 39 -8.32 4.59 -2.94
CA LYS A 39 -7.66 3.87 -4.03
C LYS A 39 -6.12 4.02 -3.96
N LEU A 40 -5.36 2.91 -4.08
CA LEU A 40 -3.90 2.88 -4.04
C LEU A 40 -3.36 1.97 -5.16
N ASP A 41 -2.23 2.31 -5.76
CA ASP A 41 -1.88 1.79 -7.08
C ASP A 41 -0.38 1.88 -7.43
N LEU A 42 0.50 1.48 -6.49
CA LEU A 42 1.95 1.35 -6.71
C LEU A 42 2.24 0.16 -7.66
N THR A 43 2.84 -0.90 -7.11
CA THR A 43 3.32 -2.12 -7.80
C THR A 43 3.16 -3.29 -6.84
N ARG A 44 3.27 -4.52 -7.33
CA ARG A 44 2.89 -5.76 -6.63
C ARG A 44 3.46 -5.86 -5.20
N ALA A 45 4.72 -5.48 -5.03
CA ALA A 45 5.39 -5.48 -3.73
C ALA A 45 4.74 -4.49 -2.75
N GLU A 46 4.54 -3.23 -3.15
CA GLU A 46 3.91 -2.19 -2.34
C GLU A 46 2.45 -2.55 -1.98
N TYR A 47 1.76 -3.12 -2.96
CA TYR A 47 0.46 -3.77 -2.78
C TYR A 47 0.54 -4.83 -1.67
N GLU A 48 1.45 -5.80 -1.77
CA GLU A 48 1.61 -6.88 -0.79
C GLU A 48 1.76 -6.32 0.63
N ILE A 49 2.58 -5.28 0.81
CA ILE A 49 2.76 -4.68 2.14
C ILE A 49 1.46 -4.04 2.63
N LEU A 50 0.82 -3.22 1.81
CA LEU A 50 -0.35 -2.44 2.22
C LEU A 50 -1.57 -3.36 2.47
N SER A 51 -1.78 -4.40 1.65
CA SER A 51 -2.80 -5.41 1.90
C SER A 51 -2.55 -6.21 3.19
N LEU A 52 -1.31 -6.67 3.45
CA LEU A 52 -1.00 -7.35 4.71
C LEU A 52 -1.15 -6.40 5.90
N LEU A 53 -0.79 -5.13 5.76
CA LEU A 53 -0.95 -4.11 6.80
C LEU A 53 -2.43 -3.94 7.17
N ILE A 54 -3.33 -3.82 6.19
CA ILE A 54 -4.78 -3.76 6.44
C ILE A 54 -5.29 -5.05 7.09
N SER A 55 -4.82 -6.22 6.62
CA SER A 55 -5.21 -7.52 7.19
C SER A 55 -4.76 -7.69 8.65
N LYS A 56 -3.52 -7.30 8.99
CA LYS A 56 -2.94 -7.40 10.35
C LYS A 56 -3.31 -6.23 11.28
N LYS A 57 -3.81 -5.13 10.71
CA LYS A 57 -4.34 -3.86 11.26
C LYS A 57 -3.31 -2.72 11.11
N GLY A 58 -3.83 -1.48 10.98
CA GLY A 58 -3.10 -0.28 10.58
C GLY A 58 -1.72 -0.09 11.23
N TYR A 59 -1.66 -0.02 12.57
CA TYR A 59 -0.42 0.00 13.35
C TYR A 59 0.44 1.20 12.93
N VAL A 60 1.75 1.06 13.02
CA VAL A 60 2.70 1.90 12.29
C VAL A 60 3.30 1.08 11.14
N PHE A 61 3.18 1.62 9.93
CA PHE A 61 3.68 1.08 8.67
C PHE A 61 5.19 1.39 8.60
N SER A 62 5.97 0.57 9.31
CA SER A 62 7.38 0.83 9.65
C SER A 62 8.36 0.35 8.58
N ARG A 63 9.53 1.00 8.46
CA ARG A 63 10.63 0.59 7.58
C ARG A 63 11.05 -0.90 7.67
N GLU A 64 11.10 -1.48 8.87
CA GLU A 64 11.38 -2.92 9.07
C GLU A 64 10.16 -3.80 8.73
N SER A 65 8.93 -3.41 9.08
CA SER A 65 7.71 -4.13 8.64
C SER A 65 7.62 -4.15 7.11
N ILE A 66 7.95 -3.03 6.46
CA ILE A 66 8.12 -2.91 4.98
C ILE A 66 9.17 -3.91 4.45
N ALA A 67 10.34 -3.94 5.08
CA ALA A 67 11.44 -4.86 4.78
C ALA A 67 11.05 -6.34 4.99
N ILE A 68 10.06 -6.62 5.83
CA ILE A 68 9.55 -7.98 6.06
C ILE A 68 8.42 -8.34 5.06
N GLU A 69 7.47 -7.42 4.80
CA GLU A 69 6.26 -7.73 4.03
C GLU A 69 6.31 -7.37 2.52
N SER A 70 7.17 -6.45 2.04
CA SER A 70 7.57 -6.49 0.62
C SER A 70 8.87 -7.33 0.48
N GLU A 71 9.95 -6.90 1.15
CA GLU A 71 11.25 -7.60 1.20
C GLU A 71 11.99 -7.63 -0.17
N SER A 72 11.48 -6.92 -1.17
CA SER A 72 12.01 -6.83 -2.55
C SER A 72 13.31 -6.00 -2.67
N ILE A 73 14.02 -5.83 -1.55
CA ILE A 73 14.95 -4.72 -1.25
C ILE A 73 16.19 -5.28 -0.55
N ASN A 74 17.39 -4.84 -0.95
CA ASN A 74 18.66 -5.38 -0.43
C ASN A 74 18.94 -5.02 1.05
N PRO A 75 18.92 -3.73 1.48
CA PRO A 75 19.12 -3.37 2.89
C PRO A 75 17.89 -3.73 3.74
N GLU A 76 18.14 -4.34 4.91
CA GLU A 76 17.10 -4.78 5.86
C GLU A 76 16.44 -3.62 6.62
N SER A 77 17.01 -2.41 6.53
CA SER A 77 16.35 -1.17 6.96
C SER A 77 15.33 -0.65 5.91
N SER A 78 15.46 -1.03 4.63
CA SER A 78 14.57 -0.65 3.52
C SER A 78 14.33 0.86 3.36
N ASN A 79 15.34 1.68 3.70
CA ASN A 79 15.29 3.15 3.65
C ASN A 79 14.92 3.73 2.27
N LYS A 80 15.35 3.12 1.16
CA LYS A 80 14.91 3.48 -0.20
C LYS A 80 13.52 2.93 -0.55
N SER A 81 13.10 1.80 0.05
CA SER A 81 11.72 1.33 -0.08
C SER A 81 10.75 2.36 0.48
N ILE A 82 10.84 2.73 1.77
CA ILE A 82 9.89 3.70 2.36
C ILE A 82 9.83 5.05 1.60
N ASP A 83 10.98 5.51 1.09
CA ASP A 83 11.11 6.69 0.23
C ASP A 83 10.40 6.52 -1.13
N VAL A 84 10.59 5.39 -1.84
CA VAL A 84 9.78 5.07 -3.05
C VAL A 84 8.30 5.00 -2.71
N ILE A 85 7.96 4.29 -1.63
CA ILE A 85 6.57 4.00 -1.26
C ILE A 85 5.87 5.32 -0.96
N ILE A 86 6.34 6.13 -0.01
CA ILE A 86 5.71 7.44 0.29
C ILE A 86 5.75 8.39 -0.90
N GLY A 87 6.86 8.46 -1.64
CA GLY A 87 7.00 9.37 -2.79
C GLY A 87 5.97 9.08 -3.87
N ARG A 88 5.83 7.82 -4.28
CA ARG A 88 4.92 7.42 -5.36
C ARG A 88 3.48 7.21 -4.87
N LEU A 89 3.22 6.87 -3.60
CA LEU A 89 1.89 6.92 -2.98
C LEU A 89 1.36 8.36 -3.02
N ARG A 90 2.11 9.31 -2.46
CA ARG A 90 1.78 10.74 -2.49
C ARG A 90 1.58 11.22 -3.92
N SER A 91 2.47 10.85 -4.84
CA SER A 91 2.30 11.20 -6.26
C SER A 91 0.98 10.68 -6.85
N LYS A 92 0.63 9.41 -6.63
CA LYS A 92 -0.63 8.88 -7.15
C LYS A 92 -1.87 9.51 -6.51
N ILE A 93 -1.87 9.79 -5.19
CA ILE A 93 -3.01 10.47 -4.52
C ILE A 93 -3.03 12.01 -4.68
N GLU A 94 -1.96 12.60 -5.23
CA GLU A 94 -1.94 13.99 -5.70
C GLU A 94 -2.49 14.10 -7.13
N LYS A 95 -2.17 13.12 -8.00
CA LYS A 95 -2.67 13.06 -9.39
C LYS A 95 -4.18 12.75 -9.45
N ASN A 96 -4.64 11.72 -8.72
CA ASN A 96 -6.07 11.43 -8.53
C ASN A 96 -6.71 12.40 -7.48
N PRO A 97 -8.04 12.63 -7.54
CA PRO A 97 -8.74 13.46 -6.55
C PRO A 97 -8.88 12.77 -5.18
N LYS A 98 -8.90 11.43 -5.15
CA LYS A 98 -8.93 10.64 -3.91
C LYS A 98 -7.62 10.80 -3.11
N GLN A 99 -7.73 11.19 -1.83
CA GLN A 99 -6.62 11.67 -0.99
C GLN A 99 -6.76 11.14 0.46
N PRO A 100 -5.64 11.04 1.23
CA PRO A 100 -5.61 10.44 2.56
C PRO A 100 -6.12 11.37 3.66
N GLN A 101 -6.44 10.78 4.81
CA GLN A 101 -6.66 11.49 6.07
C GLN A 101 -6.36 10.60 7.30
N TYR A 102 -6.57 9.27 7.22
CA TYR A 102 -6.33 8.35 8.34
C TYR A 102 -4.96 7.65 8.31
N ILE A 103 -4.15 7.89 7.28
CA ILE A 103 -2.70 7.56 7.28
C ILE A 103 -1.87 8.84 7.54
N ILE A 104 -0.92 8.77 8.47
CA ILE A 104 -0.04 9.91 8.87
C ILE A 104 1.44 9.46 8.84
N SER A 105 2.31 10.16 8.12
CA SER A 105 3.74 9.82 8.06
C SER A 105 4.54 10.48 9.20
N VAL A 106 5.46 9.71 9.79
CA VAL A 106 6.37 10.11 10.88
C VAL A 106 7.80 9.73 10.47
N ARG A 107 8.59 10.73 10.08
CA ARG A 107 9.95 10.56 9.55
C ARG A 107 10.89 9.95 10.59
N GLY A 108 11.68 8.96 10.15
CA GLY A 108 12.60 8.16 10.98
C GLY A 108 11.95 6.94 11.66
N ILE A 109 10.64 6.73 11.49
CA ILE A 109 9.88 5.62 12.13
C ILE A 109 9.04 4.86 11.09
N GLY A 110 8.11 5.52 10.40
CA GLY A 110 7.11 4.90 9.53
C GLY A 110 5.84 5.73 9.41
N TYR A 111 4.74 5.13 8.98
CA TYR A 111 3.47 5.83 8.76
C TYR A 111 2.32 5.22 9.58
N LYS A 112 1.82 5.94 10.59
CA LYS A 112 0.72 5.51 11.46
C LYS A 112 -0.60 5.38 10.68
N LEU A 113 -1.36 4.33 10.98
CA LEU A 113 -2.64 3.98 10.34
C LEU A 113 -3.54 3.26 11.35
N GLU A 114 -4.82 3.13 11.04
CA GLU A 114 -5.80 2.43 11.90
C GLU A 114 -7.02 1.90 11.11
N TYR A 115 -7.73 0.95 11.73
CA TYR A 115 -9.05 0.45 11.34
C TYR A 115 -10.05 0.58 12.50
N GLY A 11 -24.71 -4.87 -18.59
CA GLY A 11 -23.81 -5.31 -17.51
C GLY A 11 -23.67 -6.83 -17.49
N SER A 12 -22.46 -7.35 -17.73
CA SER A 12 -22.17 -8.80 -17.86
C SER A 12 -20.78 -9.15 -17.31
N GLU A 13 -20.53 -10.44 -17.10
CA GLU A 13 -19.22 -11.00 -16.73
C GLU A 13 -18.16 -10.86 -17.84
N GLU A 14 -16.88 -10.96 -17.47
CA GLU A 14 -15.72 -10.74 -18.34
C GLU A 14 -14.51 -11.62 -17.95
N VAL A 15 -13.41 -11.53 -18.70
CA VAL A 15 -12.11 -12.15 -18.36
C VAL A 15 -11.26 -11.25 -17.45
N SER A 16 -10.33 -11.84 -16.70
CA SER A 16 -9.30 -11.13 -15.90
C SER A 16 -9.91 -10.30 -14.74
N GLU A 17 -10.98 -10.83 -14.13
CA GLU A 17 -11.77 -10.15 -13.09
C GLU A 17 -10.97 -9.89 -11.80
N PRO A 18 -11.29 -8.81 -11.04
CA PRO A 18 -10.64 -8.48 -9.77
C PRO A 18 -10.97 -9.48 -8.65
N GLY A 19 -10.11 -9.50 -7.63
CA GLY A 19 -10.27 -10.27 -6.40
C GLY A 19 -10.58 -9.37 -5.18
N ASP A 20 -11.05 -9.97 -4.10
CA ASP A 20 -11.45 -9.29 -2.87
C ASP A 20 -10.72 -9.86 -1.64
N ALA A 21 -10.65 -9.07 -0.56
CA ALA A 21 -10.01 -9.42 0.70
C ALA A 21 -10.57 -8.58 1.88
N ASN A 22 -11.83 -8.88 2.26
CA ASN A 22 -12.52 -8.35 3.44
C ASN A 22 -12.64 -6.81 3.45
N ILE A 23 -11.69 -6.10 4.09
CA ILE A 23 -11.68 -4.63 4.22
C ILE A 23 -11.12 -3.95 2.94
N PHE A 24 -10.46 -4.71 2.06
CA PHE A 24 -9.80 -4.22 0.86
C PHE A 24 -10.07 -5.12 -0.35
N ARG A 25 -9.74 -4.62 -1.55
CA ARG A 25 -9.97 -5.26 -2.85
C ARG A 25 -8.68 -5.19 -3.67
N VAL A 26 -8.46 -6.16 -4.57
CA VAL A 26 -7.35 -6.12 -5.54
C VAL A 26 -7.83 -6.19 -6.98
N ASP A 27 -7.33 -5.30 -7.85
CA ASP A 27 -7.41 -5.47 -9.30
C ASP A 27 -6.04 -5.92 -9.85
N LYS A 28 -6.04 -7.07 -10.51
CA LYS A 28 -4.85 -7.79 -10.98
C LYS A 28 -4.28 -7.30 -12.33
N ASP A 29 -5.06 -6.56 -13.12
CA ASP A 29 -4.69 -6.09 -14.46
C ASP A 29 -4.09 -4.68 -14.41
N SER A 30 -4.75 -3.79 -13.66
CA SER A 30 -4.24 -2.46 -13.31
C SER A 30 -3.25 -2.49 -12.13
N ARG A 31 -3.13 -3.64 -11.43
CA ARG A 31 -2.18 -3.91 -10.34
C ARG A 31 -2.33 -2.90 -9.18
N GLU A 32 -3.57 -2.77 -8.69
CA GLU A 32 -3.99 -1.73 -7.73
C GLU A 32 -4.81 -2.31 -6.57
N VAL A 33 -4.89 -1.58 -5.44
CA VAL A 33 -5.48 -2.07 -4.17
C VAL A 33 -6.37 -1.00 -3.53
N TYR A 34 -7.64 -1.32 -3.30
CA TYR A 34 -8.66 -0.38 -2.86
C TYR A 34 -9.12 -0.72 -1.44
N MET A 35 -8.89 0.16 -0.46
CA MET A 35 -9.45 0.02 0.89
C MET A 35 -10.91 0.50 0.94
N HIS A 36 -11.68 -0.01 1.91
CA HIS A 36 -13.02 0.49 2.24
C HIS A 36 -13.06 2.02 2.51
N GLU A 37 -11.92 2.61 2.92
CA GLU A 37 -11.75 4.05 3.06
C GLU A 37 -11.57 4.75 1.70
N LYS A 38 -10.77 4.19 0.77
CA LYS A 38 -10.16 4.91 -0.38
C LYS A 38 -9.22 4.04 -1.25
N LYS A 39 -8.93 4.51 -2.47
CA LYS A 39 -8.12 3.82 -3.49
C LYS A 39 -6.59 3.94 -3.27
N LEU A 40 -5.80 2.95 -3.72
CA LEU A 40 -4.34 3.03 -3.99
C LEU A 40 -3.94 2.19 -5.19
N ASP A 41 -2.77 2.50 -5.76
CA ASP A 41 -2.34 2.07 -7.10
C ASP A 41 -0.79 2.10 -7.23
N LEU A 42 -0.09 1.47 -6.25
CA LEU A 42 1.38 1.41 -6.20
C LEU A 42 1.89 0.18 -6.98
N THR A 43 2.92 -0.54 -6.50
CA THR A 43 3.47 -1.75 -7.15
C THR A 43 2.85 -3.02 -6.58
N ARG A 44 3.13 -4.17 -7.21
CA ARG A 44 2.76 -5.50 -6.69
C ARG A 44 3.31 -5.75 -5.28
N ALA A 45 4.55 -5.33 -4.99
CA ALA A 45 5.19 -5.53 -3.71
C ALA A 45 4.58 -4.60 -2.65
N GLU A 46 4.35 -3.33 -3.00
CA GLU A 46 3.71 -2.36 -2.11
C GLU A 46 2.26 -2.76 -1.78
N TYR A 47 1.56 -3.29 -2.79
CA TYR A 47 0.28 -3.96 -2.60
C TYR A 47 0.37 -5.12 -1.59
N GLU A 48 1.35 -6.02 -1.72
CA GLU A 48 1.55 -7.13 -0.77
C GLU A 48 1.64 -6.61 0.67
N ILE A 49 2.48 -5.58 0.91
CA ILE A 49 2.64 -5.00 2.26
C ILE A 49 1.34 -4.40 2.75
N LEU A 50 0.69 -3.54 1.95
CA LEU A 50 -0.43 -2.71 2.40
C LEU A 50 -1.71 -3.55 2.57
N SER A 51 -1.96 -4.52 1.69
CA SER A 51 -2.97 -5.56 1.94
C SER A 51 -2.72 -6.33 3.24
N LEU A 52 -1.49 -6.81 3.51
CA LEU A 52 -1.19 -7.46 4.79
C LEU A 52 -1.29 -6.48 5.97
N LEU A 53 -0.98 -5.20 5.78
CA LEU A 53 -1.08 -4.15 6.79
C LEU A 53 -2.52 -3.97 7.27
N ILE A 54 -3.47 -3.85 6.35
CA ILE A 54 -4.91 -3.79 6.71
C ILE A 54 -5.37 -5.12 7.33
N SER A 55 -4.90 -6.25 6.81
CA SER A 55 -5.21 -7.57 7.39
C SER A 55 -4.73 -7.74 8.86
N LYS A 56 -3.48 -7.34 9.16
CA LYS A 56 -2.84 -7.48 10.48
C LYS A 56 -3.14 -6.32 11.46
N LYS A 57 -3.67 -5.21 10.93
CA LYS A 57 -4.08 -3.92 11.52
C LYS A 57 -3.06 -2.80 11.23
N GLY A 58 -3.58 -1.57 11.08
CA GLY A 58 -2.89 -0.41 10.52
C GLY A 58 -1.49 -0.16 11.07
N TYR A 59 -1.37 0.22 12.35
CA TYR A 59 -0.12 0.40 13.08
C TYR A 59 0.72 1.52 12.43
N VAL A 60 1.99 1.65 12.81
CA VAL A 60 2.96 2.49 12.10
C VAL A 60 3.71 1.63 11.08
N PHE A 61 3.51 1.97 9.81
CA PHE A 61 3.98 1.28 8.61
C PHE A 61 5.40 1.75 8.29
N SER A 62 6.39 0.93 8.68
CA SER A 62 7.81 1.34 8.86
C SER A 62 8.77 0.62 7.92
N ARG A 63 9.94 1.21 7.63
CA ARG A 63 10.99 0.61 6.75
C ARG A 63 11.37 -0.85 7.09
N GLU A 64 11.46 -1.23 8.37
CA GLU A 64 11.66 -2.62 8.79
C GLU A 64 10.47 -3.52 8.44
N SER A 65 9.26 -3.17 8.88
CA SER A 65 8.03 -3.92 8.58
C SER A 65 7.81 -4.07 7.06
N ILE A 66 8.08 -2.99 6.32
CA ILE A 66 8.13 -2.93 4.85
C ILE A 66 9.10 -3.97 4.25
N ALA A 67 10.33 -4.01 4.74
CA ALA A 67 11.36 -4.98 4.34
C ALA A 67 10.97 -6.42 4.70
N ILE A 68 10.15 -6.59 5.74
CA ILE A 68 9.62 -7.91 6.12
C ILE A 68 8.49 -8.35 5.17
N GLU A 69 7.55 -7.47 4.78
CA GLU A 69 6.37 -7.89 4.01
C GLU A 69 6.40 -7.59 2.49
N SER A 70 7.13 -6.58 1.98
CA SER A 70 7.44 -6.51 0.52
C SER A 70 8.72 -7.29 0.22
N GLU A 71 9.81 -6.96 0.93
CA GLU A 71 11.13 -7.60 0.81
C GLU A 71 11.76 -7.43 -0.60
N SER A 72 11.26 -6.48 -1.40
CA SER A 72 11.77 -6.20 -2.76
C SER A 72 13.18 -5.57 -2.75
N ILE A 73 13.55 -4.86 -1.67
CA ILE A 73 14.89 -4.33 -1.41
C ILE A 73 15.63 -5.25 -0.41
N ASN A 74 16.88 -5.60 -0.71
CA ASN A 74 17.63 -6.65 0.00
C ASN A 74 17.99 -6.33 1.47
N PRO A 75 18.62 -5.18 1.81
CA PRO A 75 18.95 -4.85 3.20
C PRO A 75 17.69 -4.55 4.02
N GLU A 76 17.62 -5.08 5.26
CA GLU A 76 16.43 -5.00 6.12
C GLU A 76 16.16 -3.58 6.66
N SER A 77 17.19 -2.71 6.69
CA SER A 77 17.03 -1.31 7.09
C SER A 77 16.21 -0.50 6.08
N SER A 78 16.38 -0.76 4.77
CA SER A 78 15.39 -0.53 3.70
C SER A 78 14.85 0.90 3.51
N ASN A 79 15.59 1.95 3.94
CA ASN A 79 15.09 3.33 3.86
C ASN A 79 14.78 3.76 2.41
N LYS A 80 15.55 3.30 1.41
CA LYS A 80 15.27 3.55 -0.01
C LYS A 80 14.00 2.85 -0.51
N SER A 81 13.63 1.72 0.08
CA SER A 81 12.29 1.15 -0.14
C SER A 81 11.23 2.14 0.35
N ILE A 82 11.30 2.59 1.62
CA ILE A 82 10.38 3.62 2.14
C ILE A 82 10.40 4.92 1.29
N ASP A 83 11.54 5.34 0.74
CA ASP A 83 11.61 6.50 -0.15
C ASP A 83 10.84 6.29 -1.47
N VAL A 84 10.99 5.11 -2.12
CA VAL A 84 10.13 4.73 -3.28
C VAL A 84 8.67 4.75 -2.86
N ILE A 85 8.36 4.08 -1.76
CA ILE A 85 6.99 3.79 -1.35
C ILE A 85 6.27 5.07 -0.98
N ILE A 86 6.80 5.85 -0.03
CA ILE A 86 6.18 7.12 0.38
C ILE A 86 6.24 8.15 -0.76
N GLY A 87 7.31 8.18 -1.55
CA GLY A 87 7.40 9.10 -2.71
C GLY A 87 6.31 8.85 -3.73
N ARG A 88 6.11 7.59 -4.15
CA ARG A 88 5.13 7.24 -5.18
C ARG A 88 3.71 7.06 -4.63
N LEU A 89 3.49 6.74 -3.34
CA LEU A 89 2.18 6.85 -2.68
C LEU A 89 1.74 8.32 -2.62
N ARG A 90 2.61 9.24 -2.19
CA ARG A 90 2.36 10.68 -2.28
C ARG A 90 2.12 11.13 -3.74
N SER A 91 2.89 10.63 -4.69
CA SER A 91 2.67 10.89 -6.13
C SER A 91 1.27 10.46 -6.60
N LYS A 92 0.83 9.23 -6.27
CA LYS A 92 -0.54 8.79 -6.52
C LYS A 92 -1.60 9.74 -5.91
N ILE A 93 -1.53 10.05 -4.61
CA ILE A 93 -2.58 10.85 -3.94
C ILE A 93 -2.45 12.37 -4.16
N GLU A 94 -1.37 12.82 -4.79
CA GLU A 94 -1.22 14.17 -5.33
C GLU A 94 -1.86 14.30 -6.74
N LYS A 95 -1.57 13.37 -7.65
CA LYS A 95 -2.01 13.45 -9.05
C LYS A 95 -3.46 12.96 -9.28
N ASN A 96 -3.88 11.87 -8.63
CA ASN A 96 -5.28 11.41 -8.63
C ASN A 96 -6.14 12.28 -7.67
N PRO A 97 -7.48 12.35 -7.88
CA PRO A 97 -8.38 13.16 -7.03
C PRO A 97 -8.56 12.61 -5.61
N LYS A 98 -8.15 11.36 -5.34
CA LYS A 98 -8.11 10.79 -3.98
C LYS A 98 -7.17 11.60 -3.05
N GLN A 99 -7.67 12.03 -1.89
CA GLN A 99 -6.90 12.74 -0.84
C GLN A 99 -6.75 11.85 0.43
N PRO A 100 -5.75 12.08 1.30
CA PRO A 100 -5.59 11.35 2.57
C PRO A 100 -6.47 11.92 3.69
N GLN A 101 -6.61 11.13 4.76
CA GLN A 101 -7.21 11.49 6.06
C GLN A 101 -7.02 10.37 7.10
N TYR A 102 -7.12 9.09 6.68
CA TYR A 102 -6.98 7.90 7.54
C TYR A 102 -5.54 7.35 7.64
N ILE A 103 -4.59 7.99 6.95
CA ILE A 103 -3.15 7.69 7.04
C ILE A 103 -2.41 8.99 7.41
N ILE A 104 -1.67 8.98 8.53
CA ILE A 104 -0.86 10.10 9.06
C ILE A 104 0.64 9.81 8.92
N SER A 105 1.48 10.82 8.74
CA SER A 105 2.94 10.70 8.57
C SER A 105 3.70 10.79 9.92
N VAL A 106 4.75 9.98 10.09
CA VAL A 106 5.70 10.00 11.22
C VAL A 106 7.13 10.08 10.69
N ARG A 107 7.72 11.28 10.70
CA ARG A 107 9.11 11.59 10.28
C ARG A 107 9.42 11.31 8.79
N GLY A 108 8.41 10.94 8.00
CA GLY A 108 8.56 10.42 6.62
C GLY A 108 9.05 8.96 6.54
N ILE A 109 9.16 8.27 7.68
CA ILE A 109 9.76 6.91 7.80
C ILE A 109 8.74 5.87 8.28
N GLY A 110 7.88 6.23 9.23
CA GLY A 110 6.66 5.48 9.56
C GLY A 110 5.43 6.23 9.06
N TYR A 111 4.41 5.51 8.59
CA TYR A 111 3.07 6.09 8.41
C TYR A 111 2.02 5.36 9.25
N LYS A 112 1.32 6.12 10.07
CA LYS A 112 0.31 5.62 10.99
C LYS A 112 -1.04 5.47 10.29
N LEU A 113 -1.56 4.25 10.31
CA LEU A 113 -2.86 3.84 9.77
C LEU A 113 -3.65 3.17 10.90
N GLU A 114 -4.98 3.18 10.84
CA GLU A 114 -5.83 2.55 11.86
C GLU A 114 -7.13 1.92 11.30
N TYR A 115 -7.59 0.87 11.97
CA TYR A 115 -8.87 0.19 11.77
C TYR A 115 -9.38 -0.45 13.08
N GLY A 11 -22.66 -7.15 -19.78
CA GLY A 11 -21.34 -7.67 -20.20
C GLY A 11 -20.94 -8.91 -19.41
N SER A 12 -19.69 -9.34 -19.55
CA SER A 12 -19.10 -10.54 -18.89
C SER A 12 -17.56 -10.50 -18.89
N GLU A 13 -16.92 -11.46 -18.21
CA GLU A 13 -15.45 -11.57 -18.05
C GLU A 13 -15.02 -13.06 -18.14
N GLU A 14 -13.77 -13.29 -18.58
CA GLU A 14 -13.23 -14.64 -18.85
C GLU A 14 -12.19 -15.09 -17.81
N VAL A 15 -10.94 -14.63 -17.95
CA VAL A 15 -9.78 -14.99 -17.10
C VAL A 15 -9.08 -13.74 -16.54
N SER A 16 -8.23 -13.92 -15.53
CA SER A 16 -7.41 -12.85 -14.90
C SER A 16 -8.28 -11.84 -14.10
N GLU A 17 -9.44 -12.29 -13.60
CA GLU A 17 -10.42 -11.47 -12.88
C GLU A 17 -9.86 -10.88 -11.56
N PRO A 18 -10.35 -9.71 -11.11
CA PRO A 18 -9.98 -9.11 -9.83
C PRO A 18 -10.51 -9.91 -8.64
N GLY A 19 -9.93 -9.66 -7.45
CA GLY A 19 -10.22 -10.35 -6.20
C GLY A 19 -10.50 -9.42 -5.02
N ASP A 20 -10.81 -9.99 -3.86
CA ASP A 20 -11.27 -9.27 -2.66
C ASP A 20 -10.59 -9.73 -1.37
N ALA A 21 -10.64 -8.86 -0.35
CA ALA A 21 -10.13 -9.06 1.01
C ALA A 21 -10.86 -8.15 2.01
N ASN A 22 -12.18 -8.36 2.14
CA ASN A 22 -13.07 -7.76 3.15
C ASN A 22 -13.12 -6.21 3.08
N ILE A 23 -12.24 -5.52 3.82
CA ILE A 23 -12.12 -4.04 3.82
C ILE A 23 -11.50 -3.53 2.50
N PHE A 24 -10.63 -4.33 1.86
CA PHE A 24 -9.97 -3.97 0.61
C PHE A 24 -10.25 -4.95 -0.55
N ARG A 25 -9.87 -4.52 -1.76
CA ARG A 25 -10.08 -5.20 -3.05
C ARG A 25 -8.72 -5.23 -3.76
N VAL A 26 -8.42 -6.29 -4.50
CA VAL A 26 -7.26 -6.31 -5.43
C VAL A 26 -7.72 -6.22 -6.89
N ASP A 27 -7.17 -5.27 -7.64
CA ASP A 27 -7.32 -5.19 -9.09
C ASP A 27 -6.15 -5.90 -9.77
N LYS A 28 -6.46 -7.02 -10.44
CA LYS A 28 -5.46 -7.92 -11.02
C LYS A 28 -4.98 -7.50 -12.44
N ASP A 29 -5.79 -6.71 -13.16
CA ASP A 29 -5.49 -6.25 -14.52
C ASP A 29 -4.50 -5.08 -14.53
N SER A 30 -4.75 -4.05 -13.71
CA SER A 30 -3.90 -2.85 -13.61
C SER A 30 -2.92 -2.91 -12.42
N ARG A 31 -3.01 -3.94 -11.57
CA ARG A 31 -2.11 -4.21 -10.42
C ARG A 31 -2.27 -3.14 -9.33
N GLU A 32 -3.46 -3.06 -8.75
CA GLU A 32 -3.88 -1.98 -7.82
C GLU A 32 -4.57 -2.57 -6.56
N VAL A 33 -4.81 -1.76 -5.53
CA VAL A 33 -5.43 -2.20 -4.26
C VAL A 33 -6.31 -1.09 -3.66
N TYR A 34 -7.62 -1.34 -3.54
CA TYR A 34 -8.61 -0.33 -3.17
C TYR A 34 -9.17 -0.62 -1.77
N MET A 35 -9.06 0.33 -0.84
CA MET A 35 -9.60 0.22 0.51
C MET A 35 -10.97 0.88 0.55
N HIS A 36 -11.85 0.46 1.46
CA HIS A 36 -13.17 1.09 1.67
C HIS A 36 -13.10 2.62 1.92
N GLU A 37 -11.96 3.11 2.41
CA GLU A 37 -11.66 4.53 2.66
C GLU A 37 -11.19 5.28 1.41
N LYS A 38 -10.50 4.60 0.47
CA LYS A 38 -9.73 5.21 -0.64
C LYS A 38 -9.03 4.21 -1.58
N LYS A 39 -8.79 4.61 -2.84
CA LYS A 39 -7.99 3.84 -3.81
C LYS A 39 -6.48 3.90 -3.52
N LEU A 40 -5.72 2.83 -3.83
CA LEU A 40 -4.26 2.85 -3.98
C LEU A 40 -3.83 1.97 -5.16
N ASP A 41 -2.65 2.27 -5.70
CA ASP A 41 -2.22 1.79 -7.02
C ASP A 41 -0.71 1.98 -7.21
N LEU A 42 0.07 1.36 -6.32
CA LEU A 42 1.54 1.39 -6.34
C LEU A 42 2.08 0.27 -7.27
N THR A 43 2.94 -0.63 -6.75
CA THR A 43 3.56 -1.77 -7.48
C THR A 43 3.52 -3.01 -6.56
N ARG A 44 3.86 -4.21 -7.05
CA ARG A 44 3.51 -5.50 -6.42
C ARG A 44 3.93 -5.63 -4.94
N ALA A 45 5.14 -5.20 -4.57
CA ALA A 45 5.65 -5.40 -3.22
C ALA A 45 5.04 -4.38 -2.23
N GLU A 46 4.79 -3.17 -2.72
CA GLU A 46 4.09 -2.08 -2.05
C GLU A 46 2.61 -2.43 -1.84
N TYR A 47 2.01 -3.10 -2.82
CA TYR A 47 0.72 -3.76 -2.66
C TYR A 47 0.77 -4.84 -1.59
N GLU A 48 1.77 -5.73 -1.60
CA GLU A 48 1.88 -6.78 -0.58
C GLU A 48 1.92 -6.22 0.85
N ILE A 49 2.70 -5.15 1.10
CA ILE A 49 2.71 -4.51 2.42
C ILE A 49 1.36 -3.89 2.75
N LEU A 50 0.70 -3.17 1.82
CA LEU A 50 -0.60 -2.56 2.15
C LEU A 50 -1.71 -3.59 2.37
N SER A 51 -1.76 -4.63 1.53
CA SER A 51 -2.58 -5.82 1.73
C SER A 51 -2.42 -6.39 3.14
N LEU A 52 -1.19 -6.68 3.57
CA LEU A 52 -0.93 -7.16 4.92
C LEU A 52 -1.31 -6.12 5.98
N LEU A 53 -1.09 -4.82 5.74
CA LEU A 53 -1.40 -3.75 6.69
C LEU A 53 -2.91 -3.63 6.94
N ILE A 54 -3.70 -3.46 5.88
CA ILE A 54 -5.17 -3.40 6.03
C ILE A 54 -5.76 -4.74 6.53
N SER A 55 -5.17 -5.88 6.18
CA SER A 55 -5.58 -7.19 6.71
C SER A 55 -5.32 -7.33 8.23
N LYS A 56 -4.12 -6.97 8.72
CA LYS A 56 -3.72 -7.18 10.12
C LYS A 56 -4.24 -6.09 11.08
N LYS A 57 -4.25 -4.83 10.61
CA LYS A 57 -4.70 -3.53 11.16
C LYS A 57 -3.69 -2.40 10.91
N GLY A 58 -4.18 -1.16 10.91
CA GLY A 58 -3.49 0.01 10.35
C GLY A 58 -2.10 0.27 10.94
N TYR A 59 -1.97 0.31 12.28
CA TYR A 59 -0.71 0.21 13.01
C TYR A 59 0.25 1.36 12.60
N VAL A 60 1.55 1.15 12.77
CA VAL A 60 2.60 1.98 12.18
C VAL A 60 3.39 1.15 11.16
N PHE A 61 3.35 1.59 9.91
CA PHE A 61 4.06 1.05 8.76
C PHE A 61 5.55 1.45 8.89
N SER A 62 6.44 0.49 9.19
CA SER A 62 7.81 0.78 9.67
C SER A 62 8.89 0.16 8.76
N ARG A 63 9.95 0.91 8.41
CA ARG A 63 10.97 0.49 7.44
C ARG A 63 11.50 -0.96 7.55
N GLU A 64 11.75 -1.47 8.76
CA GLU A 64 12.18 -2.88 8.97
C GLU A 64 11.04 -3.87 8.69
N SER A 65 9.85 -3.65 9.26
CA SER A 65 8.68 -4.50 9.02
C SER A 65 8.28 -4.49 7.53
N ILE A 66 8.45 -3.35 6.87
CA ILE A 66 8.30 -3.20 5.41
C ILE A 66 9.34 -3.99 4.64
N ALA A 67 10.61 -3.99 5.06
CA ALA A 67 11.66 -4.84 4.50
C ALA A 67 11.37 -6.33 4.71
N ILE A 68 10.61 -6.69 5.75
CA ILE A 68 10.13 -8.07 5.93
C ILE A 68 8.97 -8.41 4.97
N GLU A 69 8.01 -7.51 4.75
CA GLU A 69 6.80 -7.82 3.96
C GLU A 69 6.85 -7.43 2.47
N SER A 70 7.65 -6.44 2.04
CA SER A 70 7.83 -6.13 0.60
C SER A 70 9.08 -6.83 0.05
N GLU A 71 10.25 -6.65 0.70
CA GLU A 71 11.42 -7.55 0.69
C GLU A 71 12.22 -7.64 -0.63
N SER A 72 11.72 -7.10 -1.74
CA SER A 72 12.33 -7.16 -3.08
C SER A 72 13.56 -6.21 -3.24
N ILE A 73 14.29 -5.98 -2.14
CA ILE A 73 15.23 -4.87 -1.91
C ILE A 73 16.46 -5.39 -1.14
N ASN A 74 17.66 -4.98 -1.55
CA ASN A 74 18.92 -5.53 -1.02
C ASN A 74 19.23 -5.14 0.45
N PRO A 75 19.26 -3.84 0.84
CA PRO A 75 19.54 -3.44 2.23
C PRO A 75 18.35 -3.73 3.15
N GLU A 76 18.62 -4.26 4.35
CA GLU A 76 17.62 -4.63 5.36
C GLU A 76 16.92 -3.43 6.03
N SER A 77 17.53 -2.24 5.98
CA SER A 77 16.86 -0.98 6.39
C SER A 77 15.87 -0.49 5.32
N SER A 78 16.08 -0.83 4.04
CA SER A 78 15.13 -0.64 2.93
C SER A 78 14.71 0.82 2.68
N ASN A 79 15.50 1.81 3.12
CA ASN A 79 15.13 3.24 3.11
C ASN A 79 14.67 3.75 1.73
N LYS A 80 15.31 3.30 0.65
CA LYS A 80 14.92 3.65 -0.73
C LYS A 80 13.60 2.97 -1.15
N SER A 81 13.28 1.78 -0.62
CA SER A 81 11.93 1.22 -0.77
C SER A 81 10.91 2.12 -0.09
N ILE A 82 11.10 2.54 1.16
CA ILE A 82 10.12 3.39 1.88
C ILE A 82 9.97 4.76 1.17
N ASP A 83 11.05 5.27 0.58
CA ASP A 83 11.05 6.49 -0.23
C ASP A 83 10.27 6.31 -1.55
N VAL A 84 10.45 5.18 -2.24
CA VAL A 84 9.61 4.79 -3.40
C VAL A 84 8.15 4.63 -2.98
N ILE A 85 7.87 3.95 -1.87
CA ILE A 85 6.52 3.69 -1.36
C ILE A 85 5.82 5.01 -1.07
N ILE A 86 6.34 5.80 -0.13
CA ILE A 86 5.68 7.03 0.31
C ILE A 86 5.70 8.10 -0.79
N GLY A 87 6.76 8.15 -1.62
CA GLY A 87 6.87 9.07 -2.75
C GLY A 87 5.85 8.76 -3.85
N ARG A 88 5.65 7.49 -4.23
CA ARG A 88 4.65 7.13 -5.23
C ARG A 88 3.23 7.04 -4.65
N LEU A 89 3.04 6.81 -3.34
CA LEU A 89 1.76 6.98 -2.65
C LEU A 89 1.32 8.45 -2.76
N ARG A 90 2.19 9.39 -2.34
CA ARG A 90 2.03 10.84 -2.51
C ARG A 90 1.73 11.18 -3.98
N SER A 91 2.51 10.65 -4.92
CA SER A 91 2.28 10.86 -6.35
C SER A 91 0.89 10.40 -6.80
N LYS A 92 0.48 9.16 -6.48
CA LYS A 92 -0.87 8.71 -6.88
C LYS A 92 -2.00 9.51 -6.20
N ILE A 93 -1.89 9.88 -4.92
CA ILE A 93 -2.95 10.67 -4.24
C ILE A 93 -2.95 12.17 -4.58
N GLU A 94 -1.88 12.68 -5.19
CA GLU A 94 -1.82 14.04 -5.74
C GLU A 94 -2.32 14.09 -7.20
N LYS A 95 -2.05 13.06 -8.00
CA LYS A 95 -2.51 12.95 -9.39
C LYS A 95 -4.02 12.65 -9.48
N ASN A 96 -4.50 11.65 -8.72
CA ASN A 96 -5.93 11.34 -8.58
C ASN A 96 -6.63 12.27 -7.55
N PRO A 97 -7.96 12.47 -7.63
CA PRO A 97 -8.69 13.35 -6.70
C PRO A 97 -8.83 12.76 -5.29
N LYS A 98 -8.63 11.45 -5.11
CA LYS A 98 -8.68 10.80 -3.79
C LYS A 98 -7.44 11.13 -2.94
N GLN A 99 -7.61 11.97 -1.92
CA GLN A 99 -6.57 12.46 -0.99
C GLN A 99 -6.48 11.57 0.27
N PRO A 100 -5.38 11.63 1.06
CA PRO A 100 -5.22 10.90 2.31
C PRO A 100 -5.99 11.60 3.45
N GLN A 101 -6.32 10.81 4.47
CA GLN A 101 -7.02 11.27 5.67
C GLN A 101 -6.77 10.36 6.88
N TYR A 102 -6.64 9.03 6.67
CA TYR A 102 -6.31 8.07 7.74
C TYR A 102 -4.81 7.72 7.85
N ILE A 103 -3.95 8.26 6.98
CA ILE A 103 -2.49 8.02 7.03
C ILE A 103 -1.78 9.28 7.59
N ILE A 104 -0.96 9.12 8.63
CA ILE A 104 -0.15 10.19 9.26
C ILE A 104 1.35 9.80 9.31
N SER A 105 2.27 10.74 9.13
CA SER A 105 3.72 10.52 9.12
C SER A 105 4.33 10.60 10.55
N VAL A 106 5.22 9.67 10.89
CA VAL A 106 5.94 9.61 12.19
C VAL A 106 7.46 9.59 11.97
N ARG A 107 8.09 10.77 12.05
CA ARG A 107 9.54 11.02 11.97
C ARG A 107 10.19 10.70 10.59
N GLY A 108 9.40 10.28 9.60
CA GLY A 108 9.87 9.71 8.33
C GLY A 108 10.33 8.24 8.42
N ILE A 109 10.08 7.57 9.56
CA ILE A 109 10.49 6.17 9.84
C ILE A 109 9.28 5.26 9.98
N GLY A 110 8.25 5.70 10.72
CA GLY A 110 6.93 5.08 10.79
C GLY A 110 5.88 5.91 10.06
N TYR A 111 4.83 5.27 9.57
CA TYR A 111 3.63 5.93 9.07
C TYR A 111 2.38 5.28 9.67
N LYS A 112 1.67 6.04 10.48
CA LYS A 112 0.51 5.57 11.25
C LYS A 112 -0.73 5.50 10.34
N LEU A 113 -1.36 4.33 10.33
CA LEU A 113 -2.66 4.09 9.67
C LEU A 113 -3.64 3.53 10.71
N GLU A 114 -4.91 3.45 10.35
CA GLU A 114 -5.97 2.93 11.24
C GLU A 114 -7.10 2.22 10.50
N TYR A 115 -7.75 1.29 11.21
CA TYR A 115 -8.76 0.34 10.73
C TYR A 115 -10.20 0.81 11.08
N GLY A 11 -12.51 -11.32 -22.52
CA GLY A 11 -12.04 -10.13 -23.26
C GLY A 11 -10.66 -10.33 -23.87
N SER A 12 -9.94 -9.24 -24.14
CA SER A 12 -8.62 -9.24 -24.80
C SER A 12 -7.49 -9.82 -23.92
N GLU A 13 -7.67 -9.81 -22.59
CA GLU A 13 -6.82 -10.46 -21.59
C GLU A 13 -7.65 -10.86 -20.35
N GLU A 14 -7.11 -11.81 -19.58
CA GLU A 14 -7.72 -12.40 -18.38
C GLU A 14 -6.74 -13.26 -17.54
N VAL A 15 -5.45 -13.37 -17.90
CA VAL A 15 -4.48 -14.26 -17.20
C VAL A 15 -4.16 -13.76 -15.79
N SER A 16 -4.11 -12.45 -15.58
CA SER A 16 -3.96 -11.83 -14.25
C SER A 16 -5.32 -11.76 -13.53
N GLU A 17 -5.59 -12.72 -12.62
CA GLU A 17 -6.90 -12.87 -11.97
C GLU A 17 -7.02 -11.96 -10.71
N PRO A 18 -8.08 -11.12 -10.61
CA PRO A 18 -8.34 -10.25 -9.45
C PRO A 18 -8.95 -11.03 -8.26
N GLY A 19 -9.13 -10.35 -7.12
CA GLY A 19 -9.76 -10.92 -5.92
C GLY A 19 -10.14 -9.91 -4.84
N ASP A 20 -11.14 -10.22 -4.02
CA ASP A 20 -11.59 -9.41 -2.88
C ASP A 20 -10.92 -9.89 -1.56
N ALA A 21 -10.78 -8.96 -0.61
CA ALA A 21 -10.20 -9.19 0.72
C ALA A 21 -10.85 -8.28 1.79
N ASN A 22 -12.15 -8.47 2.01
CA ASN A 22 -12.95 -7.92 3.11
C ASN A 22 -12.99 -6.38 3.11
N ILE A 23 -12.06 -5.72 3.82
CA ILE A 23 -11.94 -4.25 3.88
C ILE A 23 -11.42 -3.68 2.55
N PHE A 24 -10.69 -4.47 1.76
CA PHE A 24 -10.12 -4.04 0.48
C PHE A 24 -10.38 -5.04 -0.66
N ARG A 25 -10.07 -4.61 -1.88
CA ARG A 25 -10.26 -5.35 -3.14
C ARG A 25 -9.05 -5.18 -4.03
N VAL A 26 -8.58 -6.26 -4.65
CA VAL A 26 -7.35 -6.28 -5.45
C VAL A 26 -7.68 -6.48 -6.93
N ASP A 27 -7.15 -5.59 -7.79
CA ASP A 27 -7.19 -5.75 -9.25
C ASP A 27 -5.79 -6.07 -9.78
N LYS A 28 -5.66 -7.23 -10.43
CA LYS A 28 -4.36 -7.80 -10.83
C LYS A 28 -3.89 -7.33 -12.23
N ASP A 29 -4.81 -6.90 -13.10
CA ASP A 29 -4.50 -6.35 -14.43
C ASP A 29 -3.87 -4.95 -14.31
N SER A 30 -4.51 -4.05 -13.56
CA SER A 30 -4.00 -2.70 -13.27
C SER A 30 -3.03 -2.67 -12.07
N ARG A 31 -2.92 -3.78 -11.30
CA ARG A 31 -1.91 -4.03 -10.27
C ARG A 31 -2.07 -3.09 -9.06
N GLU A 32 -3.32 -2.96 -8.58
CA GLU A 32 -3.80 -1.92 -7.68
C GLU A 32 -4.69 -2.51 -6.55
N VAL A 33 -4.94 -1.73 -5.48
CA VAL A 33 -5.65 -2.20 -4.27
C VAL A 33 -6.54 -1.10 -3.68
N TYR A 34 -7.84 -1.38 -3.54
CA TYR A 34 -8.90 -0.43 -3.22
C TYR A 34 -9.42 -0.67 -1.81
N MET A 35 -9.36 0.32 -0.91
CA MET A 35 -9.90 0.23 0.45
C MET A 35 -11.34 0.75 0.48
N HIS A 36 -12.15 0.26 1.42
CA HIS A 36 -13.49 0.81 1.71
C HIS A 36 -13.50 2.34 1.92
N GLU A 37 -12.38 2.90 2.39
CA GLU A 37 -12.19 4.34 2.64
C GLU A 37 -11.82 5.13 1.36
N LYS A 38 -11.12 4.50 0.39
CA LYS A 38 -10.35 5.18 -0.69
C LYS A 38 -9.54 4.20 -1.56
N LYS A 39 -9.32 4.50 -2.85
CA LYS A 39 -8.58 3.63 -3.77
C LYS A 39 -7.07 3.93 -3.88
N LEU A 40 -6.22 2.91 -4.04
CA LEU A 40 -4.75 3.02 -4.12
C LEU A 40 -4.16 2.14 -5.24
N ASP A 41 -2.98 2.52 -5.70
CA ASP A 41 -2.21 1.89 -6.77
C ASP A 41 -0.72 2.24 -6.57
N LEU A 42 0.20 1.29 -6.79
CA LEU A 42 1.64 1.50 -6.60
C LEU A 42 2.46 0.49 -7.43
N THR A 43 2.80 -0.67 -6.86
CA THR A 43 3.48 -1.83 -7.49
C THR A 43 3.20 -3.07 -6.63
N ARG A 44 3.33 -4.27 -7.20
CA ARG A 44 2.98 -5.57 -6.57
C ARG A 44 3.43 -5.67 -5.10
N ALA A 45 4.72 -5.41 -4.81
CA ALA A 45 5.27 -5.50 -3.47
C ALA A 45 4.66 -4.46 -2.50
N GLU A 46 4.44 -3.22 -2.95
CA GLU A 46 3.74 -2.18 -2.19
C GLU A 46 2.27 -2.54 -1.93
N TYR A 47 1.63 -3.16 -2.91
CA TYR A 47 0.34 -3.83 -2.69
C TYR A 47 0.43 -4.90 -1.58
N GLU A 48 1.40 -5.82 -1.61
CA GLU A 48 1.56 -6.86 -0.56
C GLU A 48 1.62 -6.24 0.84
N ILE A 49 2.44 -5.18 1.03
CA ILE A 49 2.56 -4.57 2.35
C ILE A 49 1.27 -3.85 2.78
N LEU A 50 0.62 -3.08 1.89
CA LEU A 50 -0.56 -2.31 2.29
C LEU A 50 -1.80 -3.22 2.50
N SER A 51 -1.97 -4.25 1.65
CA SER A 51 -2.84 -5.41 1.90
C SER A 51 -2.64 -6.00 3.29
N LEU A 52 -1.41 -6.44 3.63
CA LEU A 52 -1.15 -7.02 4.94
C LEU A 52 -1.38 -6.01 6.08
N LEU A 53 -1.08 -4.73 5.85
CA LEU A 53 -1.28 -3.67 6.83
C LEU A 53 -2.75 -3.59 7.24
N ILE A 54 -3.66 -3.57 6.25
CA ILE A 54 -5.10 -3.54 6.53
C ILE A 54 -5.59 -4.86 7.14
N SER A 55 -5.18 -6.02 6.62
CA SER A 55 -5.64 -7.30 7.18
C SER A 55 -5.10 -7.62 8.59
N LYS A 56 -3.88 -7.19 8.95
CA LYS A 56 -3.26 -7.40 10.27
C LYS A 56 -3.67 -6.35 11.31
N LYS A 57 -3.76 -5.07 10.87
CA LYS A 57 -4.19 -3.81 11.53
C LYS A 57 -3.22 -2.65 11.27
N GLY A 58 -3.76 -1.42 11.26
CA GLY A 58 -3.11 -0.20 10.76
C GLY A 58 -1.70 0.04 11.29
N TYR A 59 -1.55 0.28 12.61
CA TYR A 59 -0.26 0.32 13.31
C TYR A 59 0.65 1.43 12.74
N VAL A 60 1.95 1.38 13.04
CA VAL A 60 2.97 2.18 12.35
C VAL A 60 3.70 1.31 11.33
N PHE A 61 3.62 1.74 10.07
CA PHE A 61 4.10 1.09 8.86
C PHE A 61 5.54 1.53 8.60
N SER A 62 6.50 0.71 9.01
CA SER A 62 7.91 1.09 9.27
C SER A 62 8.89 0.42 8.31
N ARG A 63 10.00 1.08 7.93
CA ARG A 63 10.95 0.56 6.93
C ARG A 63 11.49 -0.87 7.20
N GLU A 64 11.70 -1.28 8.45
CA GLU A 64 12.01 -2.65 8.85
C GLU A 64 10.87 -3.65 8.57
N SER A 65 9.63 -3.36 9.01
CA SER A 65 8.48 -4.25 8.73
C SER A 65 8.15 -4.29 7.23
N ILE A 66 8.32 -3.15 6.56
CA ILE A 66 8.26 -3.03 5.09
C ILE A 66 9.29 -3.93 4.39
N ALA A 67 10.53 -3.96 4.86
CA ALA A 67 11.58 -4.85 4.38
C ALA A 67 11.21 -6.32 4.61
N ILE A 68 10.58 -6.60 5.74
CA ILE A 68 10.13 -7.97 6.08
C ILE A 68 9.02 -8.45 5.13
N GLU A 69 8.07 -7.57 4.75
CA GLU A 69 6.89 -8.01 3.99
C GLU A 69 6.87 -7.64 2.48
N SER A 70 7.44 -6.51 2.04
CA SER A 70 7.49 -6.19 0.59
C SER A 70 8.78 -6.76 -0.04
N GLU A 71 9.92 -6.59 0.64
CA GLU A 71 11.16 -7.35 0.40
C GLU A 71 11.76 -7.13 -1.02
N SER A 72 11.42 -6.02 -1.67
CA SER A 72 11.77 -5.72 -3.08
C SER A 72 13.13 -5.00 -3.22
N ILE A 73 13.97 -5.03 -2.17
CA ILE A 73 15.20 -4.23 -2.03
C ILE A 73 16.27 -5.05 -1.27
N ASN A 74 17.55 -4.81 -1.57
CA ASN A 74 18.67 -5.61 -1.05
C ASN A 74 18.98 -5.41 0.45
N PRO A 75 19.24 -4.18 0.96
CA PRO A 75 19.52 -3.95 2.38
C PRO A 75 18.27 -4.11 3.25
N GLU A 76 18.45 -4.59 4.49
CA GLU A 76 17.39 -4.86 5.46
C GLU A 76 16.82 -3.60 6.14
N SER A 77 17.55 -2.47 6.09
CA SER A 77 17.12 -1.18 6.66
C SER A 77 16.12 -0.45 5.75
N SER A 78 16.22 -0.62 4.43
CA SER A 78 15.16 -0.35 3.44
C SER A 78 14.69 1.10 3.30
N ASN A 79 15.49 2.10 3.72
CA ASN A 79 15.09 3.51 3.56
C ASN A 79 14.85 3.90 2.09
N LYS A 80 15.58 3.31 1.14
CA LYS A 80 15.34 3.49 -0.32
C LYS A 80 14.30 2.53 -0.91
N SER A 81 13.73 1.62 -0.12
CA SER A 81 12.36 1.14 -0.35
C SER A 81 11.37 2.22 0.12
N ILE A 82 11.36 2.58 1.42
CA ILE A 82 10.31 3.45 1.98
C ILE A 82 10.21 4.82 1.32
N ASP A 83 11.34 5.38 0.89
CA ASP A 83 11.40 6.62 0.09
C ASP A 83 10.65 6.49 -1.26
N VAL A 84 10.76 5.34 -1.95
CA VAL A 84 9.93 5.06 -3.16
C VAL A 84 8.47 4.85 -2.77
N ILE A 85 8.22 4.11 -1.68
CA ILE A 85 6.84 3.77 -1.27
C ILE A 85 6.10 5.06 -0.91
N ILE A 86 6.60 5.83 0.05
CA ILE A 86 6.04 7.13 0.46
C ILE A 86 6.02 8.10 -0.72
N GLY A 87 7.11 8.25 -1.46
CA GLY A 87 7.22 9.23 -2.54
C GLY A 87 6.21 8.98 -3.66
N ARG A 88 6.04 7.72 -4.08
CA ARG A 88 5.17 7.36 -5.21
C ARG A 88 3.72 7.02 -4.79
N LEU A 89 3.45 6.64 -3.52
CA LEU A 89 2.10 6.72 -2.94
C LEU A 89 1.66 8.19 -2.90
N ARG A 90 2.47 9.09 -2.35
CA ARG A 90 2.20 10.53 -2.36
C ARG A 90 1.99 11.08 -3.77
N SER A 91 2.79 10.70 -4.77
CA SER A 91 2.54 11.17 -6.14
C SER A 91 1.24 10.61 -6.73
N LYS A 92 0.88 9.34 -6.49
CA LYS A 92 -0.45 8.83 -6.88
C LYS A 92 -1.60 9.63 -6.22
N ILE A 93 -1.53 9.89 -4.92
CA ILE A 93 -2.63 10.57 -4.18
C ILE A 93 -2.61 12.11 -4.31
N GLU A 94 -1.52 12.69 -4.81
CA GLU A 94 -1.44 14.10 -5.23
C GLU A 94 -2.06 14.29 -6.63
N LYS A 95 -1.79 13.38 -7.56
CA LYS A 95 -2.35 13.43 -8.93
C LYS A 95 -3.86 13.11 -8.95
N ASN A 96 -4.32 12.10 -8.20
CA ASN A 96 -5.73 11.70 -8.11
C ASN A 96 -6.60 12.69 -7.29
N PRO A 97 -7.93 12.74 -7.51
CA PRO A 97 -8.87 13.51 -6.69
C PRO A 97 -9.13 12.88 -5.31
N LYS A 98 -8.90 11.56 -5.16
CA LYS A 98 -8.80 10.86 -3.87
C LYS A 98 -7.72 11.49 -2.95
N GLN A 99 -7.98 11.57 -1.64
CA GLN A 99 -7.11 12.24 -0.64
C GLN A 99 -6.85 11.32 0.56
N PRO A 100 -5.86 11.62 1.44
CA PRO A 100 -5.66 10.92 2.71
C PRO A 100 -6.54 11.51 3.83
N GLN A 101 -6.69 10.73 4.91
CA GLN A 101 -7.29 11.11 6.19
C GLN A 101 -7.04 10.05 7.26
N TYR A 102 -7.10 8.76 6.92
CA TYR A 102 -6.79 7.65 7.87
C TYR A 102 -5.35 7.15 7.83
N ILE A 103 -4.44 7.85 7.14
CA ILE A 103 -2.99 7.63 7.23
C ILE A 103 -2.24 8.95 7.45
N ILE A 104 -1.26 8.94 8.35
CA ILE A 104 -0.40 10.10 8.70
C ILE A 104 1.09 9.72 8.76
N SER A 105 2.02 10.67 8.63
CA SER A 105 3.46 10.41 8.74
C SER A 105 3.92 10.28 10.21
N VAL A 106 4.92 9.42 10.41
CA VAL A 106 5.72 9.29 11.66
C VAL A 106 7.20 9.51 11.28
N ARG A 107 7.57 10.80 11.21
CA ARG A 107 8.94 11.33 10.97
C ARG A 107 9.51 11.01 9.57
N GLY A 108 8.72 10.39 8.68
CA GLY A 108 9.19 9.75 7.44
C GLY A 108 9.87 8.38 7.65
N ILE A 109 9.95 7.91 8.90
CA ILE A 109 10.54 6.60 9.29
C ILE A 109 9.45 5.51 9.23
N GLY A 110 8.23 5.85 9.62
CA GLY A 110 7.03 5.12 9.22
C GLY A 110 5.83 6.03 8.93
N TYR A 111 4.69 5.44 8.60
CA TYR A 111 3.39 6.13 8.57
C TYR A 111 2.38 5.39 9.46
N LYS A 112 1.53 6.11 10.20
CA LYS A 112 0.54 5.52 11.10
C LYS A 112 -0.83 5.43 10.41
N LEU A 113 -1.47 4.26 10.49
CA LEU A 113 -2.80 3.97 9.98
C LEU A 113 -3.64 3.37 11.13
N GLU A 114 -4.96 3.40 11.05
CA GLU A 114 -5.85 2.75 12.03
C GLU A 114 -7.18 2.33 11.38
N TYR A 115 -7.79 1.27 11.91
CA TYR A 115 -9.07 0.69 11.48
C TYR A 115 -10.31 1.56 11.81
N GLY A 11 -21.19 -11.17 -14.62
CA GLY A 11 -20.05 -10.51 -15.29
C GLY A 11 -18.84 -10.39 -14.35
N SER A 12 -18.06 -9.30 -14.50
CA SER A 12 -16.93 -8.92 -13.63
C SER A 12 -15.61 -9.69 -13.93
N GLU A 13 -15.58 -10.47 -15.02
CA GLU A 13 -14.39 -11.21 -15.49
C GLU A 13 -13.39 -10.27 -16.20
N GLU A 14 -12.12 -10.68 -16.25
CA GLU A 14 -11.00 -9.92 -16.82
C GLU A 14 -9.84 -10.87 -17.21
N VAL A 15 -8.96 -10.44 -18.11
CA VAL A 15 -7.83 -11.26 -18.65
C VAL A 15 -6.76 -11.61 -17.59
N SER A 16 -6.78 -10.93 -16.43
CA SER A 16 -5.95 -11.25 -15.25
C SER A 16 -6.88 -11.33 -14.01
N GLU A 17 -6.68 -12.33 -13.14
CA GLU A 17 -7.65 -12.68 -12.09
C GLU A 17 -7.67 -11.65 -10.94
N PRO A 18 -8.78 -10.91 -10.70
CA PRO A 18 -8.91 -9.98 -9.59
C PRO A 18 -9.11 -10.72 -8.24
N GLY A 19 -9.03 -9.99 -7.13
CA GLY A 19 -9.19 -10.54 -5.77
C GLY A 19 -9.82 -9.57 -4.79
N ASP A 20 -10.16 -10.05 -3.59
CA ASP A 20 -10.74 -9.25 -2.51
C ASP A 20 -10.51 -9.85 -1.11
N ALA A 21 -10.62 -8.99 -0.09
CA ALA A 21 -10.33 -9.29 1.31
C ALA A 21 -11.00 -8.27 2.25
N ASN A 22 -12.33 -8.36 2.35
CA ASN A 22 -13.19 -7.69 3.35
C ASN A 22 -13.09 -6.15 3.34
N ILE A 23 -12.08 -5.58 4.01
CA ILE A 23 -11.84 -4.12 4.10
C ILE A 23 -11.11 -3.61 2.85
N PHE A 24 -10.46 -4.47 2.06
CA PHE A 24 -9.80 -4.11 0.81
C PHE A 24 -10.15 -5.03 -0.37
N ARG A 25 -9.85 -4.58 -1.59
CA ARG A 25 -10.14 -5.24 -2.87
C ARG A 25 -8.98 -5.00 -3.85
N VAL A 26 -8.63 -5.99 -4.68
CA VAL A 26 -7.44 -5.97 -5.56
C VAL A 26 -7.84 -6.07 -7.03
N ASP A 27 -7.32 -5.16 -7.87
CA ASP A 27 -7.47 -5.19 -9.33
C ASP A 27 -6.14 -5.60 -9.99
N LYS A 28 -6.19 -6.68 -10.78
CA LYS A 28 -4.99 -7.33 -11.33
C LYS A 28 -4.54 -6.76 -12.70
N ASP A 29 -5.44 -6.09 -13.43
CA ASP A 29 -5.15 -5.49 -14.74
C ASP A 29 -4.43 -4.15 -14.58
N SER A 30 -4.92 -3.30 -13.68
CA SER A 30 -4.28 -2.04 -13.28
C SER A 30 -3.24 -2.23 -12.15
N ARG A 31 -3.11 -3.46 -11.60
CA ARG A 31 -2.09 -3.89 -10.63
C ARG A 31 -2.14 -3.07 -9.32
N GLU A 32 -3.34 -2.81 -8.80
CA GLU A 32 -3.60 -1.88 -7.70
C GLU A 32 -4.51 -2.46 -6.61
N VAL A 33 -4.62 -1.76 -5.48
CA VAL A 33 -5.45 -2.16 -4.32
C VAL A 33 -6.34 -1.00 -3.86
N TYR A 34 -7.56 -1.31 -3.43
CA TYR A 34 -8.57 -0.38 -2.94
C TYR A 34 -8.86 -0.68 -1.47
N MET A 35 -8.58 0.25 -0.56
CA MET A 35 -9.07 0.26 0.81
C MET A 35 -10.49 0.84 0.82
N HIS A 36 -11.32 0.48 1.79
CA HIS A 36 -12.68 0.98 1.97
C HIS A 36 -12.79 2.53 2.00
N GLU A 37 -11.70 3.23 2.35
CA GLU A 37 -11.58 4.69 2.39
C GLU A 37 -10.64 5.29 1.31
N LYS A 38 -9.95 4.48 0.48
CA LYS A 38 -8.88 4.99 -0.39
C LYS A 38 -8.49 4.11 -1.60
N LYS A 39 -8.36 4.72 -2.79
CA LYS A 39 -7.84 4.11 -4.03
C LYS A 39 -6.30 4.16 -4.05
N LEU A 40 -5.61 3.02 -4.15
CA LEU A 40 -4.15 2.88 -3.96
C LEU A 40 -3.50 2.01 -5.04
N ASP A 41 -2.93 2.67 -6.03
CA ASP A 41 -2.04 2.07 -7.02
C ASP A 41 -0.58 2.42 -6.69
N LEU A 42 0.36 1.52 -6.98
CA LEU A 42 1.80 1.73 -6.77
C LEU A 42 2.62 0.74 -7.62
N THR A 43 2.93 -0.44 -7.07
CA THR A 43 3.60 -1.58 -7.72
C THR A 43 3.31 -2.85 -6.93
N ARG A 44 3.51 -4.03 -7.53
CA ARG A 44 2.98 -5.30 -6.98
C ARG A 44 3.42 -5.57 -5.53
N ALA A 45 4.69 -5.33 -5.22
CA ALA A 45 5.27 -5.46 -3.89
C ALA A 45 4.62 -4.47 -2.88
N GLU A 46 4.33 -3.24 -3.29
CA GLU A 46 3.71 -2.21 -2.46
C GLU A 46 2.22 -2.47 -2.21
N TYR A 47 1.56 -3.03 -3.22
CA TYR A 47 0.25 -3.64 -3.04
C TYR A 47 0.29 -4.77 -1.99
N GLU A 48 1.30 -5.63 -2.05
CA GLU A 48 1.53 -6.70 -1.08
C GLU A 48 1.64 -6.18 0.37
N ILE A 49 2.48 -5.16 0.64
CA ILE A 49 2.65 -4.62 2.00
C ILE A 49 1.38 -3.92 2.49
N LEU A 50 0.73 -3.11 1.64
CA LEU A 50 -0.49 -2.40 2.06
C LEU A 50 -1.65 -3.38 2.29
N SER A 51 -1.76 -4.44 1.49
CA SER A 51 -2.66 -5.57 1.76
C SER A 51 -2.40 -6.21 3.13
N LEU A 52 -1.14 -6.54 3.49
CA LEU A 52 -0.86 -7.03 4.84
C LEU A 52 -1.27 -6.01 5.90
N LEU A 53 -1.04 -4.71 5.65
CA LEU A 53 -1.37 -3.63 6.60
C LEU A 53 -2.86 -3.58 6.92
N ILE A 54 -3.72 -3.57 5.91
CA ILE A 54 -5.19 -3.55 6.12
C ILE A 54 -5.69 -4.89 6.67
N SER A 55 -5.08 -6.01 6.28
CA SER A 55 -5.44 -7.35 6.81
C SER A 55 -5.13 -7.49 8.32
N LYS A 56 -3.94 -7.04 8.77
CA LYS A 56 -3.50 -7.21 10.17
C LYS A 56 -4.01 -6.11 11.12
N LYS A 57 -4.04 -4.86 10.64
CA LYS A 57 -4.47 -3.56 11.23
C LYS A 57 -3.43 -2.44 10.98
N GLY A 58 -3.90 -1.19 11.03
CA GLY A 58 -3.16 0.01 10.61
C GLY A 58 -1.77 0.17 11.24
N TYR A 59 -1.68 0.31 12.57
CA TYR A 59 -0.44 0.34 13.33
C TYR A 59 0.46 1.50 12.85
N VAL A 60 1.78 1.39 13.05
CA VAL A 60 2.77 2.22 12.36
C VAL A 60 3.50 1.37 11.32
N PHE A 61 3.26 1.70 10.04
CA PHE A 61 3.80 1.05 8.84
C PHE A 61 5.28 1.45 8.68
N SER A 62 6.19 0.55 9.05
CA SER A 62 7.61 0.88 9.33
C SER A 62 8.59 0.20 8.37
N ARG A 63 9.71 0.83 8.01
CA ARG A 63 10.68 0.30 7.04
C ARG A 63 11.17 -1.14 7.32
N GLU A 64 11.34 -1.53 8.58
CA GLU A 64 11.69 -2.91 8.96
C GLU A 64 10.54 -3.89 8.67
N SER A 65 9.33 -3.60 9.19
CA SER A 65 8.14 -4.43 8.95
C SER A 65 7.79 -4.53 7.45
N ILE A 66 7.91 -3.42 6.73
CA ILE A 66 7.87 -3.33 5.25
C ILE A 66 8.82 -4.34 4.60
N ALA A 67 10.11 -4.28 4.90
CA ALA A 67 11.14 -5.17 4.39
C ALA A 67 10.95 -6.63 4.84
N ILE A 68 10.26 -6.86 5.96
CA ILE A 68 9.87 -8.19 6.42
C ILE A 68 8.73 -8.75 5.56
N GLU A 69 7.79 -7.91 5.08
CA GLU A 69 6.74 -8.39 4.17
C GLU A 69 7.15 -8.32 2.68
N SER A 70 7.37 -7.12 2.10
CA SER A 70 7.38 -7.01 0.62
C SER A 70 8.73 -7.43 0.01
N GLU A 71 9.84 -7.00 0.62
CA GLU A 71 11.15 -7.69 0.64
C GLU A 71 11.89 -7.75 -0.72
N SER A 72 11.36 -7.11 -1.78
CA SER A 72 11.93 -7.14 -3.15
C SER A 72 13.17 -6.22 -3.32
N ILE A 73 13.88 -5.94 -2.22
CA ILE A 73 14.95 -4.95 -2.05
C ILE A 73 16.05 -5.54 -1.15
N ASN A 74 17.32 -5.36 -1.51
CA ASN A 74 18.45 -6.04 -0.88
C ASN A 74 18.73 -5.64 0.61
N PRO A 75 18.88 -4.35 0.97
CA PRO A 75 19.15 -3.95 2.36
C PRO A 75 17.92 -4.12 3.26
N GLU A 76 18.15 -4.61 4.49
CA GLU A 76 17.09 -4.92 5.47
C GLU A 76 16.46 -3.65 6.09
N SER A 77 17.19 -2.53 6.12
CA SER A 77 16.60 -1.23 6.52
C SER A 77 15.68 -0.66 5.43
N SER A 78 15.96 -0.93 4.15
CA SER A 78 15.10 -0.62 2.98
C SER A 78 14.77 0.87 2.79
N ASN A 79 15.58 1.80 3.32
CA ASN A 79 15.23 3.23 3.37
C ASN A 79 14.95 3.86 1.98
N LYS A 80 15.57 3.37 0.90
CA LYS A 80 15.26 3.79 -0.47
C LYS A 80 13.99 3.11 -1.02
N SER A 81 13.62 1.93 -0.51
CA SER A 81 12.27 1.38 -0.72
C SER A 81 11.24 2.34 -0.11
N ILE A 82 11.27 2.60 1.21
CA ILE A 82 10.21 3.42 1.84
C ILE A 82 10.10 4.83 1.26
N ASP A 83 11.23 5.40 0.88
CA ASP A 83 11.32 6.66 0.12
C ASP A 83 10.57 6.59 -1.23
N VAL A 84 10.83 5.57 -2.07
CA VAL A 84 10.03 5.33 -3.30
C VAL A 84 8.56 5.10 -2.97
N ILE A 85 8.28 4.28 -1.95
CA ILE A 85 6.92 3.84 -1.64
C ILE A 85 6.10 5.05 -1.22
N ILE A 86 6.51 5.77 -0.18
CA ILE A 86 5.79 6.95 0.34
C ILE A 86 5.75 8.07 -0.70
N GLY A 87 6.86 8.34 -1.40
CA GLY A 87 6.92 9.41 -2.42
C GLY A 87 5.98 9.14 -3.59
N ARG A 88 5.98 7.91 -4.13
CA ARG A 88 5.18 7.55 -5.30
C ARG A 88 3.73 7.17 -4.94
N LEU A 89 3.43 6.72 -3.71
CA LEU A 89 2.07 6.70 -3.12
C LEU A 89 1.50 8.13 -3.13
N ARG A 90 2.24 9.10 -2.57
CA ARG A 90 1.87 10.53 -2.58
C ARG A 90 1.57 11.01 -4.00
N SER A 91 2.44 10.70 -4.95
CA SER A 91 2.20 11.00 -6.37
C SER A 91 0.88 10.41 -6.89
N LYS A 92 0.60 9.13 -6.64
CA LYS A 92 -0.64 8.49 -7.08
C LYS A 92 -1.90 9.11 -6.42
N ILE A 93 -1.86 9.45 -5.12
CA ILE A 93 -2.98 10.11 -4.42
C ILE A 93 -3.07 11.63 -4.62
N GLU A 94 -2.07 12.25 -5.25
CA GLU A 94 -2.11 13.63 -5.74
C GLU A 94 -2.70 13.68 -7.16
N LYS A 95 -2.37 12.72 -8.02
CA LYS A 95 -2.90 12.61 -9.39
C LYS A 95 -4.38 12.18 -9.42
N ASN A 96 -4.78 11.20 -8.61
CA ASN A 96 -6.19 10.92 -8.31
C ASN A 96 -6.76 11.94 -7.29
N PRO A 97 -8.08 12.23 -7.29
CA PRO A 97 -8.70 13.17 -6.36
C PRO A 97 -8.82 12.62 -4.93
N LYS A 98 -8.79 11.29 -4.75
CA LYS A 98 -8.87 10.63 -3.44
C LYS A 98 -7.56 10.82 -2.63
N GLN A 99 -7.59 11.73 -1.66
CA GLN A 99 -6.44 12.16 -0.84
C GLN A 99 -6.47 11.50 0.57
N PRO A 100 -5.34 11.47 1.31
CA PRO A 100 -5.23 10.86 2.64
C PRO A 100 -6.01 11.63 3.71
N GLN A 101 -6.34 10.91 4.78
CA GLN A 101 -7.02 11.41 5.98
C GLN A 101 -6.84 10.45 7.17
N TYR A 102 -6.83 9.12 6.95
CA TYR A 102 -6.58 8.11 8.01
C TYR A 102 -5.13 7.61 8.09
N ILE A 103 -4.19 8.24 7.38
CA ILE A 103 -2.74 8.01 7.58
C ILE A 103 -2.01 9.30 7.99
N ILE A 104 -1.13 9.19 8.98
CA ILE A 104 -0.30 10.26 9.59
C ILE A 104 1.21 9.92 9.49
N SER A 105 2.08 10.92 9.39
CA SER A 105 3.53 10.76 9.23
C SER A 105 4.25 10.63 10.60
N VAL A 106 5.18 9.68 10.72
CA VAL A 106 6.12 9.53 11.87
C VAL A 106 7.57 9.54 11.36
N ARG A 107 8.17 10.74 11.29
CA ARG A 107 9.58 11.02 10.96
C ARG A 107 10.01 10.64 9.52
N GLY A 108 9.07 10.17 8.68
CA GLY A 108 9.35 9.56 7.36
C GLY A 108 9.79 8.09 7.42
N ILE A 109 9.85 7.49 8.63
CA ILE A 109 10.34 6.12 8.88
C ILE A 109 9.18 5.17 9.24
N GLY A 110 8.18 5.67 9.99
CA GLY A 110 6.88 5.04 10.18
C GLY A 110 5.75 5.90 9.64
N TYR A 111 4.65 5.28 9.21
CA TYR A 111 3.39 5.97 8.96
C TYR A 111 2.24 5.33 9.72
N LYS A 112 1.61 6.14 10.57
CA LYS A 112 0.58 5.72 11.51
C LYS A 112 -0.80 5.68 10.84
N LEU A 113 -1.52 4.58 11.01
CA LEU A 113 -2.80 4.28 10.36
C LEU A 113 -3.70 3.57 11.39
N GLU A 114 -5.02 3.62 11.22
CA GLU A 114 -5.98 2.89 12.08
C GLU A 114 -7.21 2.42 11.28
N TYR A 115 -7.78 1.30 11.72
CA TYR A 115 -8.95 0.63 11.13
C TYR A 115 -10.28 1.37 11.35
N GLY A 11 -24.09 -5.77 -14.10
CA GLY A 11 -23.67 -6.83 -15.04
C GLY A 11 -22.16 -6.85 -15.24
N SER A 12 -21.67 -7.73 -16.12
CA SER A 12 -20.24 -7.93 -16.42
C SER A 12 -20.03 -8.63 -17.79
N GLU A 13 -18.90 -8.33 -18.44
CA GLU A 13 -18.55 -8.80 -19.80
C GLU A 13 -17.03 -9.02 -19.99
N GLU A 14 -16.19 -8.51 -19.08
CA GLU A 14 -14.73 -8.58 -19.14
C GLU A 14 -14.17 -10.00 -18.93
N VAL A 15 -13.06 -10.32 -19.61
CA VAL A 15 -12.45 -11.68 -19.61
C VAL A 15 -11.58 -11.99 -18.39
N SER A 16 -11.36 -11.00 -17.51
CA SER A 16 -10.56 -11.10 -16.27
C SER A 16 -11.22 -10.29 -15.13
N GLU A 17 -10.97 -10.67 -13.87
CA GLU A 17 -11.68 -10.16 -12.69
C GLU A 17 -10.72 -9.90 -11.50
N PRO A 18 -11.07 -8.98 -10.58
CA PRO A 18 -10.30 -8.69 -9.37
C PRO A 18 -10.44 -9.79 -8.31
N GLY A 19 -9.54 -9.75 -7.31
CA GLY A 19 -9.61 -10.54 -6.07
C GLY A 19 -9.88 -9.63 -4.87
N ASP A 20 -10.89 -9.94 -4.06
CA ASP A 20 -11.32 -9.11 -2.94
C ASP A 20 -10.87 -9.70 -1.58
N ALA A 21 -10.69 -8.85 -0.57
CA ALA A 21 -10.13 -9.17 0.74
C ALA A 21 -10.77 -8.33 1.87
N ASN A 22 -12.11 -8.37 1.95
CA ASN A 22 -12.95 -7.99 3.09
C ASN A 22 -12.92 -6.47 3.40
N ILE A 23 -11.83 -5.96 3.98
CA ILE A 23 -11.59 -4.53 4.25
C ILE A 23 -10.93 -3.85 3.04
N PHE A 24 -10.32 -4.61 2.13
CA PHE A 24 -9.70 -4.13 0.91
C PHE A 24 -9.98 -5.04 -0.30
N ARG A 25 -9.44 -4.69 -1.46
CA ARG A 25 -9.54 -5.45 -2.72
C ARG A 25 -8.30 -5.21 -3.57
N VAL A 26 -7.92 -6.18 -4.39
CA VAL A 26 -6.86 -6.03 -5.41
C VAL A 26 -7.43 -6.17 -6.84
N ASP A 27 -7.13 -5.17 -7.69
CA ASP A 27 -7.47 -5.15 -9.11
C ASP A 27 -6.19 -5.37 -9.92
N LYS A 28 -6.01 -6.60 -10.42
CA LYS A 28 -4.79 -7.01 -11.16
C LYS A 28 -4.71 -6.49 -12.60
N ASP A 29 -5.82 -5.99 -13.17
CA ASP A 29 -5.92 -5.55 -14.57
C ASP A 29 -5.10 -4.28 -14.82
N SER A 30 -5.28 -3.29 -13.94
CA SER A 30 -4.47 -2.05 -13.89
C SER A 30 -3.38 -2.08 -12.81
N ARG A 31 -3.42 -3.07 -11.91
CA ARG A 31 -2.49 -3.33 -10.79
C ARG A 31 -2.60 -2.25 -9.71
N GLU A 32 -3.67 -2.35 -8.91
CA GLU A 32 -4.10 -1.34 -7.92
C GLU A 32 -4.88 -2.01 -6.77
N VAL A 33 -5.01 -1.32 -5.62
CA VAL A 33 -5.51 -1.89 -4.34
C VAL A 33 -6.40 -0.90 -3.60
N TYR A 34 -7.64 -1.28 -3.31
CA TYR A 34 -8.70 -0.37 -2.83
C TYR A 34 -9.03 -0.67 -1.37
N MET A 35 -8.97 0.32 -0.48
CA MET A 35 -9.40 0.21 0.91
C MET A 35 -10.88 0.62 1.02
N HIS A 36 -11.60 0.08 2.00
CA HIS A 36 -12.96 0.52 2.37
C HIS A 36 -13.08 2.06 2.58
N GLU A 37 -11.97 2.71 2.95
CA GLU A 37 -11.87 4.15 3.14
C GLU A 37 -11.71 4.93 1.81
N LYS A 38 -11.01 4.38 0.80
CA LYS A 38 -10.60 5.01 -0.49
C LYS A 38 -9.55 4.20 -1.29
N LYS A 39 -9.34 4.51 -2.58
CA LYS A 39 -8.52 3.74 -3.52
C LYS A 39 -6.99 4.04 -3.49
N LEU A 40 -6.12 3.06 -3.73
CA LEU A 40 -4.67 3.22 -3.91
C LEU A 40 -4.16 2.37 -5.09
N ASP A 41 -2.99 2.72 -5.61
CA ASP A 41 -2.62 2.41 -7.01
C ASP A 41 -1.15 1.99 -7.19
N LEU A 42 -0.54 1.42 -6.14
CA LEU A 42 0.89 1.15 -6.04
C LEU A 42 1.30 -0.26 -6.53
N THR A 43 2.62 -0.57 -6.52
CA THR A 43 3.18 -1.73 -7.25
C THR A 43 3.11 -3.00 -6.42
N ARG A 44 3.44 -4.16 -7.00
CA ARG A 44 3.33 -5.48 -6.34
C ARG A 44 3.86 -5.51 -4.90
N ALA A 45 5.02 -4.90 -4.65
CA ALA A 45 5.65 -4.88 -3.32
C ALA A 45 4.87 -3.99 -2.34
N GLU A 46 4.53 -2.79 -2.78
CA GLU A 46 3.74 -1.82 -2.03
C GLU A 46 2.31 -2.32 -1.74
N TYR A 47 1.71 -3.00 -2.70
CA TYR A 47 0.47 -3.76 -2.52
C TYR A 47 0.63 -4.80 -1.42
N GLU A 48 1.67 -5.64 -1.50
CA GLU A 48 1.92 -6.70 -0.52
C GLU A 48 1.97 -6.13 0.91
N ILE A 49 2.69 -5.02 1.15
CA ILE A 49 2.70 -4.40 2.48
C ILE A 49 1.35 -3.77 2.87
N LEU A 50 0.69 -3.03 1.99
CA LEU A 50 -0.59 -2.36 2.29
C LEU A 50 -1.68 -3.41 2.59
N SER A 51 -1.85 -4.39 1.71
CA SER A 51 -2.61 -5.64 1.91
C SER A 51 -2.39 -6.27 3.29
N LEU A 52 -1.15 -6.68 3.62
CA LEU A 52 -0.90 -7.38 4.88
C LEU A 52 -1.14 -6.46 6.08
N LEU A 53 -0.89 -5.16 5.91
CA LEU A 53 -1.07 -4.16 6.96
C LEU A 53 -2.55 -3.92 7.28
N ILE A 54 -3.41 -3.71 6.28
CA ILE A 54 -4.86 -3.67 6.49
C ILE A 54 -5.38 -5.01 7.05
N SER A 55 -4.88 -6.14 6.56
CA SER A 55 -5.29 -7.47 7.05
C SER A 55 -4.97 -7.68 8.55
N LYS A 56 -3.79 -7.25 9.03
CA LYS A 56 -3.37 -7.42 10.44
C LYS A 56 -3.83 -6.29 11.39
N LYS A 57 -4.05 -5.08 10.84
CA LYS A 57 -4.47 -3.78 11.41
C LYS A 57 -3.47 -2.66 11.04
N GLY A 58 -4.00 -1.44 10.82
CA GLY A 58 -3.29 -0.29 10.26
C GLY A 58 -1.91 -0.01 10.87
N TYR A 59 -1.78 -0.01 12.20
CA TYR A 59 -0.49 0.03 12.90
C TYR A 59 0.35 1.21 12.38
N VAL A 60 1.63 0.96 12.14
CA VAL A 60 2.53 1.83 11.39
C VAL A 60 3.20 1.03 10.27
N PHE A 61 3.14 1.55 9.04
CA PHE A 61 4.00 1.17 7.92
C PHE A 61 5.45 1.57 8.26
N SER A 62 6.26 0.62 8.73
CA SER A 62 7.60 0.85 9.31
C SER A 62 8.70 0.14 8.52
N ARG A 63 9.81 0.83 8.24
CA ARG A 63 11.00 0.35 7.50
C ARG A 63 11.32 -1.15 7.68
N GLU A 64 11.59 -1.63 8.90
CA GLU A 64 11.90 -3.03 9.19
C GLU A 64 10.72 -3.97 8.90
N SER A 65 9.49 -3.60 9.31
CA SER A 65 8.28 -4.37 9.02
C SER A 65 8.01 -4.48 7.51
N ILE A 66 8.28 -3.40 6.77
CA ILE A 66 8.21 -3.38 5.29
C ILE A 66 9.22 -4.36 4.67
N ALA A 67 10.48 -4.30 5.09
CA ALA A 67 11.52 -5.22 4.66
C ALA A 67 11.22 -6.68 5.03
N ILE A 68 10.45 -6.91 6.09
CA ILE A 68 9.92 -8.24 6.44
C ILE A 68 8.77 -8.65 5.51
N GLU A 69 7.81 -7.75 5.23
CA GLU A 69 6.53 -8.14 4.61
C GLU A 69 6.44 -7.93 3.09
N SER A 70 7.16 -6.97 2.47
CA SER A 70 7.25 -6.89 0.99
C SER A 70 8.58 -7.49 0.48
N GLU A 71 9.71 -7.11 1.09
CA GLU A 71 11.03 -7.76 0.96
C GLU A 71 11.65 -7.66 -0.46
N SER A 72 11.12 -6.79 -1.33
CA SER A 72 11.53 -6.70 -2.75
C SER A 72 12.92 -6.04 -2.94
N ILE A 73 13.37 -5.24 -1.96
CA ILE A 73 14.65 -4.50 -1.97
C ILE A 73 15.56 -5.03 -0.85
N ASN A 74 16.86 -5.16 -1.14
CA ASN A 74 17.79 -6.02 -0.38
C ASN A 74 18.03 -5.65 1.11
N PRO A 75 18.43 -4.41 1.48
CA PRO A 75 18.79 -4.08 2.87
C PRO A 75 17.57 -4.00 3.79
N GLU A 76 17.74 -4.49 5.03
CA GLU A 76 16.68 -4.54 6.06
C GLU A 76 16.31 -3.15 6.62
N SER A 77 17.18 -2.16 6.45
CA SER A 77 16.91 -0.74 6.77
C SER A 77 15.90 -0.11 5.78
N SER A 78 15.78 -0.68 4.57
CA SER A 78 14.73 -0.44 3.55
C SER A 78 14.69 0.95 2.92
N ASN A 79 15.55 1.89 3.33
CA ASN A 79 15.28 3.33 3.24
C ASN A 79 14.86 3.82 1.84
N LYS A 80 15.50 3.32 0.77
CA LYS A 80 15.13 3.68 -0.62
C LYS A 80 13.99 2.84 -1.21
N SER A 81 13.68 1.68 -0.64
CA SER A 81 12.35 1.07 -0.82
C SER A 81 11.30 2.02 -0.23
N ILE A 82 11.43 2.40 1.05
CA ILE A 82 10.50 3.33 1.72
C ILE A 82 10.38 4.70 1.02
N ASP A 83 11.45 5.21 0.40
CA ASP A 83 11.38 6.40 -0.49
C ASP A 83 10.48 6.16 -1.70
N VAL A 84 10.56 4.99 -2.37
CA VAL A 84 9.59 4.62 -3.43
C VAL A 84 8.18 4.53 -2.86
N ILE A 85 7.98 3.90 -1.69
CA ILE A 85 6.64 3.77 -1.11
C ILE A 85 6.03 5.14 -0.83
N ILE A 86 6.67 5.97 0.00
CA ILE A 86 6.15 7.29 0.38
C ILE A 86 6.00 8.19 -0.85
N GLY A 87 7.04 8.27 -1.69
CA GLY A 87 7.09 9.19 -2.83
C GLY A 87 6.12 8.81 -3.93
N ARG A 88 5.97 7.51 -4.22
CA ARG A 88 5.06 7.05 -5.28
C ARG A 88 3.60 7.00 -4.78
N LEU A 89 3.33 6.70 -3.50
CA LEU A 89 2.02 6.90 -2.87
C LEU A 89 1.64 8.38 -2.94
N ARG A 90 2.52 9.29 -2.51
CA ARG A 90 2.31 10.76 -2.65
C ARG A 90 2.03 11.15 -4.11
N SER A 91 2.80 10.66 -5.07
CA SER A 91 2.58 10.93 -6.50
C SER A 91 1.19 10.50 -6.98
N LYS A 92 0.75 9.29 -6.61
CA LYS A 92 -0.62 8.85 -6.93
C LYS A 92 -1.69 9.73 -6.26
N ILE A 93 -1.60 10.00 -4.96
CA ILE A 93 -2.66 10.75 -4.21
C ILE A 93 -2.64 12.27 -4.46
N GLU A 94 -1.55 12.81 -5.01
CA GLU A 94 -1.46 14.19 -5.48
C GLU A 94 -2.03 14.33 -6.91
N LYS A 95 -1.70 13.40 -7.82
CA LYS A 95 -2.13 13.46 -9.22
C LYS A 95 -3.61 13.04 -9.43
N ASN A 96 -4.09 12.03 -8.69
CA ASN A 96 -5.50 11.60 -8.67
C ASN A 96 -6.33 12.41 -7.61
N PRO A 97 -7.67 12.30 -7.59
CA PRO A 97 -8.52 13.09 -6.68
C PRO A 97 -8.61 12.50 -5.26
N LYS A 98 -7.95 11.38 -4.97
CA LYS A 98 -7.99 10.71 -3.65
C LYS A 98 -7.13 11.46 -2.63
N GLN A 99 -7.71 12.35 -1.82
CA GLN A 99 -6.99 13.02 -0.72
C GLN A 99 -6.94 12.11 0.54
N PRO A 100 -5.84 12.14 1.33
CA PRO A 100 -5.71 11.37 2.57
C PRO A 100 -6.46 12.03 3.73
N GLN A 101 -6.74 11.22 4.75
CA GLN A 101 -7.26 11.66 6.05
C GLN A 101 -6.99 10.63 7.16
N TYR A 102 -7.06 9.31 6.88
CA TYR A 102 -6.85 8.28 7.91
C TYR A 102 -5.41 7.75 8.02
N ILE A 103 -4.53 8.08 7.06
CA ILE A 103 -3.09 7.81 7.14
C ILE A 103 -2.41 9.08 7.69
N ILE A 104 -1.57 8.95 8.73
CA ILE A 104 -0.76 10.03 9.33
C ILE A 104 0.75 9.77 9.14
N SER A 105 1.54 10.80 8.88
CA SER A 105 3.00 10.70 8.72
C SER A 105 3.75 10.79 10.07
N VAL A 106 4.76 9.93 10.26
CA VAL A 106 5.69 9.94 11.41
C VAL A 106 7.13 9.81 10.88
N ARG A 107 7.61 10.89 10.23
CA ARG A 107 8.83 10.88 9.39
C ARG A 107 10.05 10.27 10.09
N GLY A 108 10.68 9.30 9.43
CA GLY A 108 11.84 8.52 9.89
C GLY A 108 11.47 7.19 10.54
N ILE A 109 10.32 7.13 11.23
CA ILE A 109 9.77 5.92 11.87
C ILE A 109 8.88 5.17 10.86
N GLY A 110 7.93 5.87 10.24
CA GLY A 110 6.95 5.29 9.32
C GLY A 110 5.69 6.13 9.13
N TYR A 111 4.64 5.50 8.59
CA TYR A 111 3.30 6.13 8.44
C TYR A 111 2.22 5.31 9.17
N LYS A 112 1.51 5.99 10.05
CA LYS A 112 0.47 5.44 10.92
C LYS A 112 -0.86 5.30 10.17
N LEU A 113 -1.57 4.19 10.39
CA LEU A 113 -2.93 3.95 9.91
C LEU A 113 -3.73 3.21 10.99
N GLU A 114 -5.05 3.12 10.84
CA GLU A 114 -5.94 2.37 11.75
C GLU A 114 -7.06 1.63 11.00
N TYR A 115 -7.62 0.60 11.66
CA TYR A 115 -8.73 -0.24 11.19
C TYR A 115 -10.10 0.42 11.39
N GLY A 11 -9.29 -16.01 -9.11
CA GLY A 11 -10.13 -16.95 -8.32
C GLY A 11 -10.71 -18.06 -9.17
N SER A 12 -11.38 -19.04 -8.55
CA SER A 12 -11.88 -20.27 -9.22
C SER A 12 -13.02 -19.99 -10.21
N GLU A 13 -13.94 -19.09 -9.87
CA GLU A 13 -14.96 -18.54 -10.79
C GLU A 13 -14.51 -17.19 -11.37
N GLU A 14 -13.99 -16.29 -10.52
CA GLU A 14 -13.47 -14.96 -10.90
C GLU A 14 -12.08 -15.08 -11.56
N VAL A 15 -12.02 -15.78 -12.71
CA VAL A 15 -10.78 -16.07 -13.46
C VAL A 15 -10.25 -14.81 -14.18
N SER A 16 -11.15 -14.05 -14.82
CA SER A 16 -10.82 -12.82 -15.59
C SER A 16 -11.25 -11.54 -14.87
N GLU A 17 -11.49 -11.61 -13.56
CA GLU A 17 -12.09 -10.57 -12.72
C GLU A 17 -11.22 -10.26 -11.47
N PRO A 18 -11.38 -9.07 -10.84
CA PRO A 18 -10.61 -8.67 -9.66
C PRO A 18 -10.94 -9.52 -8.42
N GLY A 19 -10.02 -9.49 -7.45
CA GLY A 19 -10.14 -10.15 -6.14
C GLY A 19 -10.52 -9.18 -5.03
N ASP A 20 -11.01 -9.70 -3.91
CA ASP A 20 -11.53 -8.91 -2.79
C ASP A 20 -11.40 -9.67 -1.46
N ALA A 21 -11.10 -8.96 -0.36
CA ALA A 21 -11.01 -9.54 0.98
C ALA A 21 -11.24 -8.50 2.09
N ASN A 22 -12.32 -8.67 2.86
CA ASN A 22 -12.65 -7.90 4.07
C ASN A 22 -12.68 -6.37 3.83
N ILE A 23 -11.62 -5.65 4.22
CA ILE A 23 -11.52 -4.17 4.16
C ILE A 23 -10.81 -3.68 2.87
N PHE A 24 -10.24 -4.57 2.04
CA PHE A 24 -9.57 -4.21 0.80
C PHE A 24 -10.05 -5.01 -0.43
N ARG A 25 -9.70 -4.50 -1.62
CA ARG A 25 -10.06 -5.04 -2.93
C ARG A 25 -8.88 -4.88 -3.90
N VAL A 26 -8.53 -5.91 -4.67
CA VAL A 26 -7.35 -5.91 -5.56
C VAL A 26 -7.72 -6.08 -7.04
N ASP A 27 -7.15 -5.21 -7.89
CA ASP A 27 -7.16 -5.36 -9.35
C ASP A 27 -5.74 -5.74 -9.81
N LYS A 28 -5.56 -6.99 -10.24
CA LYS A 28 -4.26 -7.54 -10.67
C LYS A 28 -3.80 -7.05 -12.07
N ASP A 29 -4.75 -6.73 -12.95
CA ASP A 29 -4.48 -6.38 -14.36
C ASP A 29 -3.97 -4.93 -14.49
N SER A 30 -4.74 -3.97 -13.98
CA SER A 30 -4.32 -2.57 -13.85
C SER A 30 -3.25 -2.38 -12.75
N ARG A 31 -3.22 -3.30 -11.77
CA ARG A 31 -2.21 -3.47 -10.72
C ARG A 31 -2.33 -2.37 -9.66
N GLU A 32 -3.31 -2.55 -8.76
CA GLU A 32 -3.77 -1.55 -7.78
C GLU A 32 -4.59 -2.21 -6.65
N VAL A 33 -4.72 -1.55 -5.50
CA VAL A 33 -5.37 -2.09 -4.29
C VAL A 33 -6.16 -1.01 -3.55
N TYR A 34 -7.45 -1.21 -3.33
CA TYR A 34 -8.34 -0.25 -2.70
C TYR A 34 -8.55 -0.61 -1.23
N MET A 35 -8.55 0.39 -0.35
CA MET A 35 -9.01 0.31 1.03
C MET A 35 -10.47 0.79 1.07
N HIS A 36 -11.25 0.34 2.05
CA HIS A 36 -12.69 0.64 2.17
C HIS A 36 -13.03 2.16 2.16
N GLU A 37 -12.07 3.00 2.59
CA GLU A 37 -12.19 4.46 2.62
C GLU A 37 -11.71 5.13 1.33
N LYS A 38 -10.75 4.53 0.58
CA LYS A 38 -9.94 5.21 -0.45
C LYS A 38 -9.07 4.26 -1.31
N LYS A 39 -8.85 4.56 -2.61
CA LYS A 39 -8.01 3.75 -3.51
C LYS A 39 -6.48 3.91 -3.33
N LEU A 40 -5.66 2.89 -3.58
CA LEU A 40 -4.19 2.99 -3.70
C LEU A 40 -3.72 2.24 -4.96
N ASP A 41 -2.68 2.74 -5.62
CA ASP A 41 -2.40 2.39 -7.03
C ASP A 41 -0.91 2.07 -7.27
N LEU A 42 -0.22 1.60 -6.23
CA LEU A 42 1.22 1.28 -6.23
C LEU A 42 1.51 -0.12 -6.82
N THR A 43 2.77 -0.55 -6.74
CA THR A 43 3.35 -1.69 -7.50
C THR A 43 3.19 -2.97 -6.68
N ARG A 44 3.34 -4.15 -7.29
CA ARG A 44 3.03 -5.46 -6.68
C ARG A 44 3.54 -5.60 -5.22
N ALA A 45 4.81 -5.32 -4.96
CA ALA A 45 5.38 -5.38 -3.61
C ALA A 45 4.70 -4.41 -2.62
N GLU A 46 4.42 -3.18 -3.05
CA GLU A 46 3.76 -2.15 -2.25
C GLU A 46 2.28 -2.49 -1.98
N TYR A 47 1.66 -3.15 -2.96
CA TYR A 47 0.40 -3.85 -2.77
C TYR A 47 0.51 -4.94 -1.69
N GLU A 48 1.47 -5.86 -1.75
CA GLU A 48 1.65 -6.90 -0.71
C GLU A 48 1.75 -6.31 0.70
N ILE A 49 2.58 -5.26 0.91
CA ILE A 49 2.72 -4.66 2.24
C ILE A 49 1.43 -3.99 2.69
N LEU A 50 0.81 -3.11 1.88
CA LEU A 50 -0.36 -2.35 2.35
C LEU A 50 -1.61 -3.25 2.49
N SER A 51 -1.78 -4.23 1.59
CA SER A 51 -2.71 -5.35 1.78
C SER A 51 -2.53 -6.03 3.15
N LEU A 52 -1.33 -6.54 3.49
CA LEU A 52 -1.16 -7.20 4.77
C LEU A 52 -1.23 -6.26 5.97
N LEU A 53 -0.96 -4.97 5.77
CA LEU A 53 -1.13 -3.95 6.80
C LEU A 53 -2.61 -3.81 7.17
N ILE A 54 -3.50 -3.76 6.18
CA ILE A 54 -4.95 -3.83 6.41
C ILE A 54 -5.35 -5.19 7.01
N SER A 55 -4.81 -6.30 6.53
CA SER A 55 -5.09 -7.63 7.13
C SER A 55 -4.71 -7.74 8.62
N LYS A 56 -3.52 -7.26 9.03
CA LYS A 56 -3.04 -7.35 10.41
C LYS A 56 -3.68 -6.29 11.34
N LYS A 57 -3.92 -5.09 10.80
CA LYS A 57 -4.38 -3.80 11.39
C LYS A 57 -3.34 -2.68 11.15
N GLY A 58 -3.83 -1.44 10.99
CA GLY A 58 -3.07 -0.30 10.46
C GLY A 58 -1.69 -0.05 11.09
N TYR A 59 -1.59 0.01 12.43
CA TYR A 59 -0.34 0.00 13.18
C TYR A 59 0.54 1.23 12.82
N VAL A 60 1.84 1.17 13.10
CA VAL A 60 2.84 2.09 12.53
C VAL A 60 3.71 1.31 11.54
N PHE A 61 3.47 1.60 10.26
CA PHE A 61 4.03 0.96 9.07
C PHE A 61 5.49 1.40 8.89
N SER A 62 6.45 0.50 9.17
CA SER A 62 7.87 0.82 9.41
C SER A 62 8.81 0.10 8.43
N ARG A 63 9.97 0.68 8.09
CA ARG A 63 10.92 0.07 7.13
C ARG A 63 11.33 -1.39 7.43
N GLU A 64 11.51 -1.75 8.71
CA GLU A 64 11.78 -3.13 9.13
C GLU A 64 10.60 -4.06 8.84
N SER A 65 9.41 -3.69 9.31
CA SER A 65 8.16 -4.44 9.05
C SER A 65 7.91 -4.58 7.53
N ILE A 66 8.12 -3.50 6.77
CA ILE A 66 8.10 -3.49 5.29
C ILE A 66 9.08 -4.53 4.68
N ALA A 67 10.32 -4.52 5.13
CA ALA A 67 11.38 -5.44 4.70
C ALA A 67 11.07 -6.89 5.07
N ILE A 68 10.28 -7.12 6.12
CA ILE A 68 9.73 -8.44 6.45
C ILE A 68 8.57 -8.81 5.51
N GLU A 69 7.62 -7.88 5.25
CA GLU A 69 6.35 -8.21 4.61
C GLU A 69 6.32 -8.11 3.08
N SER A 70 7.06 -7.17 2.45
CA SER A 70 7.20 -7.14 0.97
C SER A 70 8.63 -7.42 0.52
N GLU A 71 9.64 -6.98 1.29
CA GLU A 71 11.07 -7.27 1.05
C GLU A 71 11.55 -6.67 -0.30
N SER A 72 11.03 -5.49 -0.67
CA SER A 72 11.36 -4.80 -1.91
C SER A 72 12.84 -4.36 -2.01
N ILE A 73 13.48 -4.15 -0.86
CA ILE A 73 14.92 -3.86 -0.68
C ILE A 73 15.40 -4.69 0.52
N ASN A 74 16.48 -5.46 0.34
CA ASN A 74 16.95 -6.45 1.32
C ASN A 74 17.44 -5.87 2.66
N PRO A 75 18.35 -4.86 2.71
CA PRO A 75 18.79 -4.25 3.97
C PRO A 75 17.64 -3.47 4.62
N GLU A 76 17.20 -3.92 5.79
CA GLU A 76 15.96 -3.50 6.44
C GLU A 76 15.92 -2.00 6.76
N SER A 77 17.05 -1.40 7.09
CA SER A 77 17.16 0.02 7.46
C SER A 77 17.17 0.99 6.27
N SER A 78 17.18 0.50 5.01
CA SER A 78 17.29 1.34 3.82
C SER A 78 15.99 2.12 3.52
N ASN A 79 15.98 3.41 3.88
CA ASN A 79 14.82 4.30 3.72
C ASN A 79 14.51 4.67 2.25
N LYS A 80 15.36 4.32 1.27
CA LYS A 80 15.10 4.56 -0.16
C LYS A 80 13.95 3.68 -0.70
N SER A 81 13.70 2.53 -0.08
CA SER A 81 12.41 1.82 -0.22
C SER A 81 11.25 2.75 0.18
N ILE A 82 11.24 3.29 1.40
CA ILE A 82 10.17 4.21 1.84
C ILE A 82 10.08 5.47 0.97
N ASP A 83 11.20 5.96 0.43
CA ASP A 83 11.22 7.07 -0.53
C ASP A 83 10.53 6.71 -1.87
N VAL A 84 10.75 5.51 -2.43
CA VAL A 84 9.95 5.01 -3.57
C VAL A 84 8.49 4.88 -3.16
N ILE A 85 8.21 4.24 -2.02
CA ILE A 85 6.85 3.86 -1.64
C ILE A 85 6.05 5.15 -1.42
N ILE A 86 6.46 5.99 -0.47
CA ILE A 86 5.75 7.22 -0.12
C ILE A 86 5.83 8.25 -1.24
N GLY A 87 6.95 8.32 -1.98
CA GLY A 87 7.08 9.23 -3.13
C GLY A 87 6.08 8.90 -4.23
N ARG A 88 5.96 7.62 -4.63
CA ARG A 88 5.03 7.20 -5.67
C ARG A 88 3.58 7.09 -5.15
N LEU A 89 3.34 6.82 -3.86
CA LEU A 89 2.02 6.98 -3.22
C LEU A 89 1.57 8.45 -3.35
N ARG A 90 2.42 9.40 -2.94
CA ARG A 90 2.20 10.84 -3.14
C ARG A 90 1.92 11.18 -4.61
N SER A 91 2.68 10.62 -5.57
CA SER A 91 2.38 10.78 -7.01
C SER A 91 0.98 10.28 -7.38
N LYS A 92 0.58 9.06 -6.99
CA LYS A 92 -0.78 8.56 -7.27
C LYS A 92 -1.87 9.44 -6.64
N ILE A 93 -1.72 9.90 -5.39
CA ILE A 93 -2.76 10.69 -4.67
C ILE A 93 -2.73 12.19 -4.98
N GLU A 94 -1.67 12.69 -5.63
CA GLU A 94 -1.62 14.03 -6.23
C GLU A 94 -2.26 14.04 -7.63
N LYS A 95 -2.02 13.01 -8.46
CA LYS A 95 -2.61 12.88 -9.78
C LYS A 95 -4.13 12.59 -9.73
N ASN A 96 -4.56 11.68 -8.86
CA ASN A 96 -5.98 11.37 -8.60
C ASN A 96 -6.61 12.40 -7.63
N PRO A 97 -7.95 12.60 -7.64
CA PRO A 97 -8.64 13.49 -6.69
C PRO A 97 -8.71 12.90 -5.27
N LYS A 98 -8.58 11.57 -5.11
CA LYS A 98 -8.52 10.87 -3.82
C LYS A 98 -7.34 11.33 -2.94
N GLN A 99 -7.61 11.93 -1.77
CA GLN A 99 -6.58 12.36 -0.80
C GLN A 99 -6.41 11.36 0.37
N PRO A 100 -5.25 11.34 1.06
CA PRO A 100 -5.11 10.73 2.39
C PRO A 100 -5.88 11.56 3.44
N GLN A 101 -6.15 10.92 4.57
CA GLN A 101 -7.07 11.40 5.61
C GLN A 101 -7.01 10.53 6.87
N TYR A 102 -6.98 9.19 6.75
CA TYR A 102 -6.75 8.29 7.91
C TYR A 102 -5.35 7.63 7.97
N ILE A 103 -4.38 8.14 7.20
CA ILE A 103 -2.94 7.84 7.40
C ILE A 103 -2.24 9.09 7.96
N ILE A 104 -1.37 8.92 8.97
CA ILE A 104 -0.52 9.98 9.56
C ILE A 104 0.97 9.57 9.47
N SER A 105 1.90 10.49 9.24
CA SER A 105 3.33 10.23 9.14
C SER A 105 4.07 10.50 10.47
N VAL A 106 5.07 9.66 10.78
CA VAL A 106 5.93 9.74 11.98
C VAL A 106 7.41 9.79 11.56
N ARG A 107 7.99 10.99 11.59
CA ARG A 107 9.41 11.32 11.34
C ARG A 107 9.93 11.02 9.91
N GLY A 108 9.06 10.56 9.01
CA GLY A 108 9.45 9.96 7.72
C GLY A 108 9.98 8.52 7.85
N ILE A 109 9.78 7.88 9.01
CA ILE A 109 10.32 6.55 9.37
C ILE A 109 9.19 5.53 9.52
N GLY A 110 8.13 5.85 10.29
CA GLY A 110 6.91 5.06 10.40
C GLY A 110 5.69 5.84 9.91
N TYR A 111 4.63 5.14 9.52
CA TYR A 111 3.35 5.75 9.12
C TYR A 111 2.18 5.08 9.84
N LYS A 112 1.53 5.86 10.68
CA LYS A 112 0.42 5.46 11.54
C LYS A 112 -0.87 5.33 10.71
N LEU A 113 -1.57 4.22 10.89
CA LEU A 113 -2.82 3.87 10.22
C LEU A 113 -3.74 3.13 11.20
N GLU A 114 -5.01 2.96 10.83
CA GLU A 114 -5.97 2.17 11.61
C GLU A 114 -6.97 1.39 10.73
N TYR A 115 -7.55 0.33 11.31
CA TYR A 115 -8.56 -0.56 10.71
C TYR A 115 -9.98 0.02 10.84
N GLY A 11 -6.06 -21.66 -8.25
CA GLY A 11 -6.39 -22.16 -9.60
C GLY A 11 -7.80 -21.76 -10.03
N SER A 12 -8.02 -21.59 -11.34
CA SER A 12 -9.27 -21.11 -11.94
C SER A 12 -9.32 -21.33 -13.46
N GLU A 13 -10.52 -21.37 -14.05
CA GLU A 13 -10.73 -21.56 -15.50
C GLU A 13 -10.78 -20.21 -16.26
N GLU A 14 -11.07 -19.12 -15.54
CA GLU A 14 -11.22 -17.75 -16.04
C GLU A 14 -9.88 -17.07 -16.37
N VAL A 15 -9.94 -15.86 -16.95
CA VAL A 15 -8.76 -14.99 -17.27
C VAL A 15 -8.25 -14.24 -16.01
N SER A 16 -7.71 -13.03 -16.16
CA SER A 16 -7.11 -12.19 -15.09
C SER A 16 -8.15 -11.55 -14.13
N GLU A 17 -8.95 -12.40 -13.46
CA GLU A 17 -9.97 -12.00 -12.49
C GLU A 17 -9.39 -11.26 -11.26
N PRO A 18 -10.12 -10.29 -10.68
CA PRO A 18 -9.71 -9.57 -9.47
C PRO A 18 -9.77 -10.46 -8.22
N GLY A 19 -9.12 -10.01 -7.14
CA GLY A 19 -9.16 -10.60 -5.80
C GLY A 19 -9.92 -9.72 -4.81
N ASP A 20 -10.44 -10.30 -3.73
CA ASP A 20 -11.25 -9.60 -2.73
C ASP A 20 -10.95 -10.13 -1.31
N ALA A 21 -10.96 -9.27 -0.28
CA ALA A 21 -10.67 -9.66 1.10
C ALA A 21 -11.15 -8.61 2.14
N ASN A 22 -12.43 -8.67 2.51
CA ASN A 22 -13.04 -7.97 3.64
C ASN A 22 -12.89 -6.43 3.55
N ILE A 23 -11.89 -5.84 4.23
CA ILE A 23 -11.66 -4.37 4.27
C ILE A 23 -10.84 -3.88 3.05
N PHE A 24 -10.27 -4.78 2.24
CA PHE A 24 -9.57 -4.46 1.00
C PHE A 24 -10.05 -5.29 -0.20
N ARG A 25 -9.73 -4.81 -1.40
CA ARG A 25 -10.11 -5.42 -2.68
C ARG A 25 -9.01 -5.16 -3.72
N VAL A 26 -8.64 -6.16 -4.50
CA VAL A 26 -7.45 -6.13 -5.38
C VAL A 26 -7.86 -6.17 -6.85
N ASP A 27 -7.36 -5.22 -7.66
CA ASP A 27 -7.57 -5.20 -9.11
C ASP A 27 -6.34 -5.74 -9.86
N LYS A 28 -6.51 -6.87 -10.56
CA LYS A 28 -5.40 -7.57 -11.23
C LYS A 28 -5.08 -7.04 -12.64
N ASP A 29 -6.05 -6.46 -13.34
CA ASP A 29 -5.89 -5.94 -14.71
C ASP A 29 -5.08 -4.63 -14.74
N SER A 30 -5.43 -3.67 -13.87
CA SER A 30 -4.73 -2.38 -13.74
C SER A 30 -3.65 -2.40 -12.65
N ARG A 31 -3.60 -3.46 -11.81
CA ARG A 31 -2.54 -3.77 -10.84
C ARG A 31 -2.59 -2.79 -9.65
N GLU A 32 -3.71 -2.80 -8.91
CA GLU A 32 -4.09 -1.80 -7.89
C GLU A 32 -4.67 -2.46 -6.62
N VAL A 33 -4.84 -1.71 -5.53
CA VAL A 33 -5.52 -2.20 -4.30
C VAL A 33 -6.34 -1.10 -3.62
N TYR A 34 -7.58 -1.46 -3.28
CA TYR A 34 -8.58 -0.57 -2.68
C TYR A 34 -8.68 -0.90 -1.19
N MET A 35 -8.75 0.12 -0.34
CA MET A 35 -9.20 0.04 1.05
C MET A 35 -10.66 0.52 1.11
N HIS A 36 -11.43 0.06 2.09
CA HIS A 36 -12.86 0.37 2.26
C HIS A 36 -13.21 1.88 2.22
N GLU A 37 -12.26 2.75 2.60
CA GLU A 37 -12.40 4.21 2.59
C GLU A 37 -11.79 4.89 1.33
N LYS A 38 -10.84 4.25 0.61
CA LYS A 38 -10.00 4.92 -0.42
C LYS A 38 -9.20 3.97 -1.35
N LYS A 39 -8.93 4.37 -2.61
CA LYS A 39 -8.25 3.57 -3.65
C LYS A 39 -6.77 3.97 -3.89
N LEU A 40 -5.83 3.02 -3.99
CA LEU A 40 -4.42 3.27 -4.37
C LEU A 40 -3.87 2.23 -5.35
N ASP A 41 -2.80 2.60 -6.06
CA ASP A 41 -2.35 1.92 -7.30
C ASP A 41 -0.82 1.87 -7.41
N LEU A 42 -0.15 1.58 -6.29
CA LEU A 42 1.30 1.32 -6.24
C LEU A 42 1.64 -0.09 -6.80
N THR A 43 2.90 -0.49 -6.69
CA THR A 43 3.49 -1.63 -7.41
C THR A 43 3.20 -2.92 -6.65
N ARG A 44 3.26 -4.08 -7.30
CA ARG A 44 2.79 -5.36 -6.74
C ARG A 44 3.29 -5.67 -5.32
N ALA A 45 4.58 -5.41 -5.04
CA ALA A 45 5.14 -5.57 -3.70
C ALA A 45 4.56 -4.56 -2.68
N GLU A 46 4.37 -3.30 -3.07
CA GLU A 46 3.80 -2.25 -2.24
C GLU A 46 2.32 -2.50 -1.92
N TYR A 47 1.62 -3.01 -2.93
CA TYR A 47 0.30 -3.63 -2.77
C TYR A 47 0.34 -4.73 -1.70
N GLU A 48 1.24 -5.72 -1.83
CA GLU A 48 1.37 -6.82 -0.86
C GLU A 48 1.50 -6.31 0.57
N ILE A 49 2.35 -5.29 0.81
CA ILE A 49 2.50 -4.72 2.15
C ILE A 49 1.21 -4.07 2.62
N LEU A 50 0.61 -3.18 1.82
CA LEU A 50 -0.52 -2.37 2.28
C LEU A 50 -1.81 -3.21 2.43
N SER A 51 -2.03 -4.22 1.58
CA SER A 51 -3.09 -5.21 1.81
C SER A 51 -2.85 -6.05 3.08
N LEU A 52 -1.62 -6.55 3.31
CA LEU A 52 -1.30 -7.25 4.55
C LEU A 52 -1.46 -6.33 5.76
N LEU A 53 -1.04 -5.07 5.67
CA LEU A 53 -1.18 -4.04 6.70
C LEU A 53 -2.65 -3.86 7.11
N ILE A 54 -3.56 -3.72 6.15
CA ILE A 54 -5.01 -3.67 6.42
C ILE A 54 -5.48 -4.99 7.07
N SER A 55 -4.99 -6.14 6.61
CA SER A 55 -5.32 -7.45 7.20
C SER A 55 -4.83 -7.62 8.67
N LYS A 56 -3.59 -7.22 9.00
CA LYS A 56 -3.01 -7.31 10.34
C LYS A 56 -3.39 -6.13 11.27
N LYS A 57 -3.99 -5.09 10.70
CA LYS A 57 -4.51 -3.83 11.26
C LYS A 57 -3.47 -2.70 11.15
N GLY A 58 -3.97 -1.45 11.08
CA GLY A 58 -3.26 -0.29 10.54
C GLY A 58 -1.87 -0.05 11.15
N TYR A 59 -1.77 0.08 12.49
CA TYR A 59 -0.51 0.14 13.23
C TYR A 59 0.37 1.30 12.74
N VAL A 60 1.68 1.16 12.87
CA VAL A 60 2.67 2.03 12.25
C VAL A 60 3.48 1.25 11.19
N PHE A 61 3.51 1.83 9.98
CA PHE A 61 3.97 1.24 8.74
C PHE A 61 5.40 1.76 8.44
N SER A 62 6.39 0.89 8.63
CA SER A 62 7.78 1.27 8.97
C SER A 62 8.83 0.54 8.12
N ARG A 63 10.06 1.08 8.02
CA ARG A 63 11.21 0.46 7.33
C ARG A 63 11.36 -1.06 7.54
N GLU A 64 11.38 -1.51 8.80
CA GLU A 64 11.49 -2.94 9.14
C GLU A 64 10.28 -3.76 8.66
N SER A 65 9.07 -3.35 9.06
CA SER A 65 7.81 -4.02 8.67
C SER A 65 7.63 -4.08 7.15
N ILE A 66 7.98 -3.00 6.45
CA ILE A 66 8.03 -2.92 4.97
C ILE A 66 9.01 -3.95 4.37
N ALA A 67 10.23 -3.99 4.86
CA ALA A 67 11.27 -4.94 4.45
C ALA A 67 10.90 -6.39 4.78
N ILE A 68 10.02 -6.60 5.75
CA ILE A 68 9.45 -7.92 6.07
C ILE A 68 8.33 -8.30 5.08
N GLU A 69 7.38 -7.40 4.78
CA GLU A 69 6.19 -7.77 3.97
C GLU A 69 6.30 -7.48 2.45
N SER A 70 7.01 -6.46 1.97
CA SER A 70 7.36 -6.36 0.53
C SER A 70 8.62 -7.17 0.23
N GLU A 71 9.72 -6.85 0.93
CA GLU A 71 11.02 -7.53 0.82
C GLU A 71 11.63 -7.43 -0.60
N SER A 72 11.17 -6.48 -1.42
CA SER A 72 11.59 -6.33 -2.83
C SER A 72 13.04 -5.84 -3.00
N ILE A 73 13.59 -5.18 -1.97
CA ILE A 73 14.97 -4.66 -1.92
C ILE A 73 15.75 -5.37 -0.79
N ASN A 74 17.01 -5.74 -1.07
CA ASN A 74 17.78 -6.72 -0.30
C ASN A 74 18.12 -6.33 1.17
N PRO A 75 18.71 -5.15 1.47
CA PRO A 75 19.08 -4.79 2.85
C PRO A 75 17.86 -4.57 3.74
N GLU A 76 17.95 -4.99 5.00
CA GLU A 76 16.82 -5.03 5.95
C GLU A 76 16.30 -3.65 6.40
N SER A 77 17.03 -2.57 6.14
CA SER A 77 16.59 -1.18 6.32
C SER A 77 15.85 -0.61 5.09
N SER A 78 16.02 -1.25 3.92
CA SER A 78 15.53 -0.91 2.58
C SER A 78 15.25 0.59 2.29
N ASN A 79 16.20 1.46 2.65
CA ASN A 79 15.99 2.92 2.74
C ASN A 79 15.42 3.55 1.45
N LYS A 80 15.96 3.19 0.28
CA LYS A 80 15.48 3.65 -1.04
C LYS A 80 14.17 2.99 -1.47
N SER A 81 13.87 1.80 -0.96
CA SER A 81 12.51 1.24 -1.07
C SER A 81 11.53 2.16 -0.35
N ILE A 82 11.72 2.45 0.95
CA ILE A 82 10.78 3.33 1.68
C ILE A 82 10.69 4.73 1.06
N ASP A 83 11.77 5.27 0.50
CA ASP A 83 11.76 6.51 -0.29
C ASP A 83 10.87 6.41 -1.54
N VAL A 84 10.96 5.31 -2.33
CA VAL A 84 10.00 5.05 -3.43
C VAL A 84 8.59 4.85 -2.89
N ILE A 85 8.41 4.13 -1.78
CA ILE A 85 7.07 3.75 -1.31
C ILE A 85 6.33 4.99 -0.83
N ILE A 86 6.92 5.75 0.09
CA ILE A 86 6.35 7.02 0.57
C ILE A 86 6.22 8.01 -0.59
N GLY A 87 7.29 8.22 -1.36
CA GLY A 87 7.33 9.23 -2.42
C GLY A 87 6.31 8.94 -3.52
N ARG A 88 6.24 7.70 -4.02
CA ARG A 88 5.37 7.33 -5.13
C ARG A 88 3.92 7.07 -4.71
N LEU A 89 3.62 6.65 -3.47
CA LEU A 89 2.27 6.73 -2.91
C LEU A 89 1.84 8.20 -2.84
N ARG A 90 2.64 9.07 -2.22
CA ARG A 90 2.37 10.53 -2.15
C ARG A 90 2.10 11.12 -3.54
N SER A 91 2.96 10.81 -4.50
CA SER A 91 2.78 11.21 -5.91
C SER A 91 1.45 10.73 -6.47
N LYS A 92 1.12 9.43 -6.38
CA LYS A 92 -0.15 8.94 -6.91
C LYS A 92 -1.39 9.53 -6.21
N ILE A 93 -1.32 9.86 -4.91
CA ILE A 93 -2.45 10.49 -4.18
C ILE A 93 -2.49 12.03 -4.30
N GLU A 94 -1.41 12.66 -4.78
CA GLU A 94 -1.40 14.06 -5.22
C GLU A 94 -1.95 14.19 -6.66
N LYS A 95 -1.64 13.23 -7.53
CA LYS A 95 -2.12 13.15 -8.92
C LYS A 95 -3.64 12.83 -8.99
N ASN A 96 -4.11 11.85 -8.22
CA ASN A 96 -5.54 11.54 -8.07
C ASN A 96 -6.25 12.52 -7.12
N PRO A 97 -7.59 12.65 -7.17
CA PRO A 97 -8.38 13.44 -6.21
C PRO A 97 -8.48 12.77 -4.83
N LYS A 98 -8.23 11.46 -4.72
CA LYS A 98 -8.25 10.70 -3.46
C LYS A 98 -7.19 11.20 -2.46
N GLN A 99 -7.63 11.73 -1.31
CA GLN A 99 -6.76 12.19 -0.21
C GLN A 99 -6.67 11.13 0.90
N PRO A 100 -5.63 11.15 1.77
CA PRO A 100 -5.65 10.46 3.05
C PRO A 100 -6.54 11.18 4.06
N GLN A 101 -6.92 10.43 5.11
CA GLN A 101 -7.63 10.94 6.29
C GLN A 101 -7.47 9.96 7.47
N TYR A 102 -7.46 8.64 7.21
CA TYR A 102 -7.05 7.63 8.21
C TYR A 102 -5.59 7.16 8.07
N ILE A 103 -4.74 7.98 7.44
CA ILE A 103 -3.28 7.79 7.39
C ILE A 103 -2.60 9.10 7.83
N ILE A 104 -1.64 9.00 8.76
CA ILE A 104 -0.85 10.14 9.30
C ILE A 104 0.65 9.87 9.13
N SER A 105 1.45 10.87 8.77
CA SER A 105 2.90 10.79 8.65
C SER A 105 3.61 10.96 10.01
N VAL A 106 4.59 10.10 10.31
CA VAL A 106 5.38 10.11 11.56
C VAL A 106 6.87 9.94 11.21
N ARG A 107 7.49 11.01 10.68
CA ARG A 107 8.85 10.98 10.12
C ARG A 107 9.89 10.43 11.13
N GLY A 108 10.67 9.45 10.67
CA GLY A 108 11.65 8.70 11.47
C GLY A 108 11.13 7.37 12.03
N ILE A 109 9.80 7.17 12.06
CA ILE A 109 9.15 5.91 12.51
C ILE A 109 8.37 5.25 11.36
N GLY A 110 7.65 6.03 10.55
CA GLY A 110 6.84 5.55 9.42
C GLY A 110 5.57 6.36 9.20
N TYR A 111 4.51 5.70 8.73
CA TYR A 111 3.15 6.26 8.69
C TYR A 111 2.20 5.47 9.59
N LYS A 112 1.40 6.17 10.39
CA LYS A 112 0.36 5.60 11.23
C LYS A 112 -0.93 5.40 10.41
N LEU A 113 -1.54 4.23 10.52
CA LEU A 113 -2.83 3.86 9.91
C LEU A 113 -3.73 3.24 11.00
N GLU A 114 -5.04 3.15 10.77
CA GLU A 114 -5.98 2.48 11.69
C GLU A 114 -7.09 1.73 10.94
N TYR A 115 -7.56 0.64 11.55
CA TYR A 115 -8.55 -0.32 11.03
C TYR A 115 -10.00 0.16 11.20
N GLY A 11 -18.35 -13.53 -10.94
CA GLY A 11 -19.26 -12.38 -10.67
C GLY A 11 -19.59 -11.61 -11.94
N SER A 12 -18.62 -10.87 -12.49
CA SER A 12 -18.76 -10.11 -13.75
C SER A 12 -18.39 -10.97 -14.98
N GLU A 13 -18.81 -10.53 -16.17
CA GLU A 13 -18.48 -11.16 -17.45
C GLU A 13 -17.11 -10.64 -17.96
N GLU A 14 -16.03 -11.10 -17.31
CA GLU A 14 -14.65 -10.67 -17.54
C GLU A 14 -13.66 -11.80 -17.21
N VAL A 15 -12.55 -11.86 -17.94
CA VAL A 15 -11.46 -12.85 -17.77
C VAL A 15 -10.53 -12.42 -16.63
N SER A 16 -10.05 -11.17 -16.67
CA SER A 16 -9.14 -10.58 -15.68
C SER A 16 -9.90 -9.96 -14.48
N GLU A 17 -10.93 -10.67 -13.99
CA GLU A 17 -11.80 -10.23 -12.89
C GLU A 17 -10.99 -9.92 -11.60
N PRO A 18 -11.27 -8.80 -10.90
CA PRO A 18 -10.57 -8.41 -9.67
C PRO A 18 -10.91 -9.32 -8.48
N GLY A 19 -10.04 -9.28 -7.46
CA GLY A 19 -10.20 -9.98 -6.18
C GLY A 19 -10.47 -9.02 -5.01
N ASP A 20 -11.04 -9.53 -3.93
CA ASP A 20 -11.45 -8.73 -2.77
C ASP A 20 -11.07 -9.39 -1.43
N ALA A 21 -10.98 -8.59 -0.36
CA ALA A 21 -10.57 -9.02 0.99
C ALA A 21 -11.09 -8.06 2.08
N ASN A 22 -12.42 -7.97 2.18
CA ASN A 22 -13.18 -7.35 3.29
C ASN A 22 -12.94 -5.83 3.43
N ILE A 23 -11.83 -5.41 4.05
CA ILE A 23 -11.45 -4.01 4.26
C ILE A 23 -10.49 -3.50 3.15
N PHE A 24 -9.95 -4.40 2.32
CA PHE A 24 -9.14 -4.07 1.15
C PHE A 24 -9.55 -4.88 -0.09
N ARG A 25 -9.07 -4.49 -1.27
CA ARG A 25 -9.39 -5.14 -2.56
C ARG A 25 -8.19 -5.08 -3.50
N VAL A 26 -8.12 -5.98 -4.49
CA VAL A 26 -7.06 -5.98 -5.52
C VAL A 26 -7.63 -5.98 -6.94
N ASP A 27 -7.10 -5.11 -7.80
CA ASP A 27 -7.31 -5.19 -9.25
C ASP A 27 -6.05 -5.78 -9.91
N LYS A 28 -6.17 -7.00 -10.45
CA LYS A 28 -5.02 -7.74 -10.99
C LYS A 28 -4.70 -7.39 -12.47
N ASP A 29 -5.66 -6.84 -13.20
CA ASP A 29 -5.51 -6.43 -14.61
C ASP A 29 -4.63 -5.18 -14.76
N SER A 30 -4.94 -4.14 -13.99
CA SER A 30 -4.21 -2.87 -13.97
C SER A 30 -3.12 -2.84 -12.86
N ARG A 31 -3.19 -3.77 -11.90
CA ARG A 31 -2.25 -3.98 -10.78
C ARG A 31 -2.34 -2.82 -9.76
N GLU A 32 -3.48 -2.77 -9.05
CA GLU A 32 -3.88 -1.71 -8.13
C GLU A 32 -4.41 -2.31 -6.81
N VAL A 33 -4.48 -1.52 -5.72
CA VAL A 33 -4.99 -1.97 -4.41
C VAL A 33 -5.88 -0.90 -3.78
N TYR A 34 -7.03 -1.30 -3.24
CA TYR A 34 -7.97 -0.42 -2.57
C TYR A 34 -7.94 -0.67 -1.06
N MET A 35 -7.98 0.40 -0.27
CA MET A 35 -8.49 0.39 1.10
C MET A 35 -9.96 0.81 1.08
N HIS A 36 -10.76 0.40 2.06
CA HIS A 36 -12.18 0.75 2.17
C HIS A 36 -12.46 2.28 2.12
N GLU A 37 -11.49 3.10 2.53
CA GLU A 37 -11.54 4.57 2.49
C GLU A 37 -10.95 5.18 1.21
N LYS A 38 -10.11 4.47 0.43
CA LYS A 38 -9.36 5.06 -0.69
C LYS A 38 -8.74 4.09 -1.73
N LYS A 39 -8.67 4.53 -2.99
CA LYS A 39 -8.05 3.79 -4.10
C LYS A 39 -6.55 4.12 -4.22
N LEU A 40 -5.69 3.08 -4.35
CA LEU A 40 -4.23 3.23 -4.56
C LEU A 40 -3.75 2.37 -5.75
N ASP A 41 -2.62 2.76 -6.35
CA ASP A 41 -2.06 2.14 -7.56
C ASP A 41 -0.53 2.09 -7.46
N LEU A 42 -0.05 1.06 -6.76
CA LEU A 42 1.37 0.81 -6.47
C LEU A 42 1.71 -0.67 -6.82
N THR A 43 3.00 -1.02 -6.89
CA THR A 43 3.49 -2.24 -7.58
C THR A 43 3.32 -3.46 -6.67
N ARG A 44 3.44 -4.69 -7.18
CA ARG A 44 3.16 -5.95 -6.45
C ARG A 44 3.72 -5.97 -5.02
N ALA A 45 4.97 -5.53 -4.84
CA ALA A 45 5.60 -5.36 -3.53
C ALA A 45 4.84 -4.39 -2.60
N GLU A 46 4.57 -3.16 -3.08
CA GLU A 46 3.83 -2.13 -2.36
C GLU A 46 2.39 -2.53 -2.04
N TYR A 47 1.80 -3.25 -2.99
CA TYR A 47 0.51 -3.90 -2.83
C TYR A 47 0.56 -4.92 -1.69
N GLU A 48 1.52 -5.84 -1.71
CA GLU A 48 1.66 -6.87 -0.69
C GLU A 48 1.81 -6.27 0.72
N ILE A 49 2.62 -5.21 0.88
CA ILE A 49 2.80 -4.58 2.19
C ILE A 49 1.50 -3.92 2.65
N LEU A 50 0.82 -3.13 1.80
CA LEU A 50 -0.38 -2.41 2.23
C LEU A 50 -1.55 -3.37 2.44
N SER A 51 -1.75 -4.35 1.56
CA SER A 51 -2.77 -5.38 1.74
C SER A 51 -2.59 -6.18 3.03
N LEU A 52 -1.35 -6.61 3.37
CA LEU A 52 -1.12 -7.28 4.65
C LEU A 52 -1.37 -6.32 5.82
N LEU A 53 -0.98 -5.04 5.70
CA LEU A 53 -1.19 -4.04 6.74
C LEU A 53 -2.67 -3.86 7.09
N ILE A 54 -3.55 -3.78 6.09
CA ILE A 54 -5.00 -3.74 6.35
C ILE A 54 -5.51 -5.09 6.87
N SER A 55 -4.96 -6.22 6.40
CA SER A 55 -5.32 -7.56 6.88
C SER A 55 -5.03 -7.77 8.39
N LYS A 56 -3.89 -7.32 8.93
CA LYS A 56 -3.63 -7.32 10.38
C LYS A 56 -4.43 -6.21 11.11
N LYS A 57 -4.20 -4.94 10.72
CA LYS A 57 -4.65 -3.65 11.30
C LYS A 57 -3.59 -2.56 11.03
N GLY A 58 -4.05 -1.32 10.84
CA GLY A 58 -3.28 -0.19 10.30
C GLY A 58 -1.89 0.03 10.90
N TYR A 59 -1.76 0.02 12.24
CA TYR A 59 -0.48 -0.01 12.96
C TYR A 59 0.39 1.21 12.59
N VAL A 60 1.71 1.11 12.79
CA VAL A 60 2.68 2.06 12.25
C VAL A 60 3.57 1.31 11.25
N PHE A 61 3.51 1.75 10.00
CA PHE A 61 4.06 1.09 8.82
C PHE A 61 5.55 1.45 8.70
N SER A 62 6.42 0.65 9.32
CA SER A 62 7.85 0.94 9.59
C SER A 62 8.80 0.29 8.57
N ARG A 63 9.97 0.89 8.30
CA ARG A 63 10.96 0.36 7.33
C ARG A 63 11.30 -1.15 7.52
N GLU A 64 11.56 -1.58 8.76
CA GLU A 64 11.84 -3.00 9.08
C GLU A 64 10.60 -3.88 8.88
N SER A 65 9.43 -3.44 9.36
CA SER A 65 8.16 -4.15 9.14
C SER A 65 7.85 -4.30 7.64
N ILE A 66 8.11 -3.27 6.83
CA ILE A 66 8.01 -3.32 5.36
C ILE A 66 8.95 -4.38 4.77
N ALA A 67 10.20 -4.39 5.22
CA ALA A 67 11.24 -5.35 4.86
C ALA A 67 10.94 -6.77 5.38
N ILE A 68 10.01 -6.92 6.33
CA ILE A 68 9.41 -8.23 6.66
C ILE A 68 8.23 -8.55 5.71
N GLU A 69 7.39 -7.57 5.38
CA GLU A 69 6.11 -7.79 4.69
C GLU A 69 6.18 -7.89 3.15
N SER A 70 7.13 -7.21 2.47
CA SER A 70 7.38 -7.51 1.04
C SER A 70 8.78 -8.13 0.83
N GLU A 71 9.85 -7.42 1.20
CA GLU A 71 11.23 -7.94 1.18
C GLU A 71 11.79 -8.16 -0.26
N SER A 72 11.28 -7.44 -1.26
CA SER A 72 11.85 -7.43 -2.62
C SER A 72 13.20 -6.66 -2.73
N ILE A 73 13.69 -6.11 -1.62
CA ILE A 73 14.75 -5.09 -1.53
C ILE A 73 15.99 -5.67 -0.83
N ASN A 74 17.19 -5.40 -1.38
CA ASN A 74 18.43 -6.02 -0.92
C ASN A 74 18.84 -5.64 0.53
N PRO A 75 18.98 -4.36 0.92
CA PRO A 75 19.27 -3.96 2.31
C PRO A 75 18.03 -4.14 3.20
N GLU A 76 18.23 -4.72 4.39
CA GLU A 76 17.18 -4.95 5.39
C GLU A 76 16.59 -3.66 5.99
N SER A 77 17.28 -2.53 5.85
CA SER A 77 16.75 -1.20 6.21
C SER A 77 15.76 -0.64 5.17
N SER A 78 15.82 -1.11 3.91
CA SER A 78 14.87 -0.78 2.82
C SER A 78 14.66 0.74 2.56
N ASN A 79 15.58 1.60 2.98
CA ASN A 79 15.37 3.05 3.08
C ASN A 79 14.85 3.69 1.77
N LYS A 80 15.46 3.37 0.63
CA LYS A 80 15.05 3.89 -0.69
C LYS A 80 13.77 3.24 -1.21
N SER A 81 13.46 2.01 -0.80
CA SER A 81 12.10 1.48 -1.00
C SER A 81 11.09 2.34 -0.24
N ILE A 82 11.25 2.61 1.06
CA ILE A 82 10.28 3.44 1.80
C ILE A 82 10.16 4.86 1.21
N ASP A 83 11.25 5.43 0.69
CA ASP A 83 11.20 6.69 -0.09
C ASP A 83 10.36 6.55 -1.38
N VAL A 84 10.52 5.47 -2.15
CA VAL A 84 9.61 5.17 -3.29
C VAL A 84 8.17 4.99 -2.81
N ILE A 85 7.94 4.26 -1.72
CA ILE A 85 6.58 3.91 -1.30
C ILE A 85 5.87 5.18 -0.83
N ILE A 86 6.43 5.94 0.11
CA ILE A 86 5.82 7.19 0.59
C ILE A 86 5.70 8.22 -0.53
N GLY A 87 6.74 8.39 -1.35
CA GLY A 87 6.75 9.38 -2.44
C GLY A 87 5.74 9.07 -3.53
N ARG A 88 5.66 7.80 -3.96
CA ARG A 88 4.80 7.38 -5.07
C ARG A 88 3.36 7.06 -4.63
N LEU A 89 3.12 6.65 -3.37
CA LEU A 89 1.77 6.66 -2.77
C LEU A 89 1.24 8.09 -2.73
N ARG A 90 2.00 9.04 -2.16
CA ARG A 90 1.64 10.47 -2.22
C ARG A 90 1.42 10.94 -3.66
N SER A 91 2.28 10.56 -4.60
CA SER A 91 2.09 10.92 -6.02
C SER A 91 0.76 10.40 -6.59
N LYS A 92 0.38 9.15 -6.30
CA LYS A 92 -0.91 8.62 -6.76
C LYS A 92 -2.13 9.29 -6.09
N ILE A 93 -2.06 9.70 -4.81
CA ILE A 93 -3.16 10.44 -4.16
C ILE A 93 -3.14 11.97 -4.38
N GLU A 94 -2.06 12.51 -4.96
CA GLU A 94 -2.02 13.86 -5.53
C GLU A 94 -2.59 13.88 -6.96
N LYS A 95 -2.30 12.86 -7.77
CA LYS A 95 -2.80 12.75 -9.15
C LYS A 95 -4.30 12.40 -9.22
N ASN A 96 -4.73 11.33 -8.54
CA ASN A 96 -6.15 10.94 -8.46
C ASN A 96 -6.91 11.79 -7.40
N PRO A 97 -8.25 11.98 -7.55
CA PRO A 97 -9.01 12.90 -6.71
C PRO A 97 -9.18 12.42 -5.25
N LYS A 98 -8.97 11.13 -4.98
CA LYS A 98 -8.99 10.61 -3.60
C LYS A 98 -7.71 11.01 -2.84
N GLN A 99 -7.87 11.50 -1.60
CA GLN A 99 -6.80 12.06 -0.75
C GLN A 99 -6.83 11.43 0.67
N PRO A 100 -5.70 11.40 1.42
CA PRO A 100 -5.59 10.73 2.71
C PRO A 100 -6.19 11.54 3.86
N GLN A 101 -6.48 10.83 4.95
CA GLN A 101 -6.88 11.40 6.25
C GLN A 101 -6.68 10.40 7.40
N TYR A 102 -6.87 9.09 7.16
CA TYR A 102 -6.59 8.02 8.15
C TYR A 102 -5.19 7.40 8.02
N ILE A 103 -4.30 7.98 7.22
CA ILE A 103 -2.85 7.68 7.24
C ILE A 103 -2.04 8.96 7.51
N ILE A 104 -1.05 8.89 8.42
CA ILE A 104 -0.15 10.00 8.80
C ILE A 104 1.32 9.55 8.70
N SER A 105 2.18 10.29 8.02
CA SER A 105 3.62 10.02 7.95
C SER A 105 4.36 10.63 9.16
N VAL A 106 5.18 9.82 9.85
CA VAL A 106 6.01 10.20 11.00
C VAL A 106 7.47 9.89 10.67
N ARG A 107 8.20 10.89 10.18
CA ARG A 107 9.57 10.74 9.66
C ARG A 107 10.53 10.22 10.75
N GLY A 108 11.28 9.17 10.40
CA GLY A 108 12.20 8.44 11.30
C GLY A 108 11.58 7.22 11.99
N ILE A 109 10.24 7.08 11.98
CA ILE A 109 9.50 5.96 12.58
C ILE A 109 8.81 5.12 11.50
N GLY A 110 7.90 5.74 10.72
CA GLY A 110 7.02 5.06 9.76
C GLY A 110 5.76 5.86 9.46
N TYR A 111 4.75 5.19 8.87
CA TYR A 111 3.48 5.82 8.48
C TYR A 111 2.28 5.17 9.20
N LYS A 112 1.73 5.89 10.17
CA LYS A 112 0.64 5.47 11.08
C LYS A 112 -0.69 5.38 10.34
N LEU A 113 -1.43 4.29 10.56
CA LEU A 113 -2.73 3.97 9.94
C LEU A 113 -3.62 3.29 11.00
N GLU A 114 -4.92 3.17 10.76
CA GLU A 114 -5.86 2.50 11.66
C GLU A 114 -7.08 1.88 10.94
N TYR A 115 -7.69 0.90 11.60
CA TYR A 115 -8.80 0.05 11.11
C TYR A 115 -10.05 0.87 10.72
N GLY A 11 -23.60 -5.05 -14.58
CA GLY A 11 -22.36 -5.13 -15.38
C GLY A 11 -22.11 -6.55 -15.87
N SER A 12 -21.83 -6.73 -17.16
CA SER A 12 -21.52 -8.03 -17.78
C SER A 12 -20.09 -8.52 -17.48
N GLU A 13 -19.90 -9.84 -17.46
CA GLU A 13 -18.63 -10.51 -17.15
C GLU A 13 -17.56 -10.33 -18.25
N GLU A 14 -16.29 -10.30 -17.82
CA GLU A 14 -15.10 -10.22 -18.68
C GLU A 14 -13.97 -11.12 -18.12
N VAL A 15 -12.95 -11.43 -18.94
CA VAL A 15 -11.76 -12.20 -18.51
C VAL A 15 -10.87 -11.42 -17.53
N SER A 16 -10.05 -12.14 -16.75
CA SER A 16 -9.03 -11.60 -15.82
C SER A 16 -9.68 -10.91 -14.60
N GLU A 17 -10.66 -11.58 -13.99
CA GLU A 17 -11.52 -11.05 -12.92
C GLU A 17 -10.72 -10.59 -11.66
N PRO A 18 -11.12 -9.47 -11.02
CA PRO A 18 -10.50 -8.98 -9.79
C PRO A 18 -10.86 -9.83 -8.57
N GLY A 19 -10.17 -9.59 -7.44
CA GLY A 19 -10.38 -10.26 -6.15
C GLY A 19 -10.68 -9.27 -5.03
N ASP A 20 -11.34 -9.73 -3.96
CA ASP A 20 -11.73 -8.90 -2.81
C ASP A 20 -11.22 -9.48 -1.47
N ALA A 21 -11.12 -8.65 -0.44
CA ALA A 21 -10.53 -8.99 0.85
C ALA A 21 -11.06 -8.09 2.00
N ASN A 22 -12.39 -8.06 2.16
CA ASN A 22 -13.13 -7.46 3.28
C ASN A 22 -12.92 -5.94 3.41
N ILE A 23 -11.88 -5.49 4.13
CA ILE A 23 -11.54 -4.06 4.32
C ILE A 23 -10.67 -3.53 3.16
N PHE A 24 -10.14 -4.40 2.30
CA PHE A 24 -9.53 -4.04 1.03
C PHE A 24 -9.99 -4.93 -0.13
N ARG A 25 -9.43 -4.70 -1.31
CA ARG A 25 -9.75 -5.35 -2.59
C ARG A 25 -8.54 -5.24 -3.52
N VAL A 26 -8.41 -6.14 -4.49
CA VAL A 26 -7.35 -6.12 -5.51
C VAL A 26 -7.93 -6.10 -6.94
N ASP A 27 -7.49 -5.15 -7.75
CA ASP A 27 -7.74 -5.12 -9.19
C ASP A 27 -6.53 -5.71 -9.93
N LYS A 28 -6.68 -6.92 -10.45
CA LYS A 28 -5.60 -7.71 -11.05
C LYS A 28 -5.24 -7.24 -12.48
N ASP A 29 -6.16 -6.59 -13.18
CA ASP A 29 -5.97 -6.12 -14.57
C ASP A 29 -5.13 -4.83 -14.63
N SER A 30 -5.52 -3.82 -13.84
CA SER A 30 -4.79 -2.55 -13.72
C SER A 30 -3.66 -2.59 -12.67
N ARG A 31 -3.61 -3.65 -11.84
CA ARG A 31 -2.56 -3.96 -10.85
C ARG A 31 -2.60 -3.02 -9.64
N GLU A 32 -3.80 -2.82 -9.09
CA GLU A 32 -4.13 -1.81 -8.07
C GLU A 32 -4.72 -2.47 -6.81
N VAL A 33 -4.68 -1.79 -5.65
CA VAL A 33 -5.39 -2.21 -4.43
C VAL A 33 -6.29 -1.09 -3.90
N TYR A 34 -7.51 -1.48 -3.52
CA TYR A 34 -8.58 -0.59 -3.07
C TYR A 34 -8.75 -0.80 -1.57
N MET A 35 -8.43 0.21 -0.77
CA MET A 35 -8.69 0.26 0.67
C MET A 35 -10.08 0.86 0.90
N HIS A 36 -10.73 0.50 2.00
CA HIS A 36 -12.04 1.06 2.41
C HIS A 36 -12.05 2.61 2.48
N GLU A 37 -10.87 3.22 2.67
CA GLU A 37 -10.65 4.67 2.65
C GLU A 37 -10.47 5.25 1.23
N LYS A 38 -9.77 4.54 0.32
CA LYS A 38 -9.11 5.13 -0.87
C LYS A 38 -8.46 4.12 -1.82
N LYS A 39 -8.28 4.51 -3.09
CA LYS A 39 -7.56 3.71 -4.10
C LYS A 39 -6.05 4.02 -4.12
N LEU A 40 -5.22 2.97 -4.25
CA LEU A 40 -3.77 3.08 -4.50
C LEU A 40 -3.29 1.98 -5.45
N ASP A 41 -2.22 2.24 -6.19
CA ASP A 41 -2.05 1.69 -7.52
C ASP A 41 -0.57 1.67 -7.96
N LEU A 42 0.26 1.14 -7.05
CA LEU A 42 1.69 0.85 -7.28
C LEU A 42 1.86 -0.51 -7.99
N THR A 43 2.48 -1.47 -7.31
CA THR A 43 3.04 -2.72 -7.87
C THR A 43 3.10 -3.76 -6.75
N ARG A 44 3.62 -4.96 -7.02
CA ARG A 44 3.52 -6.13 -6.14
C ARG A 44 4.04 -5.91 -4.73
N ALA A 45 5.17 -5.21 -4.55
CA ALA A 45 5.74 -4.93 -3.24
C ALA A 45 4.76 -4.07 -2.41
N GLU A 46 4.33 -2.96 -2.98
CA GLU A 46 3.48 -1.94 -2.34
C GLU A 46 2.07 -2.49 -2.03
N TYR A 47 1.55 -3.24 -2.99
CA TYR A 47 0.40 -4.14 -2.82
C TYR A 47 0.56 -5.08 -1.62
N GLU A 48 1.58 -5.96 -1.58
CA GLU A 48 1.77 -6.91 -0.48
C GLU A 48 1.80 -6.20 0.87
N ILE A 49 2.47 -5.04 0.98
CA ILE A 49 2.56 -4.36 2.27
C ILE A 49 1.23 -3.74 2.69
N LEU A 50 0.50 -2.99 1.84
CA LEU A 50 -0.78 -2.43 2.32
C LEU A 50 -1.86 -3.51 2.52
N SER A 51 -1.94 -4.50 1.64
CA SER A 51 -2.86 -5.63 1.83
C SER A 51 -2.62 -6.34 3.18
N LEU A 52 -1.36 -6.64 3.52
CA LEU A 52 -1.00 -7.20 4.82
C LEU A 52 -1.30 -6.23 5.96
N LEU A 53 -1.06 -4.92 5.76
CA LEU A 53 -1.33 -3.89 6.76
C LEU A 53 -2.82 -3.85 7.13
N ILE A 54 -3.69 -3.78 6.14
CA ILE A 54 -5.14 -3.85 6.36
C ILE A 54 -5.58 -5.19 6.95
N SER A 55 -5.03 -6.33 6.52
CA SER A 55 -5.44 -7.63 7.08
C SER A 55 -4.99 -7.85 8.55
N LYS A 56 -3.83 -7.33 8.98
CA LYS A 56 -3.37 -7.44 10.38
C LYS A 56 -3.99 -6.40 11.32
N LYS A 57 -4.10 -5.14 10.85
CA LYS A 57 -4.53 -3.86 11.46
C LYS A 57 -3.52 -2.73 11.22
N GLY A 58 -3.99 -1.48 11.29
CA GLY A 58 -3.29 -0.29 10.81
C GLY A 58 -1.87 -0.14 11.35
N TYR A 59 -1.69 0.07 12.67
CA TYR A 59 -0.41 0.07 13.37
C TYR A 59 0.53 1.18 12.83
N VAL A 60 1.79 1.21 13.26
CA VAL A 60 2.82 2.06 12.66
C VAL A 60 3.61 1.21 11.64
N PHE A 61 3.39 1.52 10.38
CA PHE A 61 3.94 0.89 9.18
C PHE A 61 5.41 1.35 9.05
N SER A 62 6.36 0.45 9.32
CA SER A 62 7.75 0.78 9.68
C SER A 62 8.79 0.20 8.72
N ARG A 63 9.92 0.88 8.47
CA ARG A 63 10.93 0.50 7.47
C ARG A 63 11.33 -0.99 7.48
N GLU A 64 11.80 -1.52 8.61
CA GLU A 64 12.16 -2.93 8.77
C GLU A 64 10.95 -3.89 8.64
N SER A 65 9.78 -3.52 9.18
CA SER A 65 8.55 -4.31 8.98
C SER A 65 8.17 -4.39 7.50
N ILE A 66 8.28 -3.29 6.75
CA ILE A 66 8.15 -3.32 5.27
C ILE A 66 9.19 -4.22 4.60
N ALA A 67 10.46 -4.12 5.01
CA ALA A 67 11.55 -4.95 4.51
C ALA A 67 11.33 -6.44 4.83
N ILE A 68 10.49 -6.76 5.83
CA ILE A 68 9.99 -8.12 6.07
C ILE A 68 8.75 -8.43 5.18
N GLU A 69 7.87 -7.47 4.95
CA GLU A 69 6.56 -7.65 4.33
C GLU A 69 6.55 -7.59 2.79
N SER A 70 7.34 -6.73 2.13
CA SER A 70 7.53 -6.80 0.67
C SER A 70 8.91 -7.36 0.28
N GLU A 71 9.97 -6.98 1.00
CA GLU A 71 11.33 -7.55 0.88
C GLU A 71 11.94 -7.34 -0.53
N SER A 72 11.68 -6.18 -1.14
CA SER A 72 12.14 -5.86 -2.51
C SER A 72 13.63 -5.46 -2.58
N ILE A 73 14.26 -5.16 -1.44
CA ILE A 73 15.63 -4.64 -1.31
C ILE A 73 16.54 -5.64 -0.56
N ASN A 74 17.81 -5.76 -0.98
CA ASN A 74 18.77 -6.70 -0.41
C ASN A 74 19.25 -6.34 1.03
N PRO A 75 19.81 -5.14 1.31
CA PRO A 75 20.13 -4.71 2.67
C PRO A 75 18.87 -4.46 3.51
N GLU A 76 19.02 -4.52 4.84
CA GLU A 76 17.89 -4.53 5.79
C GLU A 76 17.23 -3.13 5.94
N SER A 77 18.03 -2.07 6.12
CA SER A 77 17.52 -0.73 6.46
C SER A 77 16.84 -0.01 5.27
N SER A 78 17.19 -0.37 4.03
CA SER A 78 16.37 -0.28 2.80
C SER A 78 15.59 1.02 2.51
N ASN A 79 16.07 2.19 2.97
CA ASN A 79 15.29 3.45 2.98
C ASN A 79 14.77 3.92 1.62
N LYS A 80 15.41 3.54 0.49
CA LYS A 80 14.93 3.87 -0.87
C LYS A 80 13.58 3.19 -1.20
N SER A 81 13.27 2.07 -0.56
CA SER A 81 11.94 1.47 -0.63
C SER A 81 10.90 2.36 0.07
N ILE A 82 11.12 2.87 1.30
CA ILE A 82 10.16 3.81 1.94
C ILE A 82 9.99 5.09 1.11
N ASP A 83 11.05 5.53 0.46
CA ASP A 83 11.06 6.71 -0.40
C ASP A 83 10.23 6.48 -1.68
N VAL A 84 10.42 5.35 -2.37
CA VAL A 84 9.57 5.00 -3.54
C VAL A 84 8.12 4.81 -3.14
N ILE A 85 7.89 4.14 -2.00
CA ILE A 85 6.55 3.86 -1.50
C ILE A 85 5.85 5.15 -1.15
N ILE A 86 6.32 5.90 -0.15
CA ILE A 86 5.60 7.07 0.37
C ILE A 86 5.59 8.19 -0.67
N GLY A 87 6.71 8.38 -1.38
CA GLY A 87 6.81 9.37 -2.46
C GLY A 87 5.86 9.06 -3.60
N ARG A 88 5.83 7.82 -4.11
CA ARG A 88 4.99 7.48 -5.27
C ARG A 88 3.54 7.18 -4.91
N LEU A 89 3.20 6.84 -3.66
CA LEU A 89 1.82 6.95 -3.14
C LEU A 89 1.38 8.42 -3.19
N ARG A 90 2.16 9.36 -2.63
CA ARG A 90 1.88 10.79 -2.69
C ARG A 90 1.68 11.27 -4.14
N SER A 91 2.55 10.82 -5.04
CA SER A 91 2.42 11.12 -6.48
C SER A 91 1.11 10.57 -7.07
N LYS A 92 0.79 9.31 -6.83
CA LYS A 92 -0.49 8.73 -7.27
C LYS A 92 -1.72 9.43 -6.69
N ILE A 93 -1.71 9.92 -5.44
CA ILE A 93 -2.84 10.71 -4.88
C ILE A 93 -2.79 12.22 -5.18
N GLU A 94 -1.69 12.73 -5.72
CA GLU A 94 -1.66 14.04 -6.40
C GLU A 94 -2.36 13.92 -7.77
N LYS A 95 -2.15 12.82 -8.50
CA LYS A 95 -2.81 12.53 -9.79
C LYS A 95 -4.30 12.15 -9.63
N ASN A 96 -4.61 11.18 -8.76
CA ASN A 96 -5.98 10.72 -8.46
C ASN A 96 -6.78 11.78 -7.66
N PRO A 97 -8.14 11.77 -7.73
CA PRO A 97 -8.98 12.65 -6.93
C PRO A 97 -9.06 12.23 -5.45
N LYS A 98 -8.86 10.94 -5.13
CA LYS A 98 -8.88 10.41 -3.77
C LYS A 98 -7.57 10.73 -3.03
N GLN A 99 -7.65 11.35 -1.84
CA GLN A 99 -6.50 11.80 -1.03
C GLN A 99 -6.61 11.33 0.44
N PRO A 100 -5.48 11.25 1.19
CA PRO A 100 -5.40 10.69 2.54
C PRO A 100 -5.96 11.63 3.62
N GLN A 101 -6.30 11.03 4.76
CA GLN A 101 -6.60 11.73 6.02
C GLN A 101 -6.38 10.85 7.26
N TYR A 102 -6.57 9.52 7.16
CA TYR A 102 -6.42 8.56 8.27
C TYR A 102 -5.04 7.87 8.32
N ILE A 103 -4.12 8.20 7.40
CA ILE A 103 -2.68 7.88 7.54
C ILE A 103 -1.90 9.12 8.03
N ILE A 104 -1.06 8.94 9.05
CA ILE A 104 -0.26 10.02 9.70
C ILE A 104 1.23 9.66 9.68
N SER A 105 2.11 10.64 9.42
CA SER A 105 3.57 10.47 9.36
C SER A 105 4.21 10.56 10.76
N VAL A 106 5.06 9.58 11.10
CA VAL A 106 5.85 9.54 12.36
C VAL A 106 7.35 9.65 12.02
N ARG A 107 7.85 10.89 12.06
CA ARG A 107 9.26 11.28 11.82
C ARG A 107 9.79 10.99 10.40
N GLY A 108 8.92 10.51 9.49
CA GLY A 108 9.30 9.96 8.17
C GLY A 108 9.85 8.53 8.24
N ILE A 109 9.81 7.88 9.41
CA ILE A 109 10.40 6.55 9.69
C ILE A 109 9.30 5.49 9.85
N GLY A 110 8.22 5.82 10.58
CA GLY A 110 6.98 5.06 10.61
C GLY A 110 5.80 5.88 10.10
N TYR A 111 4.73 5.21 9.69
CA TYR A 111 3.48 5.87 9.31
C TYR A 111 2.29 5.15 9.94
N LYS A 112 1.52 5.86 10.75
CA LYS A 112 0.37 5.29 11.46
C LYS A 112 -0.84 5.21 10.52
N LEU A 113 -1.35 4.00 10.31
CA LEU A 113 -2.67 3.71 9.75
C LEU A 113 -3.55 3.21 10.92
N GLU A 114 -4.87 3.30 10.84
CA GLU A 114 -5.76 2.80 11.91
C GLU A 114 -7.11 2.30 11.37
N TYR A 115 -7.66 1.27 12.03
CA TYR A 115 -8.88 0.54 11.63
C TYR A 115 -10.16 1.35 11.87
N GLY A 11 -20.26 -11.68 -15.62
CA GLY A 11 -20.31 -12.27 -16.98
C GLY A 11 -19.85 -13.72 -17.00
N SER A 12 -19.67 -14.29 -18.20
CA SER A 12 -19.23 -15.68 -18.41
C SER A 12 -17.70 -15.83 -18.26
N GLU A 13 -16.93 -15.22 -19.18
CA GLU A 13 -15.46 -15.23 -19.25
C GLU A 13 -14.94 -14.21 -20.28
N GLU A 14 -13.74 -13.67 -20.03
CA GLU A 14 -13.01 -12.65 -20.82
C GLU A 14 -11.64 -12.37 -20.19
N VAL A 15 -11.25 -11.10 -19.93
CA VAL A 15 -10.01 -10.75 -19.20
C VAL A 15 -10.17 -11.08 -17.71
N SER A 16 -9.06 -11.41 -17.02
CA SER A 16 -9.04 -11.77 -15.60
C SER A 16 -9.62 -10.68 -14.67
N GLU A 17 -10.29 -11.12 -13.60
CA GLU A 17 -11.12 -10.26 -12.72
C GLU A 17 -10.36 -9.79 -11.46
N PRO A 18 -10.77 -8.67 -10.83
CA PRO A 18 -10.31 -8.25 -9.51
C PRO A 18 -10.78 -9.22 -8.41
N GLY A 19 -10.08 -9.21 -7.28
CA GLY A 19 -10.39 -10.03 -6.08
C GLY A 19 -10.48 -9.18 -4.83
N ASP A 20 -11.26 -9.60 -3.84
CA ASP A 20 -11.53 -8.82 -2.62
C ASP A 20 -11.21 -9.55 -1.30
N ALA A 21 -11.08 -8.78 -0.21
CA ALA A 21 -10.78 -9.26 1.14
C ALA A 21 -11.28 -8.25 2.21
N ASN A 22 -12.56 -8.39 2.59
CA ASN A 22 -13.18 -7.73 3.74
C ASN A 22 -13.13 -6.18 3.67
N ILE A 23 -12.13 -5.52 4.28
CA ILE A 23 -11.97 -4.05 4.28
C ILE A 23 -11.25 -3.53 3.02
N PHE A 24 -10.54 -4.39 2.28
CA PHE A 24 -9.73 -4.03 1.12
C PHE A 24 -10.02 -4.91 -0.11
N ARG A 25 -9.49 -4.52 -1.28
CA ARG A 25 -9.75 -5.17 -2.57
C ARG A 25 -8.57 -4.96 -3.53
N VAL A 26 -8.18 -5.99 -4.28
CA VAL A 26 -7.10 -5.91 -5.29
C VAL A 26 -7.66 -5.85 -6.72
N ASP A 27 -7.14 -4.90 -7.52
CA ASP A 27 -7.29 -4.89 -8.98
C ASP A 27 -6.00 -5.40 -9.64
N LYS A 28 -6.12 -6.56 -10.30
CA LYS A 28 -4.98 -7.30 -10.87
C LYS A 28 -4.61 -6.85 -12.30
N ASP A 29 -5.53 -6.20 -13.02
CA ASP A 29 -5.36 -5.76 -14.41
C ASP A 29 -4.63 -4.41 -14.49
N SER A 30 -5.11 -3.43 -13.72
CA SER A 30 -4.52 -2.09 -13.63
C SER A 30 -3.40 -1.99 -12.57
N ARG A 31 -3.29 -2.99 -11.68
CA ARG A 31 -2.30 -3.12 -10.61
C ARG A 31 -2.52 -2.05 -9.52
N GLU A 32 -3.61 -2.21 -8.76
CA GLU A 32 -4.08 -1.24 -7.75
C GLU A 32 -4.63 -1.98 -6.52
N VAL A 33 -4.77 -1.29 -5.37
CA VAL A 33 -5.36 -1.85 -4.15
C VAL A 33 -6.23 -0.80 -3.43
N TYR A 34 -7.48 -1.17 -3.12
CA TYR A 34 -8.49 -0.27 -2.56
C TYR A 34 -8.67 -0.56 -1.08
N MET A 35 -8.83 0.48 -0.27
CA MET A 35 -9.32 0.42 1.09
C MET A 35 -10.75 0.98 1.16
N HIS A 36 -11.51 0.64 2.20
CA HIS A 36 -12.89 1.09 2.41
C HIS A 36 -13.12 2.62 2.23
N GLU A 37 -12.13 3.46 2.58
CA GLU A 37 -12.20 4.92 2.47
C GLU A 37 -11.58 5.48 1.17
N LYS A 38 -10.78 4.71 0.42
CA LYS A 38 -9.90 5.26 -0.64
C LYS A 38 -9.22 4.24 -1.58
N LYS A 39 -9.00 4.64 -2.83
CA LYS A 39 -8.19 3.94 -3.82
C LYS A 39 -6.69 4.29 -3.65
N LEU A 40 -5.77 3.30 -3.72
CA LEU A 40 -4.33 3.58 -3.94
C LEU A 40 -3.68 2.57 -4.91
N ASP A 41 -2.66 3.01 -5.64
CA ASP A 41 -2.41 2.49 -6.99
C ASP A 41 -0.93 2.08 -7.21
N LEU A 42 -0.27 1.67 -6.12
CA LEU A 42 1.16 1.29 -6.09
C LEU A 42 1.40 -0.14 -6.62
N THR A 43 2.68 -0.55 -6.65
CA THR A 43 3.18 -1.67 -7.48
C THR A 43 3.12 -2.97 -6.68
N ARG A 44 3.29 -4.14 -7.33
CA ARG A 44 2.94 -5.46 -6.77
C ARG A 44 3.51 -5.73 -5.37
N ALA A 45 4.77 -5.37 -5.14
CA ALA A 45 5.45 -5.49 -3.85
C ALA A 45 4.79 -4.60 -2.79
N GLU A 46 4.63 -3.30 -3.10
CA GLU A 46 3.99 -2.29 -2.24
C GLU A 46 2.55 -2.67 -1.89
N TYR A 47 1.85 -3.24 -2.88
CA TYR A 47 0.52 -3.83 -2.73
C TYR A 47 0.55 -5.01 -1.75
N GLU A 48 1.48 -5.97 -1.90
CA GLU A 48 1.65 -7.10 -0.97
C GLU A 48 1.72 -6.59 0.49
N ILE A 49 2.56 -5.56 0.71
CA ILE A 49 2.74 -5.00 2.06
C ILE A 49 1.44 -4.38 2.59
N LEU A 50 0.85 -3.44 1.85
CA LEU A 50 -0.33 -2.71 2.34
C LEU A 50 -1.56 -3.64 2.44
N SER A 51 -1.75 -4.56 1.50
CA SER A 51 -2.70 -5.68 1.60
C SER A 51 -2.56 -6.44 2.92
N LEU A 52 -1.37 -6.97 3.24
CA LEU A 52 -1.18 -7.66 4.52
C LEU A 52 -1.36 -6.72 5.71
N LEU A 53 -1.00 -5.44 5.58
CA LEU A 53 -1.19 -4.43 6.61
C LEU A 53 -2.66 -4.25 6.96
N ILE A 54 -3.55 -4.08 5.98
CA ILE A 54 -4.99 -3.93 6.27
C ILE A 54 -5.60 -5.27 6.73
N SER A 55 -5.07 -6.40 6.26
CA SER A 55 -5.44 -7.73 6.78
C SER A 55 -5.07 -7.93 8.27
N LYS A 56 -3.85 -7.57 8.70
CA LYS A 56 -3.33 -7.84 10.05
C LYS A 56 -3.68 -6.76 11.09
N LYS A 57 -3.70 -5.49 10.64
CA LYS A 57 -4.10 -4.19 11.24
C LYS A 57 -3.15 -3.04 10.83
N GLY A 58 -3.72 -1.82 10.67
CA GLY A 58 -3.04 -0.64 10.10
C GLY A 58 -1.72 -0.30 10.78
N TYR A 59 -1.76 0.01 12.08
CA TYR A 59 -0.61 0.13 12.98
C TYR A 59 0.34 1.26 12.50
N VAL A 60 1.56 1.30 13.03
CA VAL A 60 2.65 2.13 12.50
C VAL A 60 3.43 1.30 11.47
N PHE A 61 3.28 1.68 10.20
CA PHE A 61 3.86 1.04 9.03
C PHE A 61 5.31 1.54 8.89
N SER A 62 6.27 0.62 9.06
CA SER A 62 7.66 0.92 9.43
C SER A 62 8.70 0.34 8.44
N ARG A 63 9.90 0.95 8.36
CA ARG A 63 11.01 0.54 7.47
C ARG A 63 11.27 -0.99 7.51
N GLU A 64 11.57 -1.54 8.69
CA GLU A 64 11.83 -2.97 8.90
C GLU A 64 10.59 -3.84 8.61
N SER A 65 9.40 -3.49 9.11
CA SER A 65 8.17 -4.27 8.83
C SER A 65 7.86 -4.34 7.33
N ILE A 66 8.01 -3.21 6.63
CA ILE A 66 7.96 -3.12 5.15
C ILE A 66 8.94 -4.08 4.48
N ALA A 67 10.20 -4.04 4.92
CA ALA A 67 11.29 -4.88 4.45
C ALA A 67 11.15 -6.35 4.86
N ILE A 68 10.27 -6.67 5.82
CA ILE A 68 9.88 -8.05 6.13
C ILE A 68 8.74 -8.52 5.21
N GLU A 69 7.74 -7.67 4.93
CA GLU A 69 6.58 -8.07 4.14
C GLU A 69 6.78 -8.01 2.61
N SER A 70 7.40 -6.97 2.03
CA SER A 70 7.77 -7.03 0.59
C SER A 70 9.17 -7.65 0.41
N GLU A 71 10.21 -7.00 0.96
CA GLU A 71 11.61 -7.43 0.89
C GLU A 71 12.16 -7.41 -0.56
N SER A 72 11.56 -6.62 -1.47
CA SER A 72 12.02 -6.52 -2.87
C SER A 72 13.41 -5.86 -3.00
N ILE A 73 13.75 -4.96 -2.07
CA ILE A 73 15.09 -4.36 -1.94
C ILE A 73 15.88 -5.11 -0.86
N ASN A 74 17.07 -5.62 -1.23
CA ASN A 74 17.87 -6.52 -0.39
C ASN A 74 18.35 -5.91 0.96
N PRO A 75 18.94 -4.69 1.00
CA PRO A 75 19.29 -4.03 2.27
C PRO A 75 18.01 -3.58 3.00
N GLU A 76 17.68 -4.27 4.09
CA GLU A 76 16.40 -4.12 4.78
C GLU A 76 16.21 -2.75 5.45
N SER A 77 17.30 -2.07 5.84
CA SER A 77 17.25 -0.74 6.45
C SER A 77 17.22 0.41 5.41
N SER A 78 17.11 0.10 4.11
CA SER A 78 17.12 1.10 3.03
C SER A 78 15.99 2.13 3.13
N ASN A 79 16.34 3.39 3.46
CA ASN A 79 15.37 4.49 3.44
C ASN A 79 14.94 4.81 1.99
N LYS A 80 15.77 4.56 0.97
CA LYS A 80 15.40 4.78 -0.44
C LYS A 80 14.26 3.86 -0.88
N SER A 81 14.17 2.66 -0.31
CA SER A 81 13.00 1.80 -0.49
C SER A 81 11.73 2.46 0.11
N ILE A 82 11.76 2.99 1.35
CA ILE A 82 10.60 3.76 1.89
C ILE A 82 10.32 5.04 1.11
N ASP A 83 11.34 5.69 0.56
CA ASP A 83 11.21 6.86 -0.30
C ASP A 83 10.53 6.52 -1.65
N VAL A 84 10.78 5.35 -2.23
CA VAL A 84 9.92 4.82 -3.33
C VAL A 84 8.49 4.71 -2.83
N ILE A 85 8.26 3.98 -1.72
CA ILE A 85 6.88 3.69 -1.30
C ILE A 85 6.11 4.96 -0.97
N ILE A 86 6.62 5.82 -0.08
CA ILE A 86 6.01 7.11 0.28
C ILE A 86 5.88 8.01 -0.96
N GLY A 87 6.96 8.20 -1.72
CA GLY A 87 7.00 9.16 -2.82
C GLY A 87 6.04 8.78 -3.95
N ARG A 88 5.95 7.49 -4.30
CA ARG A 88 5.06 7.03 -5.37
C ARG A 88 3.63 6.76 -4.87
N LEU A 89 3.38 6.39 -3.60
CA LEU A 89 2.01 6.43 -3.03
C LEU A 89 1.48 7.86 -3.16
N ARG A 90 2.23 8.84 -2.64
CA ARG A 90 1.92 10.27 -2.74
C ARG A 90 1.72 10.71 -4.19
N SER A 91 2.57 10.33 -5.14
CA SER A 91 2.37 10.76 -6.54
C SER A 91 1.11 10.14 -7.18
N LYS A 92 0.80 8.87 -6.91
CA LYS A 92 -0.46 8.28 -7.36
C LYS A 92 -1.69 9.02 -6.76
N ILE A 93 -1.71 9.26 -5.44
CA ILE A 93 -2.84 9.95 -4.78
C ILE A 93 -2.85 11.49 -4.92
N GLU A 94 -1.78 12.07 -5.49
CA GLU A 94 -1.73 13.48 -5.92
C GLU A 94 -2.31 13.64 -7.34
N LYS A 95 -1.98 12.74 -8.27
CA LYS A 95 -2.51 12.78 -9.64
C LYS A 95 -4.00 12.37 -9.70
N ASN A 96 -4.40 11.32 -8.98
CA ASN A 96 -5.82 10.98 -8.74
C ASN A 96 -6.47 11.97 -7.73
N PRO A 97 -7.81 12.19 -7.79
CA PRO A 97 -8.50 13.12 -6.90
C PRO A 97 -8.64 12.57 -5.46
N LYS A 98 -8.65 11.25 -5.29
CA LYS A 98 -8.70 10.61 -3.97
C LYS A 98 -7.34 10.74 -3.23
N GLN A 99 -7.37 11.14 -1.95
CA GLN A 99 -6.22 11.50 -1.12
C GLN A 99 -6.34 10.92 0.31
N PRO A 100 -5.26 10.80 1.11
CA PRO A 100 -5.30 10.22 2.45
C PRO A 100 -5.98 11.16 3.46
N GLN A 101 -6.42 10.55 4.57
CA GLN A 101 -7.10 11.22 5.67
C GLN A 101 -6.97 10.41 6.98
N TYR A 102 -6.94 9.06 6.90
CA TYR A 102 -6.63 8.20 8.06
C TYR A 102 -5.15 7.76 8.16
N ILE A 103 -4.25 8.30 7.33
CA ILE A 103 -2.79 8.17 7.51
C ILE A 103 -2.26 9.41 8.26
N ILE A 104 -1.38 9.20 9.24
CA ILE A 104 -0.52 10.24 9.87
C ILE A 104 0.96 9.85 9.71
N SER A 105 1.80 10.74 9.21
CA SER A 105 3.25 10.50 9.07
C SER A 105 4.01 10.85 10.37
N VAL A 106 5.01 10.03 10.71
CA VAL A 106 5.82 10.13 11.95
C VAL A 106 7.31 9.93 11.60
N ARG A 107 7.97 11.01 11.14
CA ARG A 107 9.34 10.96 10.62
C ARG A 107 10.32 10.45 11.69
N GLY A 108 11.17 9.49 11.29
CA GLY A 108 12.11 8.75 12.16
C GLY A 108 11.56 7.42 12.66
N ILE A 109 10.28 7.11 12.44
CA ILE A 109 9.64 5.83 12.81
C ILE A 109 8.94 5.20 11.59
N GLY A 110 8.01 5.93 10.96
CA GLY A 110 7.20 5.46 9.84
C GLY A 110 5.91 6.27 9.67
N TYR A 111 4.80 5.59 9.39
CA TYR A 111 3.49 6.23 9.21
C TYR A 111 2.33 5.40 9.78
N LYS A 112 1.54 6.02 10.65
CA LYS A 112 0.43 5.40 11.37
C LYS A 112 -0.85 5.44 10.55
N LEU A 113 -1.58 4.33 10.50
CA LEU A 113 -2.91 4.23 9.93
C LEU A 113 -3.77 3.20 10.66
N GLU A 114 -5.05 3.15 10.32
CA GLU A 114 -6.06 2.40 11.05
C GLU A 114 -7.22 1.94 10.15
N TYR A 115 -7.82 0.79 10.51
CA TYR A 115 -8.93 0.16 9.79
C TYR A 115 -10.32 0.63 10.25
N GLY A 11 -22.37 -6.38 -20.51
CA GLY A 11 -21.38 -7.35 -21.03
C GLY A 11 -21.53 -8.72 -20.35
N SER A 12 -20.95 -9.76 -20.96
CA SER A 12 -20.91 -11.13 -20.43
C SER A 12 -19.80 -11.35 -19.36
N GLU A 13 -19.82 -12.51 -18.69
CA GLU A 13 -18.81 -12.90 -17.71
C GLU A 13 -17.44 -13.19 -18.37
N GLU A 14 -16.35 -12.99 -17.62
CA GLU A 14 -14.96 -13.12 -18.11
C GLU A 14 -14.00 -13.49 -16.98
N VAL A 15 -12.93 -14.22 -17.31
CA VAL A 15 -11.94 -14.78 -16.36
C VAL A 15 -11.10 -13.68 -15.68
N SER A 16 -10.90 -12.54 -16.36
CA SER A 16 -10.08 -11.40 -15.90
C SER A 16 -10.69 -10.57 -14.74
N GLU A 17 -11.83 -11.00 -14.19
CA GLU A 17 -12.53 -10.35 -13.08
C GLU A 17 -11.61 -10.10 -11.85
N PRO A 18 -11.64 -8.90 -11.23
CA PRO A 18 -10.78 -8.54 -10.09
C PRO A 18 -11.15 -9.29 -8.81
N GLY A 19 -10.25 -9.23 -7.82
CA GLY A 19 -10.38 -9.92 -6.52
C GLY A 19 -10.72 -8.97 -5.36
N ASP A 20 -11.22 -9.54 -4.26
CA ASP A 20 -11.64 -8.80 -3.06
C ASP A 20 -11.15 -9.48 -1.77
N ALA A 21 -10.99 -8.70 -0.69
CA ALA A 21 -10.46 -9.14 0.61
C ALA A 21 -10.95 -8.22 1.76
N ASN A 22 -12.27 -8.22 1.98
CA ASN A 22 -12.97 -7.52 3.07
C ASN A 22 -12.70 -6.01 3.05
N ILE A 23 -11.80 -5.51 3.91
CA ILE A 23 -11.49 -4.07 4.07
C ILE A 23 -10.62 -3.55 2.89
N PHE A 24 -9.93 -4.44 2.15
CA PHE A 24 -9.27 -4.08 0.91
C PHE A 24 -9.76 -4.93 -0.28
N ARG A 25 -9.49 -4.48 -1.50
CA ARG A 25 -9.79 -5.17 -2.77
C ARG A 25 -8.57 -5.08 -3.70
N VAL A 26 -8.49 -5.93 -4.72
CA VAL A 26 -7.36 -5.95 -5.68
C VAL A 26 -7.82 -5.94 -7.14
N ASP A 27 -7.32 -4.97 -7.91
CA ASP A 27 -7.50 -4.89 -9.36
C ASP A 27 -6.29 -5.52 -10.08
N LYS A 28 -6.56 -6.58 -10.84
CA LYS A 28 -5.53 -7.41 -11.49
C LYS A 28 -5.12 -6.94 -12.90
N ASP A 29 -5.90 -6.07 -13.55
CA ASP A 29 -5.61 -5.52 -14.88
C ASP A 29 -4.57 -4.38 -14.79
N SER A 30 -4.82 -3.40 -13.92
CA SER A 30 -3.94 -2.25 -13.70
C SER A 30 -2.95 -2.45 -12.52
N ARG A 31 -3.08 -3.56 -11.77
CA ARG A 31 -2.22 -3.98 -10.66
C ARG A 31 -2.27 -2.99 -9.49
N GLU A 32 -3.49 -2.74 -8.98
CA GLU A 32 -3.81 -1.71 -7.98
C GLU A 32 -4.50 -2.35 -6.76
N VAL A 33 -4.44 -1.69 -5.58
CA VAL A 33 -5.16 -2.13 -4.38
C VAL A 33 -6.04 -1.01 -3.82
N TYR A 34 -7.26 -1.36 -3.43
CA TYR A 34 -8.29 -0.42 -2.98
C TYR A 34 -8.53 -0.64 -1.48
N MET A 35 -8.23 0.34 -0.62
CA MET A 35 -8.66 0.33 0.78
C MET A 35 -10.04 0.98 0.89
N HIS A 36 -10.81 0.60 1.91
CA HIS A 36 -12.15 1.12 2.19
C HIS A 36 -12.28 2.67 2.14
N GLU A 37 -11.19 3.39 2.43
CA GLU A 37 -11.14 4.87 2.44
C GLU A 37 -10.39 5.49 1.25
N LYS A 38 -9.60 4.75 0.45
CA LYS A 38 -8.87 5.29 -0.72
C LYS A 38 -8.23 4.26 -1.66
N LYS A 39 -7.90 4.69 -2.89
CA LYS A 39 -7.19 3.87 -3.90
C LYS A 39 -5.66 4.03 -3.83
N LEU A 40 -4.89 2.92 -3.93
CA LEU A 40 -3.43 2.86 -3.79
C LEU A 40 -2.85 1.96 -4.90
N ASP A 41 -1.88 2.47 -5.65
CA ASP A 41 -1.69 2.04 -7.05
C ASP A 41 -0.22 1.81 -7.44
N LEU A 42 0.59 1.23 -6.53
CA LEU A 42 1.99 0.88 -6.81
C LEU A 42 2.11 -0.44 -7.62
N THR A 43 2.58 -1.52 -6.98
CA THR A 43 3.21 -2.70 -7.61
C THR A 43 3.03 -3.88 -6.66
N ARG A 44 3.27 -5.13 -7.12
CA ARG A 44 3.09 -6.37 -6.36
C ARG A 44 3.63 -6.30 -4.92
N ALA A 45 4.83 -5.75 -4.74
CA ALA A 45 5.43 -5.54 -3.42
C ALA A 45 4.56 -4.64 -2.52
N GLU A 46 4.09 -3.49 -3.01
CA GLU A 46 3.31 -2.56 -2.20
C GLU A 46 1.87 -3.04 -1.97
N TYR A 47 1.33 -3.71 -2.98
CA TYR A 47 0.16 -4.58 -2.81
C TYR A 47 0.37 -5.54 -1.62
N GLU A 48 1.47 -6.29 -1.56
CA GLU A 48 1.79 -7.15 -0.41
C GLU A 48 1.82 -6.35 0.90
N ILE A 49 2.45 -5.16 0.97
CA ILE A 49 2.54 -4.42 2.23
C ILE A 49 1.17 -3.93 2.71
N LEU A 50 0.35 -3.36 1.82
CA LEU A 50 -0.94 -2.79 2.19
C LEU A 50 -1.96 -3.88 2.49
N SER A 51 -2.03 -4.93 1.67
CA SER A 51 -2.89 -6.08 1.96
C SER A 51 -2.55 -6.72 3.32
N LEU A 52 -1.26 -6.94 3.63
CA LEU A 52 -0.86 -7.48 4.93
C LEU A 52 -1.14 -6.48 6.06
N LEU A 53 -0.91 -5.18 5.84
CA LEU A 53 -1.16 -4.16 6.86
C LEU A 53 -2.65 -4.01 7.16
N ILE A 54 -3.47 -3.77 6.15
CA ILE A 54 -4.93 -3.65 6.32
C ILE A 54 -5.54 -4.94 6.90
N SER A 55 -5.02 -6.13 6.54
CA SER A 55 -5.45 -7.39 7.16
C SER A 55 -5.08 -7.48 8.66
N LYS A 56 -3.82 -7.15 9.05
CA LYS A 56 -3.34 -7.26 10.44
C LYS A 56 -3.67 -6.05 11.34
N LYS A 57 -4.22 -4.98 10.74
CA LYS A 57 -4.69 -3.67 11.28
C LYS A 57 -3.62 -2.57 11.14
N GLY A 58 -4.09 -1.32 11.21
CA GLY A 58 -3.39 -0.10 10.78
C GLY A 58 -1.95 0.04 11.28
N TYR A 59 -1.71 0.08 12.59
CA TYR A 59 -0.38 0.04 13.18
C TYR A 59 0.49 1.20 12.63
N VAL A 60 1.80 1.01 12.57
CA VAL A 60 2.72 1.90 11.87
C VAL A 60 3.44 1.12 10.77
N PHE A 61 3.27 1.53 9.50
CA PHE A 61 4.10 1.12 8.38
C PHE A 61 5.53 1.60 8.65
N SER A 62 6.44 0.67 8.96
CA SER A 62 7.83 0.95 9.41
C SER A 62 8.84 0.27 8.50
N ARG A 63 9.93 0.91 8.10
CA ARG A 63 10.85 0.36 7.07
C ARG A 63 11.36 -1.09 7.30
N GLU A 64 11.63 -1.49 8.54
CA GLU A 64 11.96 -2.89 8.88
C GLU A 64 10.75 -3.83 8.69
N SER A 65 9.58 -3.43 9.20
CA SER A 65 8.32 -4.14 8.97
C SER A 65 8.01 -4.24 7.46
N ILE A 66 8.28 -3.20 6.67
CA ILE A 66 8.18 -3.24 5.19
C ILE A 66 9.09 -4.28 4.55
N ALA A 67 10.35 -4.34 4.98
CA ALA A 67 11.31 -5.38 4.59
C ALA A 67 10.89 -6.78 5.07
N ILE A 68 10.01 -6.88 6.09
CA ILE A 68 9.35 -8.16 6.46
C ILE A 68 8.09 -8.41 5.60
N GLU A 69 7.32 -7.36 5.27
CA GLU A 69 6.05 -7.40 4.55
C GLU A 69 6.21 -7.71 3.04
N SER A 70 7.16 -7.09 2.33
CA SER A 70 7.34 -7.34 0.88
C SER A 70 8.70 -7.97 0.51
N GLU A 71 9.82 -7.36 0.94
CA GLU A 71 11.19 -7.90 0.84
C GLU A 71 11.72 -8.03 -0.61
N SER A 72 11.34 -7.11 -1.50
CA SER A 72 11.89 -7.03 -2.87
C SER A 72 13.29 -6.36 -2.94
N ILE A 73 13.88 -6.00 -1.78
CA ILE A 73 15.00 -5.06 -1.62
C ILE A 73 16.15 -5.71 -0.84
N ASN A 74 17.41 -5.45 -1.25
CA ASN A 74 18.61 -6.10 -0.71
C ASN A 74 18.96 -5.68 0.75
N PRO A 75 19.15 -4.38 1.09
CA PRO A 75 19.44 -3.95 2.46
C PRO A 75 18.23 -4.13 3.38
N GLU A 76 18.48 -4.57 4.62
CA GLU A 76 17.45 -4.93 5.61
C GLU A 76 16.66 -3.73 6.17
N SER A 77 17.14 -2.50 5.98
CA SER A 77 16.36 -1.29 6.25
C SER A 77 15.38 -0.97 5.11
N SER A 78 15.71 -1.35 3.86
CA SER A 78 14.98 -1.06 2.61
C SER A 78 14.68 0.44 2.37
N ASN A 79 15.42 1.35 3.04
CA ASN A 79 15.04 2.76 3.22
C ASN A 79 14.75 3.54 1.92
N LYS A 80 15.44 3.25 0.80
CA LYS A 80 15.17 3.90 -0.49
C LYS A 80 13.93 3.33 -1.20
N SER A 81 13.54 2.09 -0.91
CA SER A 81 12.19 1.62 -1.25
C SER A 81 11.16 2.49 -0.51
N ILE A 82 11.25 2.66 0.82
CA ILE A 82 10.28 3.48 1.58
C ILE A 82 10.20 4.92 1.06
N ASP A 83 11.34 5.54 0.71
CA ASP A 83 11.38 6.83 0.02
C ASP A 83 10.58 6.82 -1.30
N VAL A 84 10.77 5.80 -2.14
CA VAL A 84 9.98 5.62 -3.38
C VAL A 84 8.50 5.31 -3.10
N ILE A 85 8.18 4.56 -2.05
CA ILE A 85 6.79 4.19 -1.74
C ILE A 85 6.02 5.36 -1.16
N ILE A 86 6.59 6.12 -0.23
CA ILE A 86 5.98 7.38 0.25
C ILE A 86 5.82 8.36 -0.91
N GLY A 87 6.89 8.61 -1.67
CA GLY A 87 6.89 9.58 -2.76
C GLY A 87 5.89 9.20 -3.85
N ARG A 88 5.85 7.93 -4.24
CA ARG A 88 4.95 7.44 -5.29
C ARG A 88 3.52 7.20 -4.80
N LEU A 89 3.25 6.85 -3.54
CA LEU A 89 1.88 6.93 -2.98
C LEU A 89 1.39 8.38 -2.95
N ARG A 90 2.24 9.34 -2.54
CA ARG A 90 1.95 10.77 -2.73
C ARG A 90 1.64 11.10 -4.19
N SER A 91 2.35 10.53 -5.16
CA SER A 91 2.03 10.71 -6.59
C SER A 91 0.66 10.12 -6.97
N LYS A 92 0.37 8.88 -6.55
CA LYS A 92 -0.95 8.29 -6.80
C LYS A 92 -2.09 9.10 -6.16
N ILE A 93 -1.97 9.62 -4.94
CA ILE A 93 -3.03 10.50 -4.35
C ILE A 93 -2.99 11.97 -4.81
N GLU A 94 -1.92 12.41 -5.46
CA GLU A 94 -1.90 13.67 -6.21
C GLU A 94 -2.78 13.56 -7.47
N LYS A 95 -2.62 12.47 -8.24
CA LYS A 95 -3.31 12.29 -9.53
C LYS A 95 -4.68 11.58 -9.45
N ASN A 96 -4.95 10.79 -8.41
CA ASN A 96 -6.30 10.31 -8.06
C ASN A 96 -7.20 11.43 -7.50
N PRO A 97 -8.54 11.28 -7.49
CA PRO A 97 -9.45 12.18 -6.78
C PRO A 97 -9.34 12.06 -5.25
N LYS A 98 -8.91 10.91 -4.72
CA LYS A 98 -8.73 10.67 -3.29
C LYS A 98 -7.47 11.35 -2.70
N GLN A 99 -7.55 11.75 -1.43
CA GLN A 99 -6.48 12.36 -0.62
C GLN A 99 -6.36 11.61 0.73
N PRO A 100 -5.24 11.73 1.48
CA PRO A 100 -5.08 11.14 2.81
C PRO A 100 -5.95 11.85 3.85
N GLN A 101 -6.27 11.12 4.92
CA GLN A 101 -7.11 11.59 6.03
C GLN A 101 -6.93 10.74 7.30
N TYR A 102 -6.76 9.40 7.17
CA TYR A 102 -6.62 8.48 8.31
C TYR A 102 -5.23 7.84 8.47
N ILE A 103 -4.26 8.24 7.62
CA ILE A 103 -2.84 7.90 7.80
C ILE A 103 -2.03 9.15 8.20
N ILE A 104 -1.20 9.04 9.24
CA ILE A 104 -0.42 10.13 9.85
C ILE A 104 1.10 9.88 9.72
N SER A 105 1.89 10.91 9.46
CA SER A 105 3.36 10.85 9.35
C SER A 105 4.02 10.77 10.76
N VAL A 106 4.91 9.80 10.97
CA VAL A 106 5.69 9.63 12.22
C VAL A 106 7.20 9.73 11.90
N ARG A 107 7.76 10.94 12.05
CA ARG A 107 9.19 11.28 11.91
C ARG A 107 9.74 11.15 10.47
N GLY A 108 8.88 10.77 9.49
CA GLY A 108 9.27 10.38 8.13
C GLY A 108 9.80 8.93 8.01
N ILE A 109 9.77 8.15 9.11
CA ILE A 109 10.29 6.77 9.18
C ILE A 109 9.14 5.77 9.33
N GLY A 110 8.15 6.08 10.18
CA GLY A 110 6.88 5.37 10.29
C GLY A 110 5.73 6.18 9.70
N TYR A 111 4.69 5.52 9.20
CA TYR A 111 3.38 6.12 8.95
C TYR A 111 2.27 5.32 9.62
N LYS A 112 1.53 6.00 10.48
CA LYS A 112 0.53 5.42 11.38
C LYS A 112 -0.86 5.41 10.74
N LEU A 113 -1.48 4.24 10.66
CA LEU A 113 -2.85 4.01 10.19
C LEU A 113 -3.67 3.40 11.33
N GLU A 114 -5.00 3.34 11.21
CA GLU A 114 -5.86 2.69 12.22
C GLU A 114 -7.12 2.05 11.59
N TYR A 115 -7.61 1.00 12.27
CA TYR A 115 -8.77 0.17 11.91
C TYR A 115 -10.11 0.91 12.07
N GLY A 11 -13.77 -6.82 -26.08
CA GLY A 11 -14.00 -8.24 -25.71
C GLY A 11 -14.64 -8.35 -24.34
N SER A 12 -14.08 -9.18 -23.46
CA SER A 12 -14.56 -9.37 -22.08
C SER A 12 -14.36 -8.13 -21.19
N GLU A 13 -15.13 -8.04 -20.10
CA GLU A 13 -15.14 -6.90 -19.18
C GLU A 13 -13.82 -6.70 -18.41
N GLU A 14 -13.09 -7.80 -18.16
CA GLU A 14 -11.77 -7.83 -17.50
C GLU A 14 -10.88 -8.89 -18.18
N VAL A 15 -9.57 -8.64 -18.29
CA VAL A 15 -8.62 -9.55 -18.97
C VAL A 15 -8.05 -10.66 -18.06
N SER A 16 -8.33 -10.61 -16.77
CA SER A 16 -7.82 -11.55 -15.75
C SER A 16 -8.66 -11.49 -14.45
N GLU A 17 -8.55 -12.53 -13.61
CA GLU A 17 -9.37 -12.70 -12.40
C GLU A 17 -8.84 -11.82 -11.23
N PRO A 18 -9.65 -10.90 -10.66
CA PRO A 18 -9.26 -10.07 -9.52
C PRO A 18 -9.35 -10.83 -8.19
N GLY A 19 -9.00 -10.16 -7.09
CA GLY A 19 -9.13 -10.66 -5.71
C GLY A 19 -9.67 -9.61 -4.75
N ASP A 20 -9.93 -10.00 -3.49
CA ASP A 20 -10.43 -9.14 -2.42
C ASP A 20 -10.38 -9.84 -1.05
N ALA A 21 -10.41 -9.04 0.03
CA ALA A 21 -10.56 -9.52 1.41
C ALA A 21 -10.94 -8.38 2.38
N ASN A 22 -12.06 -8.56 3.10
CA ASN A 22 -12.53 -7.72 4.19
C ASN A 22 -12.55 -6.20 3.87
N ILE A 23 -11.52 -5.45 4.29
CA ILE A 23 -11.45 -3.98 4.15
C ILE A 23 -10.91 -3.53 2.78
N PHE A 24 -10.27 -4.42 2.01
CA PHE A 24 -9.65 -4.09 0.72
C PHE A 24 -10.09 -4.99 -0.44
N ARG A 25 -9.79 -4.53 -1.67
CA ARG A 25 -10.05 -5.21 -2.95
C ARG A 25 -8.79 -5.08 -3.82
N VAL A 26 -8.46 -6.08 -4.62
CA VAL A 26 -7.23 -6.14 -5.44
C VAL A 26 -7.60 -6.29 -6.91
N ASP A 27 -7.15 -5.34 -7.73
CA ASP A 27 -7.45 -5.29 -9.17
C ASP A 27 -6.25 -5.80 -9.98
N LYS A 28 -6.34 -7.02 -10.50
CA LYS A 28 -5.27 -7.65 -11.30
C LYS A 28 -5.20 -7.09 -12.74
N ASP A 29 -6.31 -6.56 -13.25
CA ASP A 29 -6.45 -6.02 -14.62
C ASP A 29 -5.53 -4.80 -14.86
N SER A 30 -5.52 -3.86 -13.91
CA SER A 30 -4.73 -2.61 -13.94
C SER A 30 -3.64 -2.54 -12.84
N ARG A 31 -3.54 -3.56 -11.97
CA ARG A 31 -2.45 -3.85 -11.01
C ARG A 31 -2.59 -3.10 -9.66
N GLU A 32 -3.81 -2.77 -9.24
CA GLU A 32 -4.14 -1.77 -8.20
C GLU A 32 -4.66 -2.42 -6.89
N VAL A 33 -4.82 -1.64 -5.80
CA VAL A 33 -5.45 -2.10 -4.54
C VAL A 33 -6.28 -0.99 -3.91
N TYR A 34 -7.53 -1.30 -3.56
CA TYR A 34 -8.50 -0.36 -3.00
C TYR A 34 -8.69 -0.64 -1.51
N MET A 35 -8.73 0.40 -0.67
CA MET A 35 -9.15 0.36 0.74
C MET A 35 -10.50 1.06 0.86
N HIS A 36 -11.29 0.70 1.88
CA HIS A 36 -12.64 1.24 2.09
C HIS A 36 -12.72 2.79 2.20
N GLU A 37 -11.62 3.45 2.57
CA GLU A 37 -11.49 4.92 2.65
C GLU A 37 -10.76 5.56 1.46
N LYS A 38 -10.06 4.79 0.60
CA LYS A 38 -9.34 5.32 -0.58
C LYS A 38 -8.88 4.28 -1.62
N LYS A 39 -8.87 4.67 -2.91
CA LYS A 39 -8.29 3.89 -4.01
C LYS A 39 -6.76 4.10 -4.09
N LEU A 40 -5.97 3.02 -4.26
CA LEU A 40 -4.51 3.08 -4.39
C LEU A 40 -3.97 2.19 -5.51
N ASP A 41 -2.74 2.49 -5.90
CA ASP A 41 -1.94 1.81 -6.91
C ASP A 41 -0.47 2.20 -6.68
N LEU A 42 0.46 1.27 -6.90
CA LEU A 42 1.90 1.49 -6.67
C LEU A 42 2.69 0.51 -7.54
N THR A 43 3.06 -0.65 -6.99
CA THR A 43 3.50 -1.88 -7.72
C THR A 43 3.20 -3.11 -6.87
N ARG A 44 3.36 -4.31 -7.43
CA ARG A 44 2.83 -5.55 -6.84
C ARG A 44 3.34 -5.84 -5.42
N ALA A 45 4.64 -5.62 -5.16
CA ALA A 45 5.21 -5.82 -3.82
C ALA A 45 4.64 -4.81 -2.80
N GLU A 46 4.49 -3.54 -3.20
CA GLU A 46 3.95 -2.45 -2.40
C GLU A 46 2.47 -2.67 -2.06
N TYR A 47 1.72 -3.19 -3.04
CA TYR A 47 0.39 -3.75 -2.83
C TYR A 47 0.41 -4.83 -1.74
N GLU A 48 1.30 -5.83 -1.86
CA GLU A 48 1.40 -6.94 -0.88
C GLU A 48 1.56 -6.39 0.54
N ILE A 49 2.42 -5.39 0.72
CA ILE A 49 2.56 -4.73 2.04
C ILE A 49 1.26 -4.10 2.49
N LEU A 50 0.64 -3.26 1.65
CA LEU A 50 -0.53 -2.49 2.06
C LEU A 50 -1.76 -3.37 2.37
N SER A 51 -2.05 -4.38 1.54
CA SER A 51 -3.07 -5.38 1.86
C SER A 51 -2.76 -6.17 3.15
N LEU A 52 -1.53 -6.69 3.32
CA LEU A 52 -1.17 -7.42 4.54
C LEU A 52 -1.22 -6.50 5.77
N LEU A 53 -0.81 -5.24 5.63
CA LEU A 53 -0.88 -4.22 6.67
C LEU A 53 -2.32 -4.02 7.15
N ILE A 54 -3.27 -3.89 6.23
CA ILE A 54 -4.70 -3.80 6.58
C ILE A 54 -5.20 -5.12 7.23
N SER A 55 -4.76 -6.28 6.75
CA SER A 55 -5.09 -7.58 7.39
C SER A 55 -4.54 -7.71 8.83
N LYS A 56 -3.27 -7.38 9.09
CA LYS A 56 -2.62 -7.56 10.41
C LYS A 56 -3.03 -6.49 11.44
N LYS A 57 -3.24 -5.26 10.95
CA LYS A 57 -3.71 -3.99 11.55
C LYS A 57 -2.82 -2.80 11.14
N GLY A 58 -3.43 -1.61 11.03
CA GLY A 58 -2.81 -0.42 10.41
C GLY A 58 -1.46 -0.04 11.04
N TYR A 59 -1.45 0.22 12.36
CA TYR A 59 -0.24 0.40 13.16
C TYR A 59 0.58 1.57 12.59
N VAL A 60 1.89 1.55 12.80
CA VAL A 60 2.82 2.38 12.03
C VAL A 60 3.47 1.52 10.93
N PHE A 61 3.26 1.97 9.68
CA PHE A 61 3.71 1.39 8.43
C PHE A 61 5.16 1.82 8.20
N SER A 62 6.11 0.99 8.64
CA SER A 62 7.52 1.36 8.89
C SER A 62 8.50 0.66 7.95
N ARG A 63 9.69 1.25 7.73
CA ARG A 63 10.77 0.68 6.90
C ARG A 63 11.12 -0.81 7.17
N GLU A 64 11.16 -1.25 8.44
CA GLU A 64 11.36 -2.67 8.81
C GLU A 64 10.14 -3.54 8.50
N SER A 65 8.93 -3.13 8.88
CA SER A 65 7.68 -3.86 8.54
C SER A 65 7.55 -4.00 7.01
N ILE A 66 7.83 -2.92 6.28
CA ILE A 66 7.97 -2.89 4.81
C ILE A 66 8.96 -3.93 4.28
N ALA A 67 10.16 -3.98 4.86
CA ALA A 67 11.22 -4.93 4.55
C ALA A 67 10.81 -6.38 4.84
N ILE A 68 9.90 -6.60 5.79
CA ILE A 68 9.35 -7.93 6.09
C ILE A 68 8.22 -8.32 5.11
N GLU A 69 7.30 -7.39 4.77
CA GLU A 69 6.10 -7.73 4.00
C GLU A 69 6.19 -7.49 2.48
N SER A 70 6.99 -6.55 1.95
CA SER A 70 7.35 -6.57 0.51
C SER A 70 8.58 -7.47 0.31
N GLU A 71 9.71 -7.12 0.95
CA GLU A 71 10.94 -7.91 1.00
C GLU A 71 11.64 -8.08 -0.38
N SER A 72 11.15 -7.42 -1.43
CA SER A 72 11.71 -7.46 -2.80
C SER A 72 12.95 -6.53 -2.95
N ILE A 73 13.70 -6.36 -1.85
CA ILE A 73 14.70 -5.31 -1.61
C ILE A 73 15.90 -5.93 -0.87
N ASN A 74 17.13 -5.57 -1.25
CA ASN A 74 18.36 -6.20 -0.73
C ASN A 74 18.65 -5.88 0.77
N PRO A 75 18.75 -4.59 1.21
CA PRO A 75 18.98 -4.26 2.62
C PRO A 75 17.72 -4.47 3.47
N GLU A 76 17.90 -5.01 4.68
CA GLU A 76 16.84 -5.27 5.67
C GLU A 76 16.35 -4.00 6.39
N SER A 77 17.05 -2.87 6.24
CA SER A 77 16.54 -1.54 6.59
C SER A 77 15.60 -0.99 5.49
N SER A 78 15.78 -1.39 4.22
CA SER A 78 14.89 -1.03 3.10
C SER A 78 14.71 0.50 2.92
N ASN A 79 15.76 1.29 3.19
CA ASN A 79 15.73 2.75 3.14
C ASN A 79 15.41 3.34 1.74
N LYS A 80 15.74 2.63 0.65
CA LYS A 80 15.26 2.97 -0.71
C LYS A 80 13.82 2.49 -0.95
N SER A 81 13.38 1.40 -0.33
CA SER A 81 11.97 0.99 -0.35
C SER A 81 11.10 2.06 0.30
N ILE A 82 11.33 2.46 1.56
CA ILE A 82 10.44 3.46 2.22
C ILE A 82 10.36 4.76 1.42
N ASP A 83 11.49 5.19 0.88
CA ASP A 83 11.60 6.35 -0.02
C ASP A 83 10.76 6.20 -1.30
N VAL A 84 10.92 5.09 -2.04
CA VAL A 84 10.11 4.80 -3.26
C VAL A 84 8.63 4.66 -2.92
N ILE A 85 8.31 3.96 -1.82
CA ILE A 85 6.95 3.62 -1.42
C ILE A 85 6.24 4.91 -1.02
N ILE A 86 6.71 5.62 0.00
CA ILE A 86 6.07 6.84 0.49
C ILE A 86 6.07 7.91 -0.60
N GLY A 87 7.15 8.02 -1.38
CA GLY A 87 7.25 8.93 -2.51
C GLY A 87 6.14 8.72 -3.53
N ARG A 88 6.05 7.53 -4.14
CA ARG A 88 5.09 7.29 -5.22
C ARG A 88 3.66 6.97 -4.73
N LEU A 89 3.45 6.55 -3.47
CA LEU A 89 2.11 6.54 -2.84
C LEU A 89 1.58 7.98 -2.71
N ARG A 90 2.40 8.89 -2.17
CA ARG A 90 2.07 10.33 -2.14
C ARG A 90 1.82 10.87 -3.55
N SER A 91 2.67 10.52 -4.50
CA SER A 91 2.47 10.89 -5.92
C SER A 91 1.10 10.43 -6.44
N LYS A 92 0.72 9.15 -6.24
CA LYS A 92 -0.58 8.68 -6.70
C LYS A 92 -1.78 9.37 -6.01
N ILE A 93 -1.72 9.64 -4.70
CA ILE A 93 -2.83 10.31 -3.98
C ILE A 93 -2.83 11.86 -4.08
N GLU A 94 -1.75 12.47 -4.56
CA GLU A 94 -1.70 13.89 -4.94
C GLU A 94 -2.23 14.09 -6.38
N LYS A 95 -1.90 13.17 -7.30
CA LYS A 95 -2.38 13.20 -8.70
C LYS A 95 -3.88 12.86 -8.81
N ASN A 96 -4.36 11.85 -8.07
CA ASN A 96 -5.79 11.58 -7.93
C ASN A 96 -6.48 12.58 -6.97
N PRO A 97 -7.80 12.84 -7.11
CA PRO A 97 -8.55 13.67 -6.15
C PRO A 97 -8.72 12.96 -4.80
N LYS A 98 -8.83 11.62 -4.79
CA LYS A 98 -8.88 10.80 -3.58
C LYS A 98 -7.54 10.88 -2.79
N GLN A 99 -7.62 11.29 -1.53
CA GLN A 99 -6.49 11.66 -0.67
C GLN A 99 -6.79 11.25 0.80
N PRO A 100 -5.77 11.06 1.66
CA PRO A 100 -5.94 10.52 3.02
C PRO A 100 -6.51 11.54 4.01
N GLN A 101 -7.10 11.02 5.09
CA GLN A 101 -7.49 11.80 6.27
C GLN A 101 -7.18 11.05 7.58
N TYR A 102 -7.22 9.71 7.57
CA TYR A 102 -6.88 8.89 8.76
C TYR A 102 -5.39 8.48 8.82
N ILE A 103 -4.59 8.86 7.82
CA ILE A 103 -3.15 8.55 7.79
C ILE A 103 -2.34 9.72 8.37
N ILE A 104 -1.50 9.46 9.38
CA ILE A 104 -0.59 10.45 10.00
C ILE A 104 0.88 10.13 9.71
N SER A 105 1.71 11.13 9.39
CA SER A 105 3.13 11.00 9.09
C SER A 105 3.98 10.93 10.38
N VAL A 106 4.85 9.93 10.50
CA VAL A 106 5.79 9.76 11.64
C VAL A 106 7.24 9.85 11.12
N ARG A 107 7.78 11.07 11.11
CA ARG A 107 9.19 11.41 10.77
C ARG A 107 9.54 11.20 9.27
N GLY A 108 8.60 10.73 8.44
CA GLY A 108 8.82 10.25 7.07
C GLY A 108 9.34 8.81 6.99
N ILE A 109 9.48 8.11 8.13
CA ILE A 109 10.06 6.76 8.24
C ILE A 109 8.97 5.72 8.58
N GLY A 110 7.97 6.12 9.40
CA GLY A 110 6.72 5.40 9.60
C GLY A 110 5.53 6.25 9.17
N TYR A 111 4.44 5.62 8.72
CA TYR A 111 3.14 6.29 8.60
C TYR A 111 2.08 5.53 9.38
N LYS A 112 1.42 6.23 10.29
CA LYS A 112 0.38 5.70 11.16
C LYS A 112 -0.93 5.57 10.37
N LEU A 113 -1.41 4.33 10.25
CA LEU A 113 -2.63 3.93 9.55
C LEU A 113 -3.55 3.24 10.56
N GLU A 114 -4.86 3.25 10.32
CA GLU A 114 -5.83 2.53 11.16
C GLU A 114 -7.00 1.98 10.31
N TYR A 115 -7.62 0.90 10.79
CA TYR A 115 -8.75 0.22 10.14
C TYR A 115 -10.06 1.05 10.14
N GLY A 11 -15.68 -16.03 -7.02
CA GLY A 11 -15.43 -15.59 -8.40
C GLY A 11 -14.46 -16.53 -9.12
N SER A 12 -14.89 -17.15 -10.22
CA SER A 12 -14.10 -18.12 -11.00
C SER A 12 -14.61 -18.24 -12.46
N GLU A 13 -14.89 -17.09 -13.08
CA GLU A 13 -15.43 -16.95 -14.43
C GLU A 13 -14.33 -16.60 -15.46
N GLU A 14 -13.26 -15.91 -15.04
CA GLU A 14 -12.18 -15.44 -15.91
C GLU A 14 -10.82 -15.45 -15.16
N VAL A 15 -9.70 -15.68 -15.85
CA VAL A 15 -8.36 -15.77 -15.23
C VAL A 15 -7.80 -14.39 -14.81
N SER A 16 -8.28 -13.30 -15.40
CA SER A 16 -7.84 -11.92 -15.12
C SER A 16 -8.83 -11.11 -14.25
N GLU A 17 -9.86 -11.75 -13.69
CA GLU A 17 -10.88 -11.07 -12.86
C GLU A 17 -10.31 -10.54 -11.52
N PRO A 18 -10.87 -9.46 -10.95
CA PRO A 18 -10.41 -8.87 -9.69
C PRO A 18 -10.75 -9.73 -8.47
N GLY A 19 -10.06 -9.48 -7.36
CA GLY A 19 -10.27 -10.12 -6.05
C GLY A 19 -10.57 -9.12 -4.94
N ASP A 20 -11.21 -9.57 -3.86
CA ASP A 20 -11.64 -8.70 -2.75
C ASP A 20 -11.28 -9.33 -1.38
N ALA A 21 -11.16 -8.49 -0.33
CA ALA A 21 -10.73 -8.90 1.01
C ALA A 21 -11.20 -7.92 2.10
N ASN A 22 -12.53 -7.77 2.21
CA ASN A 22 -13.25 -7.14 3.32
C ASN A 22 -12.94 -5.62 3.48
N ILE A 23 -11.83 -5.28 4.14
CA ILE A 23 -11.38 -3.88 4.34
C ILE A 23 -10.53 -3.39 3.15
N PHE A 24 -9.95 -4.30 2.36
CA PHE A 24 -9.21 -3.99 1.14
C PHE A 24 -9.69 -4.81 -0.07
N ARG A 25 -9.23 -4.46 -1.28
CA ARG A 25 -9.57 -5.14 -2.55
C ARG A 25 -8.40 -5.03 -3.52
N VAL A 26 -8.36 -5.90 -4.54
CA VAL A 26 -7.32 -5.87 -5.60
C VAL A 26 -7.93 -5.95 -7.01
N ASP A 27 -7.46 -5.09 -7.92
CA ASP A 27 -7.77 -5.17 -9.35
C ASP A 27 -6.52 -5.62 -10.13
N LYS A 28 -6.60 -6.80 -10.75
CA LYS A 28 -5.46 -7.47 -11.39
C LYS A 28 -5.13 -6.93 -12.79
N ASP A 29 -6.12 -6.42 -13.53
CA ASP A 29 -5.95 -5.85 -14.87
C ASP A 29 -5.33 -4.45 -14.82
N SER A 30 -5.84 -3.60 -13.93
CA SER A 30 -5.36 -2.24 -13.67
C SER A 30 -4.15 -2.20 -12.72
N ARG A 31 -3.86 -3.32 -12.03
CA ARG A 31 -2.77 -3.51 -11.05
C ARG A 31 -2.93 -2.57 -9.83
N GLU A 32 -4.16 -2.39 -9.36
CA GLU A 32 -4.54 -1.47 -8.27
C GLU A 32 -4.83 -2.22 -6.95
N VAL A 33 -4.69 -1.53 -5.82
CA VAL A 33 -5.13 -2.01 -4.48
C VAL A 33 -5.96 -0.92 -3.81
N TYR A 34 -7.12 -1.30 -3.26
CA TYR A 34 -8.08 -0.39 -2.65
C TYR A 34 -8.12 -0.63 -1.15
N MET A 35 -8.19 0.44 -0.34
CA MET A 35 -8.78 0.41 0.99
C MET A 35 -10.25 0.84 0.89
N HIS A 36 -11.09 0.45 1.85
CA HIS A 36 -12.50 0.88 1.93
C HIS A 36 -12.68 2.43 1.96
N GLU A 37 -11.65 3.16 2.41
CA GLU A 37 -11.61 4.62 2.45
C GLU A 37 -11.02 5.27 1.18
N LYS A 38 -10.28 4.54 0.34
CA LYS A 38 -9.54 5.10 -0.81
C LYS A 38 -8.98 4.08 -1.82
N LYS A 39 -9.04 4.41 -3.12
CA LYS A 39 -8.38 3.66 -4.18
C LYS A 39 -6.87 4.01 -4.28
N LEU A 40 -5.99 3.02 -4.46
CA LEU A 40 -4.55 3.24 -4.70
C LEU A 40 -4.04 2.40 -5.88
N ASP A 41 -3.03 2.93 -6.56
CA ASP A 41 -2.30 2.26 -7.64
C ASP A 41 -0.81 2.30 -7.32
N LEU A 42 -0.17 1.14 -7.13
CA LEU A 42 1.24 1.01 -6.73
C LEU A 42 1.75 -0.42 -7.04
N THR A 43 3.05 -0.67 -6.84
CA THR A 43 3.75 -1.83 -7.44
C THR A 43 3.77 -2.99 -6.45
N ARG A 44 4.21 -4.19 -6.86
CA ARG A 44 3.97 -5.46 -6.15
C ARG A 44 4.34 -5.43 -4.67
N ALA A 45 5.48 -4.82 -4.28
CA ALA A 45 5.89 -4.72 -2.88
C ALA A 45 4.96 -3.78 -2.11
N GLU A 46 4.68 -2.60 -2.67
CA GLU A 46 3.80 -1.58 -2.12
C GLU A 46 2.35 -2.09 -1.94
N TYR A 47 1.91 -2.92 -2.88
CA TYR A 47 0.64 -3.65 -2.79
C TYR A 47 0.68 -4.65 -1.63
N GLU A 48 1.69 -5.53 -1.60
CA GLU A 48 1.81 -6.56 -0.57
C GLU A 48 1.84 -5.96 0.85
N ILE A 49 2.56 -4.84 1.06
CA ILE A 49 2.55 -4.17 2.35
C ILE A 49 1.15 -3.60 2.63
N LEU A 50 0.52 -2.88 1.69
CA LEU A 50 -0.75 -2.21 1.97
C LEU A 50 -1.84 -3.22 2.35
N SER A 51 -1.97 -4.29 1.56
CA SER A 51 -2.92 -5.38 1.82
C SER A 51 -2.63 -6.13 3.12
N LEU A 52 -1.37 -6.56 3.38
CA LEU A 52 -1.07 -7.36 4.58
C LEU A 52 -1.25 -6.51 5.83
N LEU A 53 -0.91 -5.22 5.78
CA LEU A 53 -1.07 -4.32 6.93
C LEU A 53 -2.55 -4.06 7.23
N ILE A 54 -3.36 -3.73 6.24
CA ILE A 54 -4.82 -3.59 6.46
C ILE A 54 -5.45 -4.91 6.92
N SER A 55 -4.96 -6.06 6.46
CA SER A 55 -5.38 -7.38 6.97
C SER A 55 -5.02 -7.60 8.46
N LYS A 56 -3.76 -7.31 8.86
CA LYS A 56 -3.27 -7.52 10.23
C LYS A 56 -3.67 -6.41 11.23
N LYS A 57 -4.18 -5.28 10.72
CA LYS A 57 -4.70 -4.06 11.37
C LYS A 57 -3.64 -2.94 11.43
N GLY A 58 -4.12 -1.69 11.54
CA GLY A 58 -3.45 -0.46 11.10
C GLY A 58 -1.97 -0.33 11.45
N TYR A 59 -1.62 -0.16 12.73
CA TYR A 59 -0.22 -0.19 13.20
C TYR A 59 0.61 0.92 12.53
N VAL A 60 1.93 0.79 12.49
CA VAL A 60 2.86 1.70 11.78
C VAL A 60 3.69 0.91 10.76
N PHE A 61 3.60 1.31 9.49
CA PHE A 61 4.51 0.90 8.43
C PHE A 61 5.90 1.46 8.72
N SER A 62 6.92 0.60 8.81
CA SER A 62 8.28 0.95 9.23
C SER A 62 9.30 0.21 8.36
N ARG A 63 10.43 0.82 7.95
CA ARG A 63 11.45 0.20 7.07
C ARG A 63 11.79 -1.28 7.37
N GLU A 64 11.96 -1.65 8.64
CA GLU A 64 12.21 -3.05 9.05
C GLU A 64 10.98 -3.94 8.82
N SER A 65 9.82 -3.53 9.33
CA SER A 65 8.54 -4.23 9.13
C SER A 65 8.17 -4.35 7.63
N ILE A 66 8.52 -3.34 6.83
CA ILE A 66 8.39 -3.36 5.35
C ILE A 66 9.29 -4.39 4.69
N ALA A 67 10.55 -4.47 5.12
CA ALA A 67 11.51 -5.50 4.71
C ALA A 67 11.09 -6.90 5.20
N ILE A 68 10.24 -7.01 6.23
CA ILE A 68 9.56 -8.27 6.56
C ILE A 68 8.35 -8.52 5.64
N GLU A 69 7.46 -7.55 5.44
CA GLU A 69 6.17 -7.77 4.76
C GLU A 69 6.25 -7.77 3.22
N SER A 70 7.25 -7.12 2.60
CA SER A 70 7.46 -7.20 1.14
C SER A 70 8.88 -7.62 0.72
N GLU A 71 9.93 -7.18 1.43
CA GLU A 71 11.31 -7.68 1.29
C GLU A 71 11.94 -7.33 -0.10
N SER A 72 11.50 -6.24 -0.74
CA SER A 72 11.97 -5.83 -2.07
C SER A 72 13.42 -5.28 -2.10
N ILE A 73 13.93 -4.84 -0.94
CA ILE A 73 15.28 -4.30 -0.74
C ILE A 73 15.96 -5.08 0.39
N ASN A 74 17.17 -5.58 0.13
CA ASN A 74 17.89 -6.49 1.04
C ASN A 74 18.28 -5.86 2.40
N PRO A 75 18.92 -4.67 2.47
CA PRO A 75 19.21 -4.00 3.74
C PRO A 75 17.94 -3.47 4.40
N GLU A 76 17.51 -4.12 5.49
CA GLU A 76 16.28 -3.80 6.24
C GLU A 76 16.33 -2.45 6.97
N SER A 77 17.51 -1.85 7.12
CA SER A 77 17.71 -0.50 7.68
C SER A 77 17.62 0.61 6.61
N SER A 78 17.51 0.27 5.32
CA SER A 78 17.43 1.26 4.23
C SER A 78 16.09 2.04 4.23
N ASN A 79 16.17 3.34 3.95
CA ASN A 79 15.00 4.21 3.79
C ASN A 79 14.44 4.21 2.34
N LYS A 80 15.12 3.59 1.37
CA LYS A 80 14.73 3.64 -0.05
C LYS A 80 13.39 2.94 -0.32
N SER A 81 13.05 1.94 0.48
CA SER A 81 11.71 1.35 0.52
C SER A 81 10.67 2.45 0.82
N ILE A 82 10.78 3.10 1.98
CA ILE A 82 9.93 4.25 2.39
C ILE A 82 9.92 5.36 1.33
N ASP A 83 11.05 5.63 0.68
CA ASP A 83 11.14 6.70 -0.34
C ASP A 83 10.31 6.34 -1.59
N VAL A 84 10.41 5.09 -2.08
CA VAL A 84 9.52 4.59 -3.15
C VAL A 84 8.07 4.64 -2.70
N ILE A 85 7.79 4.15 -1.48
CA ILE A 85 6.42 3.99 -1.00
C ILE A 85 5.79 5.36 -0.77
N ILE A 86 6.31 6.18 0.13
CA ILE A 86 5.76 7.51 0.41
C ILE A 86 5.78 8.40 -0.84
N GLY A 87 6.88 8.41 -1.61
CA GLY A 87 7.00 9.28 -2.78
C GLY A 87 5.99 8.91 -3.87
N ARG A 88 5.89 7.61 -4.21
CA ARG A 88 5.06 7.16 -5.33
C ARG A 88 3.59 6.96 -4.93
N LEU A 89 3.27 6.59 -3.68
CA LEU A 89 1.91 6.65 -3.13
C LEU A 89 1.40 8.10 -3.16
N ARG A 90 2.14 9.06 -2.59
CA ARG A 90 1.75 10.49 -2.62
C ARG A 90 1.57 10.99 -4.05
N SER A 91 2.48 10.66 -4.97
CA SER A 91 2.32 11.03 -6.38
C SER A 91 1.03 10.47 -6.98
N LYS A 92 0.76 9.17 -6.81
CA LYS A 92 -0.47 8.57 -7.33
C LYS A 92 -1.75 9.18 -6.72
N ILE A 93 -1.80 9.40 -5.39
CA ILE A 93 -2.98 10.05 -4.75
C ILE A 93 -3.04 11.58 -4.95
N GLU A 94 -1.99 12.21 -5.47
CA GLU A 94 -2.00 13.61 -5.92
C GLU A 94 -2.56 13.71 -7.36
N LYS A 95 -2.24 12.76 -8.25
CA LYS A 95 -2.79 12.70 -9.62
C LYS A 95 -4.27 12.23 -9.65
N ASN A 96 -4.62 11.21 -8.86
CA ASN A 96 -6.01 10.76 -8.67
C ASN A 96 -6.84 11.77 -7.83
N PRO A 97 -8.19 11.77 -7.94
CA PRO A 97 -9.06 12.66 -7.15
C PRO A 97 -9.19 12.24 -5.67
N LYS A 98 -8.82 11.00 -5.31
CA LYS A 98 -8.84 10.50 -3.93
C LYS A 98 -7.54 10.86 -3.17
N GLN A 99 -7.64 11.41 -1.94
CA GLN A 99 -6.52 11.79 -1.05
C GLN A 99 -6.61 11.08 0.32
N PRO A 100 -5.50 10.99 1.09
CA PRO A 100 -5.45 10.34 2.41
C PRO A 100 -6.00 11.23 3.54
N GLN A 101 -6.25 10.58 4.68
CA GLN A 101 -6.59 11.20 5.98
C GLN A 101 -6.46 10.20 7.14
N TYR A 102 -6.75 8.90 6.91
CA TYR A 102 -6.59 7.83 7.91
C TYR A 102 -5.16 7.29 8.05
N ILE A 103 -4.24 7.64 7.13
CA ILE A 103 -2.81 7.32 7.24
C ILE A 103 -2.01 8.61 7.57
N ILE A 104 -1.21 8.57 8.64
CA ILE A 104 -0.43 9.72 9.16
C ILE A 104 1.08 9.41 9.13
N SER A 105 1.92 10.31 8.63
CA SER A 105 3.38 10.15 8.60
C SER A 105 4.03 10.51 9.96
N VAL A 106 5.02 9.71 10.39
CA VAL A 106 5.73 9.83 11.67
C VAL A 106 7.24 9.96 11.41
N ARG A 107 7.73 11.20 11.39
CA ARG A 107 9.15 11.61 11.27
C ARG A 107 9.80 11.29 9.90
N GLY A 108 9.07 10.67 8.97
CA GLY A 108 9.61 10.00 7.78
C GLY A 108 10.26 8.63 8.08
N ILE A 109 10.05 8.09 9.29
CA ILE A 109 10.65 6.83 9.80
C ILE A 109 9.57 5.73 9.89
N GLY A 110 8.37 6.06 10.37
CA GLY A 110 7.17 5.24 10.21
C GLY A 110 6.00 6.03 9.64
N TYR A 111 4.93 5.32 9.28
CA TYR A 111 3.65 5.91 8.83
C TYR A 111 2.46 5.07 9.33
N LYS A 112 1.69 5.68 10.23
CA LYS A 112 0.64 5.08 11.05
C LYS A 112 -0.69 4.97 10.29
N LEU A 113 -1.35 3.82 10.38
CA LEU A 113 -2.74 3.59 9.96
C LEU A 113 -3.55 3.11 11.18
N GLU A 114 -4.87 3.02 11.03
CA GLU A 114 -5.78 2.45 12.03
C GLU A 114 -7.03 1.82 11.38
N TYR A 115 -7.67 0.88 12.09
CA TYR A 115 -8.80 0.07 11.62
C TYR A 115 -10.17 0.66 11.97
N GLY A 11 -22.99 -5.63 -14.33
CA GLY A 11 -22.05 -5.98 -15.43
C GLY A 11 -21.08 -7.07 -15.01
N SER A 12 -20.71 -7.95 -15.94
CA SER A 12 -19.74 -9.04 -15.72
C SER A 12 -18.27 -8.56 -15.74
N GLU A 13 -17.37 -9.39 -15.20
CA GLU A 13 -15.93 -9.11 -15.08
C GLU A 13 -15.21 -9.09 -16.44
N GLU A 14 -14.11 -8.34 -16.50
CA GLU A 14 -13.15 -8.32 -17.61
C GLU A 14 -12.23 -9.57 -17.63
N VAL A 15 -11.39 -9.71 -18.67
CA VAL A 15 -10.57 -10.92 -18.92
C VAL A 15 -9.55 -11.24 -17.81
N SER A 16 -9.14 -10.25 -17.01
CA SER A 16 -8.37 -10.45 -15.78
C SER A 16 -9.25 -10.12 -14.56
N GLU A 17 -9.82 -11.15 -13.91
CA GLU A 17 -10.81 -10.98 -12.85
C GLU A 17 -10.19 -10.35 -11.57
N PRO A 18 -10.90 -9.41 -10.90
CA PRO A 18 -10.47 -8.83 -9.63
C PRO A 18 -10.67 -9.80 -8.45
N GLY A 19 -10.08 -9.46 -7.30
CA GLY A 19 -10.24 -10.15 -6.02
C GLY A 19 -10.58 -9.17 -4.88
N ASP A 20 -11.08 -9.69 -3.76
CA ASP A 20 -11.49 -8.88 -2.60
C ASP A 20 -11.09 -9.55 -1.27
N ALA A 21 -10.93 -8.75 -0.22
CA ALA A 21 -10.46 -9.17 1.11
C ALA A 21 -10.92 -8.20 2.21
N ASN A 22 -12.24 -8.19 2.46
CA ASN A 22 -12.93 -7.60 3.61
C ASN A 22 -12.83 -6.06 3.67
N ILE A 23 -11.67 -5.53 4.10
CA ILE A 23 -11.38 -4.09 4.24
C ILE A 23 -10.49 -3.58 3.08
N PHE A 24 -9.84 -4.47 2.31
CA PHE A 24 -9.15 -4.13 1.07
C PHE A 24 -9.66 -4.95 -0.11
N ARG A 25 -9.34 -4.47 -1.32
CA ARG A 25 -9.83 -4.99 -2.60
C ARG A 25 -8.69 -4.93 -3.62
N VAL A 26 -8.54 -5.89 -4.52
CA VAL A 26 -7.48 -5.88 -5.55
C VAL A 26 -8.05 -5.89 -6.97
N ASP A 27 -7.57 -4.95 -7.81
CA ASP A 27 -7.84 -4.87 -9.23
C ASP A 27 -6.59 -5.28 -10.02
N LYS A 28 -6.50 -6.58 -10.32
CA LYS A 28 -5.32 -7.21 -10.95
C LYS A 28 -5.08 -6.76 -12.41
N ASP A 29 -6.14 -6.38 -13.13
CA ASP A 29 -6.09 -5.94 -14.52
C ASP A 29 -5.21 -4.69 -14.72
N SER A 30 -5.38 -3.71 -13.83
CA SER A 30 -4.62 -2.44 -13.84
C SER A 30 -3.51 -2.39 -12.75
N ARG A 31 -3.44 -3.41 -11.88
CA ARG A 31 -2.46 -3.60 -10.79
C ARG A 31 -2.64 -2.54 -9.67
N GLU A 32 -3.82 -2.53 -9.06
CA GLU A 32 -4.25 -1.52 -8.07
C GLU A 32 -4.80 -2.21 -6.80
N VAL A 33 -4.71 -1.55 -5.64
CA VAL A 33 -5.27 -2.05 -4.36
C VAL A 33 -6.08 -0.93 -3.68
N TYR A 34 -7.33 -1.19 -3.34
CA TYR A 34 -8.25 -0.20 -2.77
C TYR A 34 -8.55 -0.57 -1.32
N MET A 35 -8.18 0.29 -0.37
CA MET A 35 -8.71 0.23 0.99
C MET A 35 -10.17 0.69 0.96
N HIS A 36 -10.99 0.31 1.94
CA HIS A 36 -12.40 0.71 2.05
C HIS A 36 -12.64 2.25 2.05
N GLU A 37 -11.60 3.02 2.41
CA GLU A 37 -11.62 4.49 2.40
C GLU A 37 -10.97 5.11 1.15
N LYS A 38 -10.11 4.41 0.40
CA LYS A 38 -9.35 5.01 -0.72
C LYS A 38 -8.66 4.04 -1.71
N LYS A 39 -8.52 4.49 -2.95
CA LYS A 39 -7.77 3.80 -4.01
C LYS A 39 -6.26 4.13 -3.95
N LEU A 40 -5.39 3.12 -4.17
CA LEU A 40 -3.98 3.32 -4.54
C LEU A 40 -3.50 2.24 -5.53
N ASP A 41 -2.36 2.50 -6.15
CA ASP A 41 -1.77 1.64 -7.18
C ASP A 41 -0.26 1.91 -7.28
N LEU A 42 0.55 0.88 -7.06
CA LEU A 42 2.00 1.04 -6.84
C LEU A 42 2.79 -0.20 -7.30
N THR A 43 3.88 -0.54 -6.61
CA THR A 43 4.65 -1.76 -6.86
C THR A 43 3.98 -2.92 -6.14
N ARG A 44 4.08 -4.12 -6.71
CA ARG A 44 3.65 -5.37 -6.08
C ARG A 44 4.19 -5.53 -4.66
N ALA A 45 5.41 -5.01 -4.41
CA ALA A 45 5.97 -4.84 -3.09
C ALA A 45 5.01 -4.08 -2.16
N GLU A 46 4.69 -2.81 -2.48
CA GLU A 46 3.83 -2.00 -1.59
C GLU A 46 2.45 -2.60 -1.49
N TYR A 47 1.90 -3.04 -2.62
CA TYR A 47 0.62 -3.74 -2.65
C TYR A 47 0.57 -4.91 -1.63
N GLU A 48 1.59 -5.77 -1.59
CA GLU A 48 1.68 -6.85 -0.62
C GLU A 48 1.72 -6.32 0.82
N ILE A 49 2.52 -5.28 1.09
CA ILE A 49 2.63 -4.76 2.47
C ILE A 49 1.35 -4.08 2.93
N LEU A 50 0.74 -3.19 2.12
CA LEU A 50 -0.48 -2.48 2.52
C LEU A 50 -1.69 -3.44 2.64
N SER A 51 -1.84 -4.40 1.74
CA SER A 51 -2.77 -5.54 1.92
C SER A 51 -2.57 -6.24 3.27
N LEU A 52 -1.36 -6.69 3.59
CA LEU A 52 -1.13 -7.36 4.88
C LEU A 52 -1.30 -6.40 6.06
N LEU A 53 -1.03 -5.11 5.89
CA LEU A 53 -1.23 -4.12 6.94
C LEU A 53 -2.70 -4.02 7.31
N ILE A 54 -3.57 -3.93 6.30
CA ILE A 54 -5.02 -3.91 6.51
C ILE A 54 -5.52 -5.26 7.06
N SER A 55 -5.00 -6.40 6.61
CA SER A 55 -5.40 -7.70 7.18
C SER A 55 -4.92 -7.96 8.62
N LYS A 56 -3.69 -7.55 8.99
CA LYS A 56 -3.09 -7.80 10.31
C LYS A 56 -3.48 -6.75 11.37
N LYS A 57 -3.57 -5.48 10.95
CA LYS A 57 -4.03 -4.23 11.58
C LYS A 57 -3.12 -3.01 11.29
N GLY A 58 -3.70 -1.81 11.36
CA GLY A 58 -3.11 -0.53 10.94
C GLY A 58 -1.74 -0.24 11.57
N TYR A 59 -1.70 0.00 12.89
CA TYR A 59 -0.47 0.08 13.70
C TYR A 59 0.40 1.26 13.22
N VAL A 60 1.70 1.22 13.52
CA VAL A 60 2.71 2.06 12.86
C VAL A 60 3.48 1.20 11.85
N PHE A 61 3.33 1.57 10.58
CA PHE A 61 3.78 0.86 9.39
C PHE A 61 5.23 1.27 9.06
N SER A 62 6.19 0.60 9.71
CA SER A 62 7.61 1.00 9.81
C SER A 62 8.50 0.47 8.66
N ARG A 63 9.60 1.17 8.33
CA ARG A 63 10.65 0.71 7.40
C ARG A 63 11.10 -0.77 7.61
N GLU A 64 11.21 -1.24 8.86
CA GLU A 64 11.58 -2.61 9.17
C GLU A 64 10.43 -3.59 8.83
N SER A 65 9.20 -3.32 9.28
CA SER A 65 8.00 -4.11 8.91
C SER A 65 7.79 -4.14 7.39
N ILE A 66 8.03 -3.01 6.72
CA ILE A 66 8.03 -2.84 5.25
C ILE A 66 9.01 -3.79 4.56
N ALA A 67 10.27 -3.78 5.00
CA ALA A 67 11.32 -4.68 4.54
C ALA A 67 10.99 -6.15 4.85
N ILE A 68 10.28 -6.41 5.94
CA ILE A 68 9.85 -7.79 6.29
C ILE A 68 8.69 -8.26 5.40
N GLU A 69 7.69 -7.42 5.09
CA GLU A 69 6.50 -7.86 4.34
C GLU A 69 6.55 -7.65 2.81
N SER A 70 7.30 -6.69 2.26
CA SER A 70 7.57 -6.72 0.79
C SER A 70 8.79 -7.61 0.48
N GLU A 71 9.98 -7.16 0.90
CA GLU A 71 11.22 -7.97 0.98
C GLU A 71 11.84 -8.33 -0.39
N SER A 72 11.30 -7.78 -1.48
CA SER A 72 11.81 -7.98 -2.85
C SER A 72 13.01 -7.06 -3.18
N ILE A 73 13.30 -6.09 -2.31
CA ILE A 73 14.36 -5.08 -2.45
C ILE A 73 15.48 -5.38 -1.43
N ASN A 74 16.75 -5.16 -1.81
CA ASN A 74 17.92 -5.73 -1.12
C ASN A 74 18.08 -5.43 0.40
N PRO A 75 17.95 -4.17 0.89
CA PRO A 75 18.32 -3.82 2.27
C PRO A 75 17.19 -4.13 3.26
N GLU A 76 17.57 -4.69 4.41
CA GLU A 76 16.66 -5.04 5.52
C GLU A 76 16.06 -3.81 6.25
N SER A 77 16.51 -2.61 5.92
CA SER A 77 15.89 -1.33 6.34
C SER A 77 14.79 -0.84 5.40
N SER A 78 14.64 -1.42 4.20
CA SER A 78 13.80 -0.97 3.08
C SER A 78 14.17 0.41 2.51
N ASN A 79 15.27 1.04 2.94
CA ASN A 79 15.39 2.51 2.91
C ASN A 79 15.23 3.20 1.53
N LYS A 80 15.51 2.50 0.41
CA LYS A 80 15.18 2.96 -0.96
C LYS A 80 13.77 2.57 -1.41
N SER A 81 13.27 1.40 -1.00
CA SER A 81 11.87 0.98 -1.20
C SER A 81 10.92 1.97 -0.51
N ILE A 82 11.10 2.28 0.78
CA ILE A 82 10.25 3.24 1.50
C ILE A 82 10.28 4.63 0.88
N ASP A 83 11.46 5.08 0.47
CA ASP A 83 11.64 6.35 -0.25
C ASP A 83 10.86 6.39 -1.59
N VAL A 84 11.00 5.34 -2.42
CA VAL A 84 10.15 5.15 -3.62
C VAL A 84 8.67 5.14 -3.25
N ILE A 85 8.29 4.46 -2.17
CA ILE A 85 6.88 4.36 -1.74
C ILE A 85 6.36 5.74 -1.35
N ILE A 86 7.03 6.50 -0.47
CA ILE A 86 6.61 7.87 -0.11
C ILE A 86 6.42 8.71 -1.37
N GLY A 87 7.45 8.80 -2.23
CA GLY A 87 7.39 9.66 -3.42
C GLY A 87 6.25 9.25 -4.35
N ARG A 88 6.18 7.96 -4.69
CA ARG A 88 5.23 7.44 -5.68
C ARG A 88 3.79 7.35 -5.15
N LEU A 89 3.56 6.90 -3.91
CA LEU A 89 2.21 6.85 -3.30
C LEU A 89 1.67 8.28 -3.12
N ARG A 90 2.51 9.24 -2.67
CA ARG A 90 2.13 10.66 -2.67
C ARG A 90 1.80 11.16 -4.08
N SER A 91 2.58 10.80 -5.10
CA SER A 91 2.29 11.19 -6.49
C SER A 91 0.95 10.64 -6.98
N LYS A 92 0.62 9.38 -6.72
CA LYS A 92 -0.70 8.83 -7.09
C LYS A 92 -1.85 9.56 -6.37
N ILE A 93 -1.79 9.74 -5.05
CA ILE A 93 -2.90 10.39 -4.29
C ILE A 93 -2.88 11.94 -4.38
N GLU A 94 -1.86 12.52 -5.01
CA GLU A 94 -1.84 13.93 -5.46
C GLU A 94 -2.53 14.09 -6.83
N LYS A 95 -2.17 13.27 -7.84
CA LYS A 95 -2.71 13.44 -9.20
C LYS A 95 -4.16 12.93 -9.35
N ASN A 96 -4.54 11.86 -8.65
CA ASN A 96 -5.94 11.44 -8.49
C ASN A 96 -6.66 12.30 -7.44
N PRO A 97 -8.00 12.50 -7.55
CA PRO A 97 -8.77 13.33 -6.61
C PRO A 97 -8.90 12.69 -5.21
N LYS A 98 -8.72 11.37 -5.09
CA LYS A 98 -8.70 10.66 -3.80
C LYS A 98 -7.44 11.03 -2.97
N GLN A 99 -7.65 11.54 -1.74
CA GLN A 99 -6.62 12.05 -0.82
C GLN A 99 -6.42 11.09 0.39
N PRO A 100 -5.36 11.27 1.21
CA PRO A 100 -5.26 10.63 2.53
C PRO A 100 -6.12 11.37 3.56
N GLN A 101 -6.33 10.72 4.71
CA GLN A 101 -7.18 11.19 5.82
C GLN A 101 -7.05 10.29 7.06
N TYR A 102 -7.00 8.96 6.88
CA TYR A 102 -6.76 8.00 7.98
C TYR A 102 -5.27 7.74 8.20
N ILE A 103 -4.53 7.42 7.14
CA ILE A 103 -3.08 7.22 7.24
C ILE A 103 -2.37 8.56 7.49
N ILE A 104 -1.48 8.60 8.48
CA ILE A 104 -0.53 9.73 8.70
C ILE A 104 0.92 9.26 8.63
N SER A 105 1.84 10.06 8.09
CA SER A 105 3.26 9.76 8.05
C SER A 105 3.97 10.30 9.33
N VAL A 106 4.67 9.43 10.06
CA VAL A 106 5.42 9.75 11.29
C VAL A 106 6.92 9.67 11.00
N ARG A 107 7.55 10.86 10.93
CA ARG A 107 8.99 11.11 10.78
C ARG A 107 9.57 10.67 9.41
N GLY A 108 8.74 10.16 8.51
CA GLY A 108 9.13 9.44 7.28
C GLY A 108 9.64 8.01 7.54
N ILE A 109 9.48 7.49 8.76
CA ILE A 109 10.02 6.18 9.21
C ILE A 109 8.90 5.17 9.47
N GLY A 110 7.76 5.60 10.04
CA GLY A 110 6.55 4.78 10.12
C GLY A 110 5.30 5.55 9.72
N TYR A 111 4.30 4.89 9.14
CA TYR A 111 2.99 5.54 8.88
C TYR A 111 1.94 5.03 9.86
N LYS A 112 1.26 5.89 10.64
CA LYS A 112 0.26 5.42 11.60
C LYS A 112 -1.09 5.24 10.90
N LEU A 113 -1.75 4.10 11.14
CA LEU A 113 -3.03 3.72 10.56
C LEU A 113 -3.93 3.04 11.59
N GLU A 114 -5.19 2.85 11.23
CA GLU A 114 -6.17 2.04 11.96
C GLU A 114 -7.16 1.34 11.00
N TYR A 115 -7.79 0.25 11.48
CA TYR A 115 -8.80 -0.51 10.74
C TYR A 115 -10.20 0.14 10.78
N GLY A 11 -19.16 -4.96 -22.90
CA GLY A 11 -18.38 -6.22 -23.01
C GLY A 11 -17.83 -6.66 -21.66
N SER A 12 -18.07 -7.91 -21.28
CA SER A 12 -17.69 -8.48 -19.96
C SER A 12 -16.30 -9.16 -19.95
N GLU A 13 -15.64 -9.30 -21.10
CA GLU A 13 -14.36 -10.01 -21.24
C GLU A 13 -13.20 -9.27 -20.54
N GLU A 14 -12.43 -9.98 -19.72
CA GLU A 14 -11.29 -9.49 -18.94
C GLU A 14 -10.46 -10.67 -18.43
N VAL A 15 -9.16 -10.72 -18.78
CA VAL A 15 -8.26 -11.85 -18.42
C VAL A 15 -7.75 -11.71 -16.98
N SER A 16 -7.34 -10.51 -16.57
CA SER A 16 -6.78 -10.21 -15.23
C SER A 16 -7.89 -9.86 -14.22
N GLU A 17 -8.85 -10.77 -14.02
CA GLU A 17 -9.98 -10.59 -13.11
C GLU A 17 -9.56 -10.29 -11.65
N PRO A 18 -10.28 -9.43 -10.92
CA PRO A 18 -9.90 -8.94 -9.59
C PRO A 18 -10.15 -9.98 -8.48
N GLY A 19 -9.61 -9.68 -7.29
CA GLY A 19 -9.82 -10.43 -6.04
C GLY A 19 -10.16 -9.51 -4.86
N ASP A 20 -10.62 -10.09 -3.76
CA ASP A 20 -11.12 -9.33 -2.60
C ASP A 20 -10.94 -10.11 -1.27
N ALA A 21 -10.69 -9.39 -0.18
CA ALA A 21 -10.54 -9.93 1.17
C ALA A 21 -10.95 -8.90 2.24
N ASN A 22 -12.07 -9.16 2.94
CA ASN A 22 -12.55 -8.43 4.11
C ASN A 22 -12.66 -6.90 3.90
N ILE A 23 -11.65 -6.12 4.31
CA ILE A 23 -11.66 -4.64 4.26
C ILE A 23 -11.14 -4.10 2.91
N PHE A 24 -10.46 -4.91 2.10
CA PHE A 24 -9.72 -4.47 0.91
C PHE A 24 -9.99 -5.35 -0.33
N ARG A 25 -9.73 -4.78 -1.51
CA ARG A 25 -9.94 -5.39 -2.84
C ARG A 25 -8.66 -5.21 -3.65
N VAL A 26 -8.20 -6.26 -4.33
CA VAL A 26 -7.08 -6.18 -5.28
C VAL A 26 -7.60 -6.10 -6.72
N ASP A 27 -7.14 -5.10 -7.46
CA ASP A 27 -7.38 -4.96 -8.90
C ASP A 27 -6.16 -5.46 -9.69
N LYS A 28 -6.26 -6.66 -10.24
CA LYS A 28 -5.13 -7.33 -10.92
C LYS A 28 -4.90 -6.81 -12.35
N ASP A 29 -5.89 -6.15 -12.97
CA ASP A 29 -5.79 -5.57 -14.32
C ASP A 29 -5.04 -4.22 -14.30
N SER A 30 -5.47 -3.29 -13.44
CA SER A 30 -4.82 -1.98 -13.28
C SER A 30 -3.69 -1.97 -12.24
N ARG A 31 -3.51 -3.06 -11.48
CA ARG A 31 -2.42 -3.31 -10.51
C ARG A 31 -2.56 -2.42 -9.24
N GLU A 32 -3.77 -2.37 -8.69
CA GLU A 32 -4.19 -1.44 -7.62
C GLU A 32 -4.71 -2.21 -6.38
N VAL A 33 -4.84 -1.53 -5.24
CA VAL A 33 -5.50 -2.05 -4.03
C VAL A 33 -6.41 -0.98 -3.40
N TYR A 34 -7.68 -1.32 -3.22
CA TYR A 34 -8.69 -0.44 -2.63
C TYR A 34 -8.89 -0.83 -1.16
N MET A 35 -8.89 0.14 -0.25
CA MET A 35 -9.35 -0.01 1.14
C MET A 35 -10.76 0.57 1.24
N HIS A 36 -11.58 0.08 2.17
CA HIS A 36 -12.98 0.53 2.38
C HIS A 36 -13.15 2.08 2.49
N GLU A 37 -12.13 2.79 2.97
CA GLU A 37 -12.12 4.26 3.10
C GLU A 37 -11.60 5.01 1.85
N LYS A 38 -10.75 4.39 0.99
CA LYS A 38 -10.12 5.02 -0.20
C LYS A 38 -9.32 4.06 -1.10
N LYS A 39 -9.17 4.40 -2.39
CA LYS A 39 -8.35 3.68 -3.37
C LYS A 39 -6.83 3.95 -3.23
N LEU A 40 -5.98 2.97 -3.54
CA LEU A 40 -4.51 3.10 -3.64
C LEU A 40 -3.95 2.23 -4.77
N ASP A 41 -2.74 2.60 -5.20
CA ASP A 41 -1.98 1.92 -6.25
C ASP A 41 -0.52 2.36 -6.17
N LEU A 42 0.43 1.45 -6.45
CA LEU A 42 1.86 1.71 -6.20
C LEU A 42 2.75 0.75 -7.02
N THR A 43 3.09 -0.41 -6.45
CA THR A 43 3.71 -1.56 -7.14
C THR A 43 3.05 -2.84 -6.66
N ARG A 44 3.36 -3.98 -7.30
CA ARG A 44 2.99 -5.32 -6.81
C ARG A 44 3.44 -5.51 -5.36
N ALA A 45 4.71 -5.22 -5.08
CA ALA A 45 5.35 -5.37 -3.78
C ALA A 45 4.64 -4.56 -2.69
N GLU A 46 4.42 -3.27 -2.95
CA GLU A 46 3.73 -2.37 -2.02
C GLU A 46 2.28 -2.78 -1.80
N TYR A 47 1.61 -3.22 -2.87
CA TYR A 47 0.31 -3.92 -2.75
C TYR A 47 0.36 -5.07 -1.72
N GLU A 48 1.33 -5.98 -1.82
CA GLU A 48 1.50 -7.07 -0.82
C GLU A 48 1.55 -6.51 0.59
N ILE A 49 2.34 -5.44 0.80
CA ILE A 49 2.41 -4.79 2.13
C ILE A 49 1.05 -4.28 2.58
N LEU A 50 0.36 -3.49 1.76
CA LEU A 50 -0.89 -2.82 2.14
C LEU A 50 -1.96 -3.85 2.47
N SER A 51 -2.09 -4.90 1.65
CA SER A 51 -3.00 -6.02 1.91
C SER A 51 -2.69 -6.72 3.23
N LEU A 52 -1.43 -7.11 3.46
CA LEU A 52 -1.03 -7.78 4.71
C LEU A 52 -1.17 -6.84 5.91
N LEU A 53 -0.90 -5.53 5.76
CA LEU A 53 -1.01 -4.58 6.85
C LEU A 53 -2.47 -4.29 7.19
N ILE A 54 -3.33 -3.96 6.22
CA ILE A 54 -4.79 -3.94 6.49
C ILE A 54 -5.29 -5.25 7.14
N SER A 55 -4.77 -6.42 6.74
CA SER A 55 -5.10 -7.70 7.39
C SER A 55 -4.56 -7.81 8.84
N LYS A 56 -3.35 -7.31 9.14
CA LYS A 56 -2.76 -7.33 10.50
C LYS A 56 -3.49 -6.35 11.45
N LYS A 57 -3.77 -5.14 10.93
CA LYS A 57 -4.32 -3.90 11.51
C LYS A 57 -3.55 -2.66 11.04
N GLY A 58 -4.16 -1.47 11.13
CA GLY A 58 -3.63 -0.20 10.61
C GLY A 58 -2.18 0.07 11.01
N TYR A 59 -1.85 -0.03 12.32
CA TYR A 59 -0.46 -0.09 12.79
C TYR A 59 0.36 1.09 12.25
N VAL A 60 1.62 0.84 11.93
CA VAL A 60 2.52 1.75 11.22
C VAL A 60 3.28 1.00 10.12
N PHE A 61 3.15 1.49 8.88
CA PHE A 61 3.98 1.16 7.73
C PHE A 61 5.40 1.71 7.95
N SER A 62 6.26 0.91 8.59
CA SER A 62 7.63 1.26 9.02
C SER A 62 8.70 0.44 8.29
N ARG A 63 9.88 1.01 8.01
CA ARG A 63 10.91 0.40 7.13
C ARG A 63 11.24 -1.09 7.36
N GLU A 64 11.35 -1.54 8.62
CA GLU A 64 11.61 -2.96 8.94
C GLU A 64 10.38 -3.84 8.67
N SER A 65 9.22 -3.47 9.20
CA SER A 65 7.96 -4.21 8.96
C SER A 65 7.60 -4.24 7.46
N ILE A 66 7.83 -3.12 6.77
CA ILE A 66 7.79 -2.96 5.30
C ILE A 66 8.67 -3.99 4.58
N ALA A 67 9.95 -4.05 4.96
CA ALA A 67 10.94 -4.98 4.42
C ALA A 67 10.62 -6.44 4.75
N ILE A 68 9.87 -6.68 5.83
CA ILE A 68 9.35 -8.03 6.15
C ILE A 68 8.15 -8.36 5.24
N GLU A 69 7.31 -7.37 4.88
CA GLU A 69 6.09 -7.59 4.11
C GLU A 69 6.27 -7.62 2.58
N SER A 70 7.04 -6.69 1.98
CA SER A 70 7.30 -6.72 0.53
C SER A 70 8.54 -7.57 0.21
N GLU A 71 9.71 -7.13 0.70
CA GLU A 71 10.96 -7.90 0.80
C GLU A 71 11.69 -8.07 -0.55
N SER A 72 11.23 -7.42 -1.62
CA SER A 72 11.84 -7.36 -2.96
C SER A 72 13.16 -6.55 -3.01
N ILE A 73 13.77 -6.27 -1.84
CA ILE A 73 14.81 -5.26 -1.58
C ILE A 73 15.96 -5.90 -0.80
N ASN A 74 17.21 -5.63 -1.18
CA ASN A 74 18.39 -6.36 -0.67
C ASN A 74 18.72 -6.09 0.82
N PRO A 75 18.92 -4.84 1.30
CA PRO A 75 19.23 -4.55 2.71
C PRO A 75 17.99 -4.69 3.60
N GLU A 76 18.20 -5.13 4.85
CA GLU A 76 17.14 -5.36 5.85
C GLU A 76 16.49 -4.05 6.35
N SER A 77 17.19 -2.91 6.23
CA SER A 77 16.65 -1.58 6.55
C SER A 77 15.75 -1.03 5.42
N SER A 78 16.00 -1.39 4.16
CA SER A 78 15.19 -1.02 2.98
C SER A 78 14.96 0.50 2.84
N ASN A 79 15.94 1.33 3.22
CA ASN A 79 15.77 2.79 3.30
C ASN A 79 15.44 3.46 1.95
N LYS A 80 15.86 2.87 0.83
CA LYS A 80 15.45 3.33 -0.52
C LYS A 80 14.07 2.77 -0.94
N SER A 81 13.63 1.64 -0.37
CA SER A 81 12.22 1.24 -0.48
C SER A 81 11.32 2.30 0.15
N ILE A 82 11.43 2.63 1.44
CA ILE A 82 10.53 3.63 2.04
C ILE A 82 10.58 5.00 1.34
N ASP A 83 11.75 5.43 0.86
CA ASP A 83 11.89 6.63 0.04
C ASP A 83 11.07 6.56 -1.27
N VAL A 84 11.14 5.44 -2.01
CA VAL A 84 10.24 5.19 -3.17
C VAL A 84 8.78 5.14 -2.73
N ILE A 85 8.47 4.44 -1.63
CA ILE A 85 7.09 4.16 -1.22
C ILE A 85 6.42 5.48 -0.82
N ILE A 86 7.07 6.29 0.03
CA ILE A 86 6.61 7.63 0.42
C ILE A 86 6.50 8.55 -0.79
N GLY A 87 7.55 8.66 -1.62
CA GLY A 87 7.57 9.60 -2.75
C GLY A 87 6.52 9.25 -3.81
N ARG A 88 6.32 7.96 -4.10
CA ARG A 88 5.42 7.47 -5.16
C ARG A 88 3.97 7.31 -4.66
N LEU A 89 3.70 6.98 -3.39
CA LEU A 89 2.35 7.09 -2.79
C LEU A 89 1.93 8.56 -2.73
N ARG A 90 2.81 9.48 -2.30
CA ARG A 90 2.59 10.93 -2.45
C ARG A 90 2.34 11.34 -3.91
N SER A 91 3.06 10.77 -4.88
CA SER A 91 2.77 10.99 -6.30
C SER A 91 1.35 10.55 -6.69
N LYS A 92 0.88 9.37 -6.23
CA LYS A 92 -0.53 8.99 -6.44
C LYS A 92 -1.53 9.97 -5.80
N ILE A 93 -1.35 10.41 -4.55
CA ILE A 93 -2.33 11.33 -3.90
C ILE A 93 -2.27 12.76 -4.44
N GLU A 94 -1.12 13.18 -4.99
CA GLU A 94 -0.95 14.48 -5.65
C GLU A 94 -1.62 14.49 -7.03
N LYS A 95 -1.48 13.42 -7.83
CA LYS A 95 -2.05 13.33 -9.18
C LYS A 95 -3.56 12.99 -9.20
N ASN A 96 -4.00 12.05 -8.35
CA ASN A 96 -5.39 11.59 -8.30
C ASN A 96 -6.32 12.57 -7.55
N PRO A 97 -7.66 12.50 -7.75
CA PRO A 97 -8.63 13.22 -6.90
C PRO A 97 -8.72 12.64 -5.48
N LYS A 98 -8.29 11.38 -5.27
CA LYS A 98 -8.11 10.74 -3.95
C LYS A 98 -7.18 11.55 -3.03
N GLN A 99 -7.51 11.64 -1.73
CA GLN A 99 -6.73 12.36 -0.70
C GLN A 99 -6.70 11.54 0.62
N PRO A 100 -5.69 11.73 1.49
CA PRO A 100 -5.59 11.05 2.79
C PRO A 100 -6.55 11.66 3.82
N GLN A 101 -6.73 10.91 4.92
CA GLN A 101 -7.57 11.24 6.08
C GLN A 101 -7.34 10.23 7.23
N TYR A 102 -7.30 8.92 6.94
CA TYR A 102 -7.05 7.89 7.98
C TYR A 102 -5.58 7.45 8.10
N ILE A 103 -4.76 7.63 7.06
CA ILE A 103 -3.30 7.42 7.13
C ILE A 103 -2.57 8.76 7.38
N ILE A 104 -1.71 8.78 8.39
CA ILE A 104 -0.90 9.95 8.80
C ILE A 104 0.58 9.71 8.44
N SER A 105 1.25 10.71 7.88
CA SER A 105 2.68 10.68 7.58
C SER A 105 3.50 11.05 8.84
N VAL A 106 4.33 10.12 9.36
CA VAL A 106 5.16 10.32 10.57
C VAL A 106 6.62 10.01 10.22
N ARG A 107 7.19 10.79 9.29
CA ARG A 107 8.53 10.57 8.73
C ARG A 107 9.60 10.56 9.84
N GLY A 108 10.44 9.52 9.82
CA GLY A 108 11.34 9.11 10.92
C GLY A 108 10.88 7.84 11.62
N ILE A 109 9.57 7.55 11.61
CA ILE A 109 8.97 6.29 12.14
C ILE A 109 8.32 5.48 11.00
N GLY A 110 7.54 6.13 10.12
CA GLY A 110 6.80 5.50 9.03
C GLY A 110 5.48 6.24 8.71
N TYR A 111 4.51 5.56 8.09
CA TYR A 111 3.14 6.08 7.95
C TYR A 111 2.18 5.28 8.83
N LYS A 112 1.42 5.98 9.67
CA LYS A 112 0.57 5.42 10.72
C LYS A 112 -0.90 5.37 10.30
N LEU A 113 -1.60 4.25 10.58
CA LEU A 113 -3.00 4.00 10.20
C LEU A 113 -3.74 3.30 11.35
N GLU A 114 -5.08 3.26 11.29
CA GLU A 114 -5.95 2.53 12.22
C GLU A 114 -7.23 2.06 11.51
N TYR A 115 -7.87 1.01 12.06
CA TYR A 115 -9.10 0.39 11.54
C TYR A 115 -10.37 1.27 11.70
N GLY A 11 -23.56 -7.96 -11.33
CA GLY A 11 -24.10 -8.95 -12.30
C GLY A 11 -22.99 -9.50 -13.19
N SER A 12 -23.02 -9.18 -14.49
CA SER A 12 -21.97 -9.54 -15.46
C SER A 12 -20.70 -8.67 -15.34
N GLU A 13 -19.60 -9.10 -15.99
CA GLU A 13 -18.29 -8.46 -15.95
C GLU A 13 -17.43 -8.94 -17.14
N GLU A 14 -16.26 -8.32 -17.37
CA GLU A 14 -15.25 -8.78 -18.33
C GLU A 14 -14.64 -10.15 -17.93
N VAL A 15 -13.97 -10.83 -18.88
CA VAL A 15 -13.37 -12.16 -18.67
C VAL A 15 -12.25 -12.17 -17.62
N SER A 16 -11.56 -11.05 -17.40
CA SER A 16 -10.64 -10.83 -16.26
C SER A 16 -11.33 -9.98 -15.17
N GLU A 17 -11.13 -10.35 -13.90
CA GLU A 17 -11.88 -9.80 -12.75
C GLU A 17 -10.94 -9.48 -11.55
N PRO A 18 -11.32 -8.52 -10.68
CA PRO A 18 -10.61 -8.22 -9.43
C PRO A 18 -10.83 -9.31 -8.36
N GLY A 19 -9.96 -9.31 -7.35
CA GLY A 19 -10.06 -10.11 -6.13
C GLY A 19 -10.39 -9.24 -4.91
N ASP A 20 -10.90 -9.85 -3.84
CA ASP A 20 -11.40 -9.12 -2.66
C ASP A 20 -11.12 -9.88 -1.35
N ALA A 21 -10.90 -9.14 -0.24
CA ALA A 21 -10.72 -9.69 1.10
C ALA A 21 -11.13 -8.69 2.20
N ASN A 22 -12.37 -8.83 2.67
CA ASN A 22 -12.93 -8.16 3.86
C ASN A 22 -12.86 -6.62 3.77
N ILE A 23 -11.82 -5.99 4.34
CA ILE A 23 -11.64 -4.53 4.43
C ILE A 23 -10.92 -3.97 3.18
N PHE A 24 -10.22 -4.81 2.39
CA PHE A 24 -9.49 -4.40 1.19
C PHE A 24 -9.91 -5.17 -0.07
N ARG A 25 -9.59 -4.62 -1.24
CA ARG A 25 -9.91 -5.22 -2.55
C ARG A 25 -8.75 -5.00 -3.52
N VAL A 26 -8.37 -6.00 -4.31
CA VAL A 26 -7.27 -5.90 -5.30
C VAL A 26 -7.79 -5.88 -6.73
N ASP A 27 -7.33 -4.92 -7.54
CA ASP A 27 -7.55 -4.92 -8.99
C ASP A 27 -6.28 -5.46 -9.70
N LYS A 28 -6.44 -6.57 -10.42
CA LYS A 28 -5.34 -7.29 -11.07
C LYS A 28 -5.03 -6.80 -12.50
N ASP A 29 -5.96 -6.10 -13.15
CA ASP A 29 -5.82 -5.60 -14.52
C ASP A 29 -4.95 -4.32 -14.58
N SER A 30 -5.23 -3.36 -13.72
CA SER A 30 -4.43 -2.14 -13.56
C SER A 30 -3.36 -2.24 -12.45
N ARG A 31 -3.43 -3.30 -11.62
CA ARG A 31 -2.47 -3.65 -10.56
C ARG A 31 -2.47 -2.60 -9.44
N GLU A 32 -3.52 -2.60 -8.62
CA GLU A 32 -3.78 -1.58 -7.58
C GLU A 32 -4.68 -2.13 -6.45
N VAL A 33 -4.86 -1.39 -5.35
CA VAL A 33 -5.48 -1.94 -4.11
C VAL A 33 -6.32 -0.89 -3.36
N TYR A 34 -7.53 -1.26 -2.98
CA TYR A 34 -8.50 -0.42 -2.28
C TYR A 34 -8.52 -0.73 -0.78
N MET A 35 -8.61 0.32 0.04
CA MET A 35 -9.23 0.32 1.37
C MET A 35 -10.73 0.55 1.21
N HIS A 36 -11.51 0.00 2.14
CA HIS A 36 -12.91 0.40 2.38
C HIS A 36 -13.07 1.93 2.57
N GLU A 37 -12.03 2.61 3.07
CA GLU A 37 -11.99 4.06 3.23
C GLU A 37 -11.67 4.83 1.92
N LYS A 38 -10.89 4.26 0.96
CA LYS A 38 -10.34 4.93 -0.24
C LYS A 38 -9.54 3.99 -1.16
N LYS A 39 -9.44 4.30 -2.46
CA LYS A 39 -8.60 3.59 -3.44
C LYS A 39 -7.12 3.96 -3.32
N LEU A 40 -6.18 3.04 -3.57
CA LEU A 40 -4.73 3.28 -3.63
C LEU A 40 -4.09 2.50 -4.80
N ASP A 41 -2.96 3.00 -5.28
CA ASP A 41 -2.24 2.47 -6.44
C ASP A 41 -0.72 2.60 -6.21
N LEU A 42 0.00 1.51 -6.46
CA LEU A 42 1.45 1.31 -6.29
C LEU A 42 1.82 -0.08 -6.86
N THR A 43 3.08 -0.52 -6.73
CA THR A 43 3.61 -1.70 -7.45
C THR A 43 3.45 -2.96 -6.58
N ARG A 44 3.64 -4.16 -7.13
CA ARG A 44 3.24 -5.43 -6.50
C ARG A 44 3.72 -5.60 -5.03
N ALA A 45 4.96 -5.24 -4.73
CA ALA A 45 5.51 -5.31 -3.37
C ALA A 45 4.86 -4.27 -2.43
N GLU A 46 4.63 -3.05 -2.90
CA GLU A 46 3.92 -1.98 -2.19
C GLU A 46 2.44 -2.34 -1.91
N TYR A 47 1.83 -2.98 -2.89
CA TYR A 47 0.52 -3.62 -2.73
C TYR A 47 0.59 -4.69 -1.63
N GLU A 48 1.57 -5.60 -1.65
CA GLU A 48 1.71 -6.63 -0.63
C GLU A 48 1.79 -6.02 0.78
N ILE A 49 2.62 -4.99 1.01
CA ILE A 49 2.76 -4.38 2.33
C ILE A 49 1.44 -3.74 2.78
N LEU A 50 0.77 -2.95 1.91
CA LEU A 50 -0.39 -2.18 2.35
C LEU A 50 -1.64 -3.08 2.49
N SER A 51 -1.79 -4.08 1.61
CA SER A 51 -2.73 -5.20 1.77
C SER A 51 -2.54 -5.94 3.11
N LEU A 52 -1.34 -6.43 3.41
CA LEU A 52 -1.10 -7.18 4.65
C LEU A 52 -1.17 -6.30 5.89
N LEU A 53 -0.96 -4.99 5.74
CA LEU A 53 -1.23 -4.03 6.80
C LEU A 53 -2.73 -3.96 7.10
N ILE A 54 -3.58 -3.78 6.10
CA ILE A 54 -5.04 -3.76 6.33
C ILE A 54 -5.51 -5.13 6.87
N SER A 55 -4.89 -6.23 6.41
CA SER A 55 -5.12 -7.57 6.97
C SER A 55 -4.72 -7.71 8.46
N LYS A 56 -3.54 -7.23 8.87
CA LYS A 56 -3.07 -7.33 10.27
C LYS A 56 -3.70 -6.29 11.22
N LYS A 57 -4.22 -5.19 10.65
CA LYS A 57 -4.73 -3.91 11.21
C LYS A 57 -3.69 -2.78 11.07
N GLY A 58 -4.19 -1.53 10.98
CA GLY A 58 -3.46 -0.31 10.62
C GLY A 58 -2.07 -0.15 11.25
N TYR A 59 -2.02 0.32 12.49
CA TYR A 59 -0.80 0.44 13.31
C TYR A 59 0.21 1.43 12.67
N VAL A 60 1.44 1.44 13.15
CA VAL A 60 2.55 2.21 12.54
C VAL A 60 3.36 1.29 11.63
N PHE A 61 3.44 1.68 10.36
CA PHE A 61 3.97 0.94 9.22
C PHE A 61 5.47 1.24 9.08
N SER A 62 6.31 0.31 9.53
CA SER A 62 7.73 0.56 9.85
C SER A 62 8.71 0.08 8.76
N ARG A 63 9.85 0.76 8.59
CA ARG A 63 10.94 0.37 7.66
C ARG A 63 11.34 -1.13 7.72
N GLU A 64 11.39 -1.73 8.92
CA GLU A 64 11.69 -3.15 9.11
C GLU A 64 10.54 -4.05 8.64
N SER A 65 9.32 -3.78 9.09
CA SER A 65 8.11 -4.51 8.62
C SER A 65 7.97 -4.43 7.09
N ILE A 66 8.25 -3.25 6.51
CA ILE A 66 8.31 -3.03 5.05
C ILE A 66 9.40 -3.89 4.38
N ALA A 67 10.60 -3.95 4.97
CA ALA A 67 11.69 -4.82 4.51
C ALA A 67 11.33 -6.31 4.59
N ILE A 68 10.45 -6.70 5.52
CA ILE A 68 9.94 -8.08 5.62
C ILE A 68 8.83 -8.36 4.58
N GLU A 69 7.88 -7.43 4.39
CA GLU A 69 6.67 -7.69 3.59
C GLU A 69 6.74 -7.19 2.13
N SER A 70 7.55 -6.18 1.78
CA SER A 70 7.82 -5.83 0.36
C SER A 70 9.10 -6.53 -0.11
N GLU A 71 10.21 -6.35 0.63
CA GLU A 71 11.45 -7.15 0.51
C GLU A 71 12.20 -6.95 -0.84
N SER A 72 11.85 -5.92 -1.62
CA SER A 72 12.48 -5.63 -2.92
C SER A 72 13.97 -5.20 -2.82
N ILE A 73 14.40 -4.70 -1.66
CA ILE A 73 15.78 -4.25 -1.38
C ILE A 73 16.40 -5.17 -0.31
N ASN A 74 17.71 -5.44 -0.40
CA ASN A 74 18.39 -6.48 0.39
C ASN A 74 18.44 -6.28 1.93
N PRO A 75 18.75 -5.09 2.49
CA PRO A 75 18.98 -4.93 3.93
C PRO A 75 17.68 -4.74 4.71
N GLU A 76 17.71 -5.05 6.01
CA GLU A 76 16.56 -4.96 6.93
C GLU A 76 16.14 -3.50 7.24
N SER A 77 16.96 -2.51 6.88
CA SER A 77 16.63 -1.09 6.99
C SER A 77 15.74 -0.59 5.83
N SER A 78 16.04 -1.00 4.58
CA SER A 78 15.26 -0.71 3.36
C SER A 78 14.91 0.79 3.17
N ASN A 79 15.82 1.69 3.51
CA ASN A 79 15.56 3.15 3.51
C ASN A 79 15.12 3.70 2.14
N LYS A 80 15.66 3.16 1.03
CA LYS A 80 15.21 3.50 -0.33
C LYS A 80 13.84 2.90 -0.68
N SER A 81 13.47 1.78 -0.06
CA SER A 81 12.10 1.26 -0.17
C SER A 81 11.12 2.25 0.45
N ILE A 82 11.22 2.57 1.76
CA ILE A 82 10.27 3.52 2.38
C ILE A 82 10.22 4.88 1.68
N ASP A 83 11.35 5.38 1.17
CA ASP A 83 11.43 6.56 0.32
C ASP A 83 10.64 6.43 -1.01
N VAL A 84 10.82 5.34 -1.77
CA VAL A 84 9.97 5.05 -2.95
C VAL A 84 8.51 4.96 -2.54
N ILE A 85 8.21 4.23 -1.47
CA ILE A 85 6.83 3.94 -1.07
C ILE A 85 6.14 5.25 -0.68
N ILE A 86 6.72 6.04 0.24
CA ILE A 86 6.18 7.36 0.62
C ILE A 86 5.99 8.27 -0.59
N GLY A 87 7.01 8.38 -1.45
CA GLY A 87 7.06 9.37 -2.54
C GLY A 87 6.13 9.03 -3.69
N ARG A 88 6.06 7.76 -4.11
CA ARG A 88 5.19 7.33 -5.21
C ARG A 88 3.73 7.11 -4.74
N LEU A 89 3.46 6.80 -3.46
CA LEU A 89 2.14 6.96 -2.84
C LEU A 89 1.72 8.44 -2.89
N ARG A 90 2.61 9.37 -2.49
CA ARG A 90 2.40 10.83 -2.66
C ARG A 90 2.05 11.19 -4.11
N SER A 91 2.81 10.67 -5.07
CA SER A 91 2.57 10.88 -6.50
C SER A 91 1.18 10.41 -6.93
N LYS A 92 0.76 9.19 -6.55
CA LYS A 92 -0.59 8.73 -6.87
C LYS A 92 -1.70 9.58 -6.19
N ILE A 93 -1.57 9.92 -4.91
CA ILE A 93 -2.61 10.72 -4.21
C ILE A 93 -2.60 12.22 -4.58
N GLU A 94 -1.54 12.71 -5.22
CA GLU A 94 -1.48 14.04 -5.84
C GLU A 94 -2.16 14.04 -7.22
N LYS A 95 -1.88 13.04 -8.07
CA LYS A 95 -2.39 12.96 -9.45
C LYS A 95 -3.86 12.53 -9.54
N ASN A 96 -4.28 11.54 -8.73
CA ASN A 96 -5.68 11.11 -8.62
C ASN A 96 -6.50 12.05 -7.69
N PRO A 97 -7.84 12.12 -7.83
CA PRO A 97 -8.71 12.95 -6.99
C PRO A 97 -8.86 12.44 -5.54
N LYS A 98 -8.48 11.18 -5.27
CA LYS A 98 -8.45 10.60 -3.92
C LYS A 98 -7.56 11.42 -2.95
N GLN A 99 -8.14 11.96 -1.88
CA GLN A 99 -7.43 12.66 -0.80
C GLN A 99 -6.85 11.66 0.24
N PRO A 100 -5.83 12.06 1.03
CA PRO A 100 -5.45 11.35 2.26
C PRO A 100 -6.42 11.70 3.40
N GLN A 101 -6.51 10.78 4.37
CA GLN A 101 -7.35 10.90 5.58
C GLN A 101 -7.05 9.77 6.58
N TYR A 102 -6.93 8.51 6.13
CA TYR A 102 -6.66 7.37 7.05
C TYR A 102 -5.19 7.00 7.22
N ILE A 103 -4.31 7.63 6.44
CA ILE A 103 -2.86 7.40 6.42
C ILE A 103 -2.12 8.70 6.77
N ILE A 104 -1.30 8.65 7.83
CA ILE A 104 -0.36 9.73 8.22
C ILE A 104 1.09 9.21 8.11
N SER A 105 1.84 9.67 7.11
CA SER A 105 3.24 9.27 6.90
C SER A 105 4.20 10.11 7.76
N VAL A 106 4.67 9.59 8.91
CA VAL A 106 5.60 10.30 9.82
C VAL A 106 7.03 9.86 9.49
N ARG A 107 7.75 10.67 8.70
CA ARG A 107 9.06 10.33 8.14
C ARG A 107 10.08 9.91 9.22
N GLY A 108 10.67 8.72 9.04
CA GLY A 108 11.66 8.10 9.96
C GLY A 108 11.04 7.19 11.03
N ILE A 109 9.82 7.50 11.50
CA ILE A 109 9.08 6.70 12.50
C ILE A 109 8.31 5.56 11.81
N GLY A 110 7.54 5.90 10.78
CA GLY A 110 6.64 5.01 10.04
C GLY A 110 5.33 5.71 9.65
N TYR A 111 4.45 4.98 8.96
CA TYR A 111 3.17 5.54 8.52
C TYR A 111 2.04 5.06 9.44
N LYS A 112 1.38 5.94 10.17
CA LYS A 112 0.21 5.55 11.00
C LYS A 112 -1.01 5.35 10.09
N LEU A 113 -1.50 4.12 10.03
CA LEU A 113 -2.75 3.75 9.37
C LEU A 113 -3.76 3.25 10.40
N GLU A 114 -4.99 3.01 9.96
CA GLU A 114 -6.09 2.51 10.79
C GLU A 114 -7.04 1.60 9.99
N TYR A 115 -7.96 0.92 10.69
CA TYR A 115 -8.92 -0.06 10.15
C TYR A 115 -10.39 0.28 10.49
N GLY A 11 -10.06 -1.67 -26.97
CA GLY A 11 -10.91 -1.31 -25.81
C GLY A 11 -10.76 -2.33 -24.68
N SER A 12 -11.88 -2.67 -24.03
CA SER A 12 -11.90 -3.70 -22.96
C SER A 12 -11.85 -5.14 -23.53
N GLU A 13 -11.58 -6.12 -22.66
CA GLU A 13 -11.42 -7.55 -23.00
C GLU A 13 -11.45 -8.42 -21.73
N GLU A 14 -11.73 -9.71 -21.86
CA GLU A 14 -11.82 -10.68 -20.77
C GLU A 14 -10.41 -11.08 -20.26
N VAL A 15 -9.68 -10.09 -19.74
CA VAL A 15 -8.36 -10.22 -19.07
C VAL A 15 -8.48 -10.88 -17.67
N SER A 16 -7.37 -11.00 -16.95
CA SER A 16 -7.31 -11.57 -15.60
C SER A 16 -8.30 -10.90 -14.61
N GLU A 17 -9.14 -11.70 -13.95
CA GLU A 17 -10.24 -11.24 -13.11
C GLU A 17 -9.73 -10.65 -11.78
N PRO A 18 -10.21 -9.47 -11.33
CA PRO A 18 -9.87 -8.90 -10.02
C PRO A 18 -10.47 -9.73 -8.87
N GLY A 19 -9.92 -9.53 -7.66
CA GLY A 19 -10.29 -10.27 -6.44
C GLY A 19 -10.54 -9.37 -5.23
N ASP A 20 -11.08 -9.92 -4.15
CA ASP A 20 -11.50 -9.18 -2.95
C ASP A 20 -11.22 -9.98 -1.67
N ALA A 21 -10.72 -9.31 -0.62
CA ALA A 21 -10.40 -9.90 0.67
C ALA A 21 -10.55 -8.89 1.83
N ASN A 22 -11.39 -9.23 2.81
CA ASN A 22 -11.59 -8.51 4.08
C ASN A 22 -12.04 -7.04 3.87
N ILE A 23 -11.09 -6.10 3.81
CA ILE A 23 -11.32 -4.64 3.72
C ILE A 23 -10.79 -4.06 2.39
N PHE A 24 -10.04 -4.84 1.58
CA PHE A 24 -9.49 -4.39 0.31
C PHE A 24 -9.91 -5.27 -0.89
N ARG A 25 -10.05 -4.62 -2.05
CA ARG A 25 -10.30 -5.25 -3.35
C ARG A 25 -9.04 -5.10 -4.20
N VAL A 26 -8.44 -6.21 -4.62
CA VAL A 26 -7.25 -6.21 -5.49
C VAL A 26 -7.69 -6.09 -6.96
N ASP A 27 -7.23 -5.03 -7.62
CA ASP A 27 -7.43 -4.84 -9.05
C ASP A 27 -6.23 -5.35 -9.84
N LYS A 28 -6.40 -6.45 -10.59
CA LYS A 28 -5.31 -7.10 -11.32
C LYS A 28 -5.07 -6.54 -12.74
N ASP A 29 -5.99 -5.74 -13.28
CA ASP A 29 -5.87 -5.08 -14.58
C ASP A 29 -4.87 -3.92 -14.53
N SER A 30 -5.08 -2.98 -13.61
CA SER A 30 -4.21 -1.81 -13.39
C SER A 30 -3.15 -2.05 -12.29
N ARG A 31 -3.31 -3.13 -11.50
CA ARG A 31 -2.33 -3.67 -10.53
C ARG A 31 -2.29 -2.83 -9.24
N GLU A 32 -3.43 -2.81 -8.53
CA GLU A 32 -3.75 -1.87 -7.44
C GLU A 32 -4.45 -2.58 -6.26
N VAL A 33 -4.60 -1.89 -5.12
CA VAL A 33 -5.55 -2.30 -4.05
C VAL A 33 -6.44 -1.13 -3.60
N TYR A 34 -7.75 -1.34 -3.68
CA TYR A 34 -8.78 -0.42 -3.20
C TYR A 34 -9.16 -0.79 -1.76
N MET A 35 -8.81 0.05 -0.79
CA MET A 35 -9.28 -0.09 0.60
C MET A 35 -10.68 0.52 0.69
N HIS A 36 -11.49 0.07 1.65
CA HIS A 36 -12.86 0.54 1.84
C HIS A 36 -13.00 2.08 2.02
N GLU A 37 -11.92 2.77 2.39
CA GLU A 37 -11.82 4.24 2.51
C GLU A 37 -11.34 4.94 1.23
N LYS A 38 -10.49 4.29 0.39
CA LYS A 38 -9.83 4.88 -0.80
C LYS A 38 -8.96 3.93 -1.65
N LYS A 39 -8.73 4.27 -2.92
CA LYS A 39 -7.84 3.55 -3.85
C LYS A 39 -6.33 3.78 -3.55
N LEU A 40 -5.50 2.74 -3.68
CA LEU A 40 -4.03 2.80 -3.55
C LEU A 40 -3.36 1.88 -4.58
N ASP A 41 -2.21 2.30 -5.11
CA ASP A 41 -1.69 1.75 -6.36
C ASP A 41 -0.19 2.00 -6.61
N LEU A 42 0.68 1.43 -5.76
CA LEU A 42 2.14 1.37 -6.02
C LEU A 42 2.49 0.22 -6.99
N THR A 43 2.77 -0.96 -6.41
CA THR A 43 3.36 -2.15 -7.04
C THR A 43 2.73 -3.39 -6.45
N ARG A 44 3.04 -4.58 -6.99
CA ARG A 44 2.69 -5.87 -6.35
C ARG A 44 3.19 -5.97 -4.91
N ALA A 45 4.42 -5.50 -4.65
CA ALA A 45 5.06 -5.60 -3.36
C ALA A 45 4.39 -4.68 -2.33
N GLU A 46 4.16 -3.41 -2.68
CA GLU A 46 3.54 -2.45 -1.76
C GLU A 46 2.05 -2.72 -1.56
N TYR A 47 1.38 -3.21 -2.61
CA TYR A 47 0.09 -3.94 -2.49
C TYR A 47 0.15 -5.03 -1.39
N GLU A 48 1.13 -5.94 -1.46
CA GLU A 48 1.29 -7.01 -0.48
C GLU A 48 1.38 -6.45 0.95
N ILE A 49 2.09 -5.33 1.16
CA ILE A 49 2.23 -4.77 2.52
C ILE A 49 1.02 -3.96 2.96
N LEU A 50 0.34 -3.24 2.07
CA LEU A 50 -0.95 -2.62 2.43
C LEU A 50 -1.94 -3.69 2.86
N SER A 51 -2.06 -4.77 2.10
CA SER A 51 -2.86 -5.95 2.46
C SER A 51 -2.47 -6.51 3.84
N LEU A 52 -1.18 -6.77 4.08
CA LEU A 52 -0.67 -7.21 5.38
C LEU A 52 -1.03 -6.21 6.50
N LEU A 53 -0.88 -4.91 6.24
CA LEU A 53 -1.09 -3.84 7.21
C LEU A 53 -2.57 -3.69 7.54
N ILE A 54 -3.43 -3.56 6.54
CA ILE A 54 -4.89 -3.52 6.74
C ILE A 54 -5.39 -4.79 7.47
N SER A 55 -4.92 -5.98 7.12
CA SER A 55 -5.34 -7.23 7.79
C SER A 55 -4.85 -7.36 9.24
N LYS A 56 -3.61 -6.95 9.56
CA LYS A 56 -3.06 -7.08 10.93
C LYS A 56 -3.50 -5.94 11.87
N LYS A 57 -3.74 -4.75 11.27
CA LYS A 57 -4.22 -3.43 11.78
C LYS A 57 -3.26 -2.30 11.38
N GLY A 58 -3.81 -1.10 11.20
CA GLY A 58 -3.14 0.05 10.57
C GLY A 58 -1.79 0.38 11.20
N TYR A 59 -1.74 0.60 12.51
CA TYR A 59 -0.51 0.72 13.29
C TYR A 59 0.38 1.82 12.68
N VAL A 60 1.68 1.60 12.67
CA VAL A 60 2.66 2.37 11.91
C VAL A 60 3.31 1.47 10.85
N PHE A 61 3.14 1.83 9.58
CA PHE A 61 3.85 1.28 8.42
C PHE A 61 5.36 1.49 8.67
N SER A 62 6.10 0.38 8.75
CA SER A 62 7.49 0.33 9.20
C SER A 62 8.43 -0.19 8.11
N ARG A 63 9.58 0.47 7.89
CA ARG A 63 10.54 0.09 6.85
C ARG A 63 11.03 -1.37 6.97
N GLU A 64 11.34 -1.84 8.19
CA GLU A 64 11.73 -3.23 8.44
C GLU A 64 10.60 -4.23 8.08
N SER A 65 9.34 -3.95 8.44
CA SER A 65 8.22 -4.84 8.06
C SER A 65 8.02 -4.88 6.53
N ILE A 66 8.18 -3.73 5.87
CA ILE A 66 8.19 -3.65 4.39
C ILE A 66 9.36 -4.47 3.79
N ALA A 67 10.55 -4.38 4.37
CA ALA A 67 11.72 -5.16 3.98
C ALA A 67 11.55 -6.67 4.22
N ILE A 68 10.69 -7.05 5.18
CA ILE A 68 10.36 -8.47 5.45
C ILE A 68 9.33 -9.02 4.44
N GLU A 69 8.24 -8.30 4.12
CA GLU A 69 7.19 -8.84 3.21
C GLU A 69 7.22 -8.33 1.75
N SER A 70 7.76 -7.13 1.43
CA SER A 70 7.85 -6.59 0.06
C SER A 70 9.25 -6.87 -0.54
N GLU A 71 10.31 -6.54 0.22
CA GLU A 71 11.59 -7.26 0.25
C GLU A 71 12.49 -7.17 -1.01
N SER A 72 12.01 -6.65 -2.14
CA SER A 72 12.70 -6.53 -3.44
C SER A 72 13.85 -5.48 -3.48
N ILE A 73 14.49 -5.24 -2.33
CA ILE A 73 15.41 -4.13 -2.02
C ILE A 73 16.63 -4.70 -1.28
N ASN A 74 17.85 -4.30 -1.69
CA ASN A 74 19.09 -4.92 -1.20
C ASN A 74 19.39 -4.66 0.31
N PRO A 75 19.39 -3.41 0.83
CA PRO A 75 19.62 -3.14 2.25
C PRO A 75 18.38 -3.49 3.09
N GLU A 76 18.59 -4.16 4.24
CA GLU A 76 17.52 -4.62 5.14
C GLU A 76 16.88 -3.50 5.98
N SER A 77 17.54 -2.34 6.11
CA SER A 77 16.93 -1.12 6.68
C SER A 77 15.93 -0.50 5.69
N SER A 78 16.22 -0.55 4.39
CA SER A 78 15.29 -0.24 3.28
C SER A 78 14.75 1.21 3.25
N ASN A 79 15.46 2.17 3.86
CA ASN A 79 15.01 3.57 3.93
C ASN A 79 14.64 4.17 2.56
N LYS A 80 15.36 3.80 1.48
CA LYS A 80 15.04 4.20 0.11
C LYS A 80 13.79 3.49 -0.44
N SER A 81 13.48 2.27 0.03
CA SER A 81 12.16 1.64 -0.21
C SER A 81 11.07 2.54 0.37
N ILE A 82 11.02 2.78 1.68
CA ILE A 82 9.86 3.52 2.26
C ILE A 82 9.73 4.95 1.73
N ASP A 83 10.87 5.57 1.43
CA ASP A 83 10.96 6.84 0.71
C ASP A 83 10.33 6.78 -0.70
N VAL A 84 10.62 5.75 -1.52
CA VAL A 84 9.88 5.50 -2.78
C VAL A 84 8.41 5.23 -2.49
N ILE A 85 8.09 4.41 -1.49
CA ILE A 85 6.73 3.94 -1.25
C ILE A 85 5.84 5.13 -0.92
N ILE A 86 6.21 5.93 0.08
CA ILE A 86 5.38 7.07 0.50
C ILE A 86 5.52 8.27 -0.45
N GLY A 87 6.69 8.49 -1.07
CA GLY A 87 6.85 9.53 -2.08
C GLY A 87 6.02 9.25 -3.33
N ARG A 88 5.95 7.99 -3.76
CA ARG A 88 5.12 7.56 -4.89
C ARG A 88 3.65 7.37 -4.48
N LEU A 89 3.32 7.10 -3.21
CA LEU A 89 1.95 7.23 -2.67
C LEU A 89 1.50 8.69 -2.79
N ARG A 90 2.33 9.66 -2.38
CA ARG A 90 2.08 11.10 -2.59
C ARG A 90 1.88 11.40 -4.07
N SER A 91 2.72 10.85 -4.96
CA SER A 91 2.53 10.95 -6.41
C SER A 91 1.16 10.42 -6.85
N LYS A 92 0.73 9.24 -6.39
CA LYS A 92 -0.63 8.74 -6.64
C LYS A 92 -1.76 9.64 -6.11
N ILE A 93 -1.70 10.18 -4.88
CA ILE A 93 -2.76 11.10 -4.36
C ILE A 93 -2.73 12.49 -5.02
N GLU A 94 -1.58 12.89 -5.56
CA GLU A 94 -1.41 14.13 -6.32
C GLU A 94 -1.99 14.00 -7.75
N LYS A 95 -1.81 12.83 -8.39
CA LYS A 95 -2.34 12.53 -9.72
C LYS A 95 -3.86 12.28 -9.72
N ASN A 96 -4.36 11.48 -8.78
CA ASN A 96 -5.77 11.09 -8.67
C ASN A 96 -6.63 12.15 -7.95
N PRO A 97 -7.99 12.12 -8.08
CA PRO A 97 -8.90 12.93 -7.27
C PRO A 97 -8.97 12.44 -5.82
N LYS A 98 -8.62 11.17 -5.55
CA LYS A 98 -8.46 10.59 -4.21
C LYS A 98 -7.50 11.41 -3.31
N GLN A 99 -7.87 11.63 -2.04
CA GLN A 99 -7.11 12.43 -1.06
C GLN A 99 -6.77 11.60 0.19
N PRO A 100 -5.78 12.00 1.03
CA PRO A 100 -5.49 11.34 2.29
C PRO A 100 -6.36 11.87 3.44
N GLN A 101 -6.51 11.05 4.48
CA GLN A 101 -7.11 11.41 5.77
C GLN A 101 -6.83 10.33 6.84
N TYR A 102 -6.83 9.03 6.50
CA TYR A 102 -6.49 7.95 7.45
C TYR A 102 -5.01 7.52 7.43
N ILE A 103 -4.14 8.26 6.74
CA ILE A 103 -2.68 8.12 6.82
C ILE A 103 -2.02 9.43 7.34
N ILE A 104 -1.11 9.29 8.30
CA ILE A 104 -0.28 10.38 8.87
C ILE A 104 1.22 9.98 8.84
N SER A 105 2.13 10.93 8.64
CA SER A 105 3.59 10.69 8.62
C SER A 105 4.20 10.88 10.01
N VAL A 106 5.03 9.93 10.47
CA VAL A 106 5.70 9.95 11.79
C VAL A 106 7.22 10.07 11.58
N ARG A 107 7.73 11.29 11.77
CA ARG A 107 9.17 11.68 11.76
C ARG A 107 9.87 11.56 10.39
N GLY A 108 9.18 11.08 9.36
CA GLY A 108 9.78 10.63 8.08
C GLY A 108 10.42 9.24 8.19
N ILE A 109 10.02 8.44 9.19
CA ILE A 109 10.60 7.12 9.50
C ILE A 109 9.50 6.04 9.50
N GLY A 110 8.38 6.26 10.20
CA GLY A 110 7.18 5.42 10.16
C GLY A 110 5.97 6.20 9.66
N TYR A 111 4.92 5.50 9.25
CA TYR A 111 3.69 6.14 8.75
C TYR A 111 2.42 5.53 9.36
N LYS A 112 1.73 6.32 10.16
CA LYS A 112 0.57 5.88 10.94
C LYS A 112 -0.65 5.69 10.03
N LEU A 113 -1.26 4.51 10.12
CA LEU A 113 -2.50 4.12 9.42
C LEU A 113 -3.49 3.63 10.50
N GLU A 114 -4.79 3.58 10.22
CA GLU A 114 -5.78 3.08 11.17
C GLU A 114 -6.96 2.31 10.54
N TYR A 115 -7.58 1.46 11.35
CA TYR A 115 -8.72 0.57 11.02
C TYR A 115 -10.05 1.36 10.96
N GLY A 11 -14.23 -0.34 -19.52
CA GLY A 11 -13.16 -1.21 -20.04
C GLY A 11 -13.71 -2.18 -21.08
N SER A 12 -13.17 -2.17 -22.29
CA SER A 12 -13.61 -3.02 -23.43
C SER A 12 -13.00 -4.43 -23.44
N GLU A 13 -11.94 -4.67 -22.65
CA GLU A 13 -11.19 -5.92 -22.57
C GLU A 13 -10.43 -6.00 -21.24
N GLU A 14 -10.30 -7.21 -20.68
CA GLU A 14 -9.57 -7.49 -19.43
C GLU A 14 -8.50 -8.58 -19.65
N VAL A 15 -7.34 -8.40 -19.02
CA VAL A 15 -6.20 -9.34 -19.03
C VAL A 15 -6.41 -10.47 -18.01
N SER A 16 -6.98 -10.13 -16.83
CA SER A 16 -7.23 -11.06 -15.71
C SER A 16 -8.45 -10.61 -14.90
N GLU A 17 -9.16 -11.55 -14.26
CA GLU A 17 -10.36 -11.25 -13.47
C GLU A 17 -9.99 -10.70 -12.06
N PRO A 18 -10.54 -9.54 -11.63
CA PRO A 18 -10.30 -8.96 -10.32
C PRO A 18 -11.11 -9.68 -9.22
N GLY A 19 -10.79 -9.40 -7.94
CA GLY A 19 -11.41 -10.05 -6.78
C GLY A 19 -11.46 -9.19 -5.52
N ASP A 20 -12.09 -9.72 -4.47
CA ASP A 20 -12.23 -9.08 -3.16
C ASP A 20 -11.34 -9.73 -2.09
N ALA A 21 -11.08 -9.00 -1.00
CA ALA A 21 -10.23 -9.41 0.12
C ALA A 21 -10.58 -8.61 1.40
N ASN A 22 -11.75 -8.91 1.97
CA ASN A 22 -12.21 -8.58 3.33
C ASN A 22 -12.42 -7.07 3.59
N ILE A 23 -11.34 -6.28 3.61
CA ILE A 23 -11.32 -4.82 3.85
C ILE A 23 -10.84 -4.05 2.60
N PHE A 24 -10.31 -4.75 1.59
CA PHE A 24 -9.96 -4.18 0.30
C PHE A 24 -10.49 -5.03 -0.87
N ARG A 25 -10.41 -4.47 -2.08
CA ARG A 25 -10.58 -5.19 -3.35
C ARG A 25 -9.23 -5.22 -4.06
N VAL A 26 -8.90 -6.34 -4.69
CA VAL A 26 -7.70 -6.47 -5.54
C VAL A 26 -8.10 -6.32 -7.01
N ASP A 27 -7.65 -5.25 -7.65
CA ASP A 27 -7.80 -5.08 -9.10
C ASP A 27 -6.63 -5.76 -9.81
N LYS A 28 -6.85 -7.02 -10.20
CA LYS A 28 -5.82 -7.88 -10.83
C LYS A 28 -5.48 -7.45 -12.28
N ASP A 29 -6.40 -6.74 -12.96
CA ASP A 29 -6.24 -6.28 -14.34
C ASP A 29 -5.29 -5.08 -14.44
N SER A 30 -5.55 -4.02 -13.68
CA SER A 30 -4.77 -2.77 -13.67
C SER A 30 -3.65 -2.76 -12.61
N ARG A 31 -3.63 -3.76 -11.70
CA ARG A 31 -2.56 -4.05 -10.72
C ARG A 31 -2.64 -3.10 -9.50
N GLU A 32 -3.78 -3.08 -8.81
CA GLU A 32 -4.15 -2.05 -7.83
C GLU A 32 -4.85 -2.66 -6.59
N VAL A 33 -4.95 -1.92 -5.46
CA VAL A 33 -5.74 -2.33 -4.27
C VAL A 33 -6.57 -1.17 -3.73
N TYR A 34 -7.87 -1.41 -3.54
CA TYR A 34 -8.84 -0.41 -3.11
C TYR A 34 -9.29 -0.71 -1.68
N MET A 35 -8.84 0.07 -0.70
CA MET A 35 -9.25 -0.05 0.70
C MET A 35 -10.67 0.50 0.86
N HIS A 36 -11.40 -0.01 1.85
CA HIS A 36 -12.76 0.47 2.20
C HIS A 36 -12.88 2.00 2.36
N GLU A 37 -11.77 2.69 2.68
CA GLU A 37 -11.70 4.15 2.82
C GLU A 37 -11.15 4.87 1.58
N LYS A 38 -10.28 4.23 0.75
CA LYS A 38 -9.48 4.94 -0.28
C LYS A 38 -8.75 4.03 -1.30
N LYS A 39 -8.56 4.53 -2.52
CA LYS A 39 -7.92 3.84 -3.67
C LYS A 39 -6.37 3.94 -3.63
N LEU A 40 -5.62 2.87 -3.95
CA LEU A 40 -4.20 2.98 -4.30
C LEU A 40 -3.75 1.95 -5.35
N ASP A 41 -2.75 2.31 -6.13
CA ASP A 41 -2.37 1.62 -7.38
C ASP A 41 -0.84 1.57 -7.57
N LEU A 42 -0.13 1.22 -6.48
CA LEU A 42 1.31 0.96 -6.48
C LEU A 42 1.63 -0.47 -6.99
N THR A 43 2.90 -0.89 -6.91
CA THR A 43 3.43 -2.09 -7.60
C THR A 43 3.25 -3.32 -6.70
N ARG A 44 3.37 -4.53 -7.22
CA ARG A 44 2.98 -5.79 -6.54
C ARG A 44 3.47 -5.89 -5.08
N ALA A 45 4.75 -5.56 -4.83
CA ALA A 45 5.33 -5.61 -3.49
C ALA A 45 4.74 -4.53 -2.55
N GLU A 46 4.49 -3.33 -3.05
CA GLU A 46 3.83 -2.23 -2.35
C GLU A 46 2.34 -2.53 -2.05
N TYR A 47 1.67 -3.17 -3.00
CA TYR A 47 0.38 -3.81 -2.76
C TYR A 47 0.48 -4.84 -1.62
N GLU A 48 1.45 -5.76 -1.66
CA GLU A 48 1.63 -6.79 -0.63
C GLU A 48 1.77 -6.21 0.79
N ILE A 49 2.55 -5.13 0.95
CA ILE A 49 2.67 -4.47 2.26
C ILE A 49 1.35 -3.79 2.66
N LEU A 50 0.67 -3.02 1.79
CA LEU A 50 -0.58 -2.39 2.24
C LEU A 50 -1.69 -3.41 2.49
N SER A 51 -1.89 -4.40 1.62
CA SER A 51 -2.86 -5.48 1.86
C SER A 51 -2.59 -6.20 3.19
N LEU A 52 -1.33 -6.55 3.52
CA LEU A 52 -1.04 -7.12 4.83
C LEU A 52 -1.24 -6.11 5.96
N LEU A 53 -0.95 -4.82 5.73
CA LEU A 53 -1.14 -3.76 6.73
C LEU A 53 -2.62 -3.63 7.11
N ILE A 54 -3.49 -3.48 6.11
CA ILE A 54 -4.94 -3.41 6.33
C ILE A 54 -5.46 -4.71 6.98
N SER A 55 -4.97 -5.88 6.55
CA SER A 55 -5.36 -7.18 7.12
C SER A 55 -4.94 -7.35 8.60
N LYS A 56 -3.70 -6.96 8.95
CA LYS A 56 -3.15 -7.08 10.31
C LYS A 56 -3.54 -5.90 11.24
N LYS A 57 -4.08 -4.82 10.65
CA LYS A 57 -4.59 -3.56 11.22
C LYS A 57 -3.50 -2.47 11.25
N GLY A 58 -3.96 -1.21 11.28
CA GLY A 58 -3.23 -0.01 10.84
C GLY A 58 -1.77 0.11 11.29
N TYR A 59 -1.52 0.26 12.60
CA TYR A 59 -0.20 0.22 13.23
C TYR A 59 0.72 1.36 12.73
N VAL A 60 2.00 1.37 13.11
CA VAL A 60 3.02 2.25 12.51
C VAL A 60 3.81 1.46 11.47
N PHE A 61 3.52 1.74 10.21
CA PHE A 61 4.05 1.11 9.00
C PHE A 61 5.50 1.58 8.78
N SER A 62 6.48 0.72 9.11
CA SER A 62 7.88 1.11 9.39
C SER A 62 8.88 0.57 8.36
N ARG A 63 9.97 1.30 8.07
CA ARG A 63 10.96 0.91 7.04
C ARG A 63 11.48 -0.54 7.11
N GLU A 64 11.73 -1.09 8.31
CA GLU A 64 12.14 -2.49 8.47
C GLU A 64 11.00 -3.46 8.15
N SER A 65 9.85 -3.34 8.82
CA SER A 65 8.66 -4.16 8.58
C SER A 65 8.24 -4.13 7.09
N ILE A 66 8.28 -2.93 6.49
CA ILE A 66 8.12 -2.69 5.05
C ILE A 66 9.09 -3.55 4.23
N ALA A 67 10.40 -3.33 4.36
CA ALA A 67 11.41 -4.00 3.57
C ALA A 67 11.50 -5.52 3.87
N ILE A 68 10.88 -5.99 4.95
CA ILE A 68 10.65 -7.42 5.20
C ILE A 68 9.41 -7.94 4.45
N GLU A 69 8.30 -7.19 4.34
CA GLU A 69 7.09 -7.66 3.65
C GLU A 69 7.03 -7.33 2.14
N SER A 70 7.56 -6.20 1.65
CA SER A 70 7.61 -5.89 0.22
C SER A 70 8.89 -6.48 -0.40
N GLU A 71 10.05 -6.11 0.13
CA GLU A 71 11.34 -6.79 -0.04
C GLU A 71 11.92 -6.65 -1.48
N SER A 72 11.47 -5.63 -2.23
CA SER A 72 12.05 -5.27 -3.54
C SER A 72 13.45 -4.64 -3.39
N ILE A 73 13.74 -4.03 -2.23
CA ILE A 73 15.07 -3.53 -1.82
C ILE A 73 15.73 -4.56 -0.89
N ASN A 74 16.98 -4.94 -1.17
CA ASN A 74 17.69 -6.01 -0.46
C ASN A 74 18.00 -5.69 1.02
N PRO A 75 18.65 -4.56 1.39
CA PRO A 75 18.88 -4.20 2.80
C PRO A 75 17.58 -3.77 3.47
N GLU A 76 17.25 -4.39 4.60
CA GLU A 76 16.03 -4.16 5.36
C GLU A 76 16.05 -2.86 6.18
N SER A 77 17.23 -2.28 6.43
CA SER A 77 17.40 -0.99 7.11
C SER A 77 17.19 0.24 6.20
N SER A 78 16.91 0.02 4.91
CA SER A 78 16.77 1.09 3.91
C SER A 78 15.57 2.02 4.18
N ASN A 79 15.83 3.32 4.41
CA ASN A 79 14.78 4.34 4.37
C ASN A 79 14.29 4.57 2.92
N LYS A 80 15.14 4.35 1.92
CA LYS A 80 14.80 4.52 0.49
C LYS A 80 13.72 3.54 0.04
N SER A 81 13.64 2.36 0.66
CA SER A 81 12.46 1.48 0.53
C SER A 81 11.18 2.22 0.95
N ILE A 82 11.09 2.74 2.18
CA ILE A 82 9.93 3.53 2.64
C ILE A 82 9.68 4.79 1.79
N ASP A 83 10.73 5.43 1.26
CA ASP A 83 10.62 6.62 0.41
C ASP A 83 10.11 6.30 -1.00
N VAL A 84 10.48 5.16 -1.62
CA VAL A 84 9.78 4.69 -2.84
C VAL A 84 8.32 4.43 -2.51
N ILE A 85 8.06 3.76 -1.39
CA ILE A 85 6.69 3.34 -1.05
C ILE A 85 5.84 4.59 -0.83
N ILE A 86 6.10 5.40 0.19
CA ILE A 86 5.23 6.53 0.52
C ILE A 86 5.39 7.68 -0.47
N GLY A 87 6.57 7.90 -1.06
CA GLY A 87 6.77 8.93 -2.08
C GLY A 87 6.05 8.59 -3.39
N ARG A 88 6.04 7.33 -3.82
CA ARG A 88 5.34 6.92 -5.05
C ARG A 88 3.84 6.67 -4.79
N LEU A 89 3.42 6.26 -3.59
CA LEU A 89 2.02 6.34 -3.14
C LEU A 89 1.53 7.79 -3.19
N ARG A 90 2.27 8.75 -2.62
CA ARG A 90 1.94 10.19 -2.70
C ARG A 90 1.91 10.71 -4.14
N SER A 91 2.78 10.24 -5.03
CA SER A 91 2.65 10.53 -6.47
C SER A 91 1.32 10.02 -7.04
N LYS A 92 0.90 8.80 -6.68
CA LYS A 92 -0.44 8.30 -6.98
C LYS A 92 -1.56 9.17 -6.38
N ILE A 93 -1.50 9.59 -5.10
CA ILE A 93 -2.56 10.44 -4.49
C ILE A 93 -2.61 11.84 -5.12
N GLU A 94 -1.46 12.38 -5.51
CA GLU A 94 -1.33 13.70 -6.15
C GLU A 94 -1.91 13.68 -7.58
N LYS A 95 -1.70 12.60 -8.34
CA LYS A 95 -2.29 12.42 -9.68
C LYS A 95 -3.80 12.07 -9.66
N ASN A 96 -4.26 11.28 -8.68
CA ASN A 96 -5.69 10.95 -8.48
C ASN A 96 -6.48 12.10 -7.79
N PRO A 97 -7.83 12.03 -7.75
CA PRO A 97 -8.65 12.87 -6.87
C PRO A 97 -8.61 12.42 -5.39
N LYS A 98 -8.18 11.18 -5.12
CA LYS A 98 -8.01 10.58 -3.78
C LYS A 98 -7.10 11.41 -2.85
N GLN A 99 -7.55 11.71 -1.63
CA GLN A 99 -6.75 12.39 -0.58
C GLN A 99 -6.65 11.51 0.69
N PRO A 100 -5.56 11.64 1.49
CA PRO A 100 -5.41 10.97 2.79
C PRO A 100 -6.29 11.61 3.87
N GLN A 101 -6.48 10.85 4.95
CA GLN A 101 -7.20 11.26 6.16
C GLN A 101 -6.88 10.32 7.34
N TYR A 102 -6.83 9.00 7.10
CA TYR A 102 -6.51 8.02 8.16
C TYR A 102 -5.05 7.50 8.18
N ILE A 103 -4.14 8.11 7.41
CA ILE A 103 -2.68 7.88 7.54
C ILE A 103 -1.96 9.19 7.92
N ILE A 104 -1.07 9.10 8.93
CA ILE A 104 -0.21 10.17 9.46
C ILE A 104 1.28 9.76 9.37
N SER A 105 2.22 10.70 9.24
CA SER A 105 3.66 10.43 9.17
C SER A 105 4.37 10.57 10.54
N VAL A 106 5.37 9.71 10.78
CA VAL A 106 6.20 9.69 12.01
C VAL A 106 7.69 9.72 11.62
N ARG A 107 8.27 10.93 11.65
CA ARG A 107 9.71 11.23 11.45
C ARG A 107 10.28 10.88 10.05
N GLY A 108 9.43 10.44 9.12
CA GLY A 108 9.84 9.87 7.81
C GLY A 108 10.33 8.42 7.89
N ILE A 109 10.12 7.75 9.04
CA ILE A 109 10.61 6.39 9.35
C ILE A 109 9.43 5.42 9.52
N GLY A 110 8.39 5.82 10.26
CA GLY A 110 7.11 5.12 10.38
C GLY A 110 5.95 5.97 9.88
N TYR A 111 4.85 5.33 9.51
CA TYR A 111 3.60 6.01 9.14
C TYR A 111 2.41 5.34 9.83
N LYS A 112 1.73 6.11 10.67
CA LYS A 112 0.66 5.64 11.55
C LYS A 112 -0.67 5.59 10.79
N LEU A 113 -1.27 4.40 10.76
CA LEU A 113 -2.58 4.12 10.19
C LEU A 113 -3.45 3.49 11.30
N GLU A 114 -4.77 3.43 11.11
CA GLU A 114 -5.70 2.85 12.07
C GLU A 114 -6.97 2.29 11.37
N TYR A 115 -7.66 1.37 12.05
CA TYR A 115 -8.83 0.63 11.56
C TYR A 115 -10.18 1.25 11.97
#